data_7CRF
#
_entry.id   7CRF
#
_cell.length_a   144.342
_cell.length_b   99.965
_cell.length_c   140.918
_cell.angle_alpha   90.00
_cell.angle_beta   105.62
_cell.angle_gamma   90.00
#
_symmetry.space_group_name_H-M   'C 1 2 1'
#
loop_
_entity.id
_entity.type
_entity.pdbx_description
1 polymer 'Toll-like receptor 8'
2 branched alpha-D-mannopyranose-(1-2)-alpha-D-mannopyranose-(1-3)-[alpha-D-mannopyranose-(1-6)]beta-D-mannopyranose-(1-4)-2-acetamido-2-deoxy-beta-D-glucopyranose-(1-4)-2-acetamido-2-deoxy-beta-D-glucopyranose
3 branched beta-D-mannopyranose-(1-4)-2-acetamido-2-deoxy-beta-D-glucopyranose-(1-4)-2-acetamido-2-deoxy-beta-D-glucopyranose
4 branched alpha-D-mannopyranose-(1-3)-[alpha-D-mannopyranose-(1-6)]beta-D-mannopyranose-(1-4)-2-acetamido-2-deoxy-beta-D-glucopyranose-(1-4)-2-acetamido-2-deoxy-beta-D-glucopyranose
5 branched alpha-D-mannopyranose-(1-2)-alpha-D-mannopyranose-(1-3)-[alpha-D-mannopyranose-(1-3)-alpha-D-mannopyranose-(1-6)]beta-D-mannopyranose-(1-4)-2-acetamido-2-deoxy-beta-D-glucopyranose-(1-4)-2-acetamido-2-deoxy-beta-D-glucopyranose
6 branched alpha-D-mannopyranose-(1-3)-beta-D-mannopyranose-(1-4)-2-acetamido-2-deoxy-beta-D-glucopyranose-(1-4)-2-acetamido-2-deoxy-beta-D-glucopyranose
7 branched alpha-D-mannopyranose-(1-3)-[alpha-D-mannopyranose-(1-6)]alpha-D-mannopyranose-(1-6)-[alpha-D-mannopyranose-(1-3)]beta-D-mannopyranose-(1-4)-2-acetamido-2-deoxy-beta-D-glucopyranose-(1-4)-2-acetamido-2-deoxy-beta-D-glucopyranose
8 non-polymer 1-[2-(ethoxymethyl)-4-iodanyl-5-phenyl-imidazol-1-yl]-2-methyl-propan-2-ol
9 non-polymer 2-acetamido-2-deoxy-beta-D-glucopyranose
10 water water
#
_entity_poly.entity_id   1
_entity_poly.type   'polypeptide(L)'
_entity_poly.pdbx_seq_one_letter_code
;RSPWEENFSRSYPCDEKKQNDSVIAECSNRRLQEVPQTVGKYVTELDLSDNFITHITNESFQGLQNLTKINLNHNPNVQH
QNGNPGIQSNGLNITDGAFLNLKNLRELLLEDNQLPQIPSGLPESLTELSLIQNNIYNITKEGISRLINLKNLYLAWNCY
FNKVCEKTNIEDGVFETLTNLELLSLSFNSLSHVPPKLPSSLRKLFLSNTQIKYISEEDFKGLINLTLLDLSGNCPRCFN
APFPCVPCDGGASINIDRFAFQNLTQLRYLNLSSTSLRKINAAWFKNMPHLKVLDLEFNYLVGEIASGAFLTMLPRLEIL
DLSFNYIKGSYPQHINISRNFSKLLSLRALHLRGYVFQELREDDFQPLMQLPNLSTINLGINFIKQIDFKLFQNFSNLEI
IYLSENRISPLVKDTRQSYANSSSFQRHIRKRRSTDFEFDPHSNFYHFTRPLIKPQCAAYGKALDLSLNSIFFIGPNQFE
NLPDIACLNLSANSNAQVLSGTEFSAIPHVKYLDLTNNRLDFDNASALTELSDLEVLDLSYNSHYFRIAGVTHHLEFIQN
FTNLKVLNLSHNNIYTLTDKYNLESKSLVELVFSGNRLDILWNDDDNRYISIFKGLKNLTRLDLSLNRLKHIPNEAFLNL
PASLTELHINDNMLKFFNWTLLQQFPRLELLDLRGNKLLFLTDSLSDFTSSLRTLLLSHNRISHLPSGFLSEVSSLKHLD
LSSNLLKTINKSALETKTTTKLSMLELHGNPFECTCDIGDFRRWMDEHLNVKIPRLVDVICASPGDQRGKSIVSLELTTC
VSDVTEFLVPR
;
_entity_poly.pdbx_strand_id   A,B
#
loop_
_chem_comp.id
_chem_comp.type
_chem_comp.name
_chem_comp.formula
BMA D-saccharide, beta linking beta-D-mannopyranose 'C6 H12 O6'
GD0 non-polymer 1-[2-(ethoxymethyl)-4-iodanyl-5-phenyl-imidazol-1-yl]-2-methyl-propan-2-ol 'C16 H21 I N2 O2'
MAN D-saccharide, alpha linking alpha-D-mannopyranose 'C6 H12 O6'
NAG D-saccharide, beta linking 2-acetamido-2-deoxy-beta-D-glucopyranose 'C8 H15 N O6'
#
# COMPACT_ATOMS: atom_id res chain seq x y z
N ARG A 10 -21.50 0.44 41.02
CA ARG A 10 -21.25 0.12 39.58
C ARG A 10 -22.23 0.92 38.72
N SER A 11 -21.77 2.06 38.20
CA SER A 11 -22.60 3.06 37.48
C SER A 11 -23.03 2.49 36.11
N TYR A 12 -24.25 2.82 35.69
CA TYR A 12 -24.81 2.50 34.34
C TYR A 12 -25.65 3.69 33.86
N PRO A 13 -25.57 4.11 32.57
CA PRO A 13 -24.60 3.56 31.60
C PRO A 13 -23.28 4.36 31.48
N CYS A 14 -23.00 5.20 32.49
CA CYS A 14 -21.87 6.18 32.51
C CYS A 14 -20.75 5.66 33.41
N ASP A 15 -19.53 5.55 32.87
CA ASP A 15 -18.31 5.24 33.66
C ASP A 15 -17.94 6.48 34.49
N GLU A 16 -18.40 6.55 35.74
CA GLU A 16 -18.13 7.68 36.68
C GLU A 16 -16.74 7.49 37.29
N LYS A 17 -15.93 8.54 37.30
CA LYS A 17 -14.50 8.51 37.71
C LYS A 17 -14.19 9.74 38.57
N LYS A 18 -13.20 9.61 39.46
CA LYS A 18 -12.70 10.70 40.32
C LYS A 18 -11.61 11.46 39.55
N GLN A 19 -11.64 12.80 39.60
CA GLN A 19 -10.62 13.67 38.96
C GLN A 19 -10.41 14.92 39.82
N ASN A 20 -9.19 15.07 40.37
CA ASN A 20 -8.80 16.10 41.36
C ASN A 20 -9.80 16.08 42.53
N ASP A 21 -10.70 17.07 42.60
CA ASP A 21 -11.61 17.28 43.76
C ASP A 21 -13.06 17.24 43.28
N SER A 22 -13.41 16.35 42.34
CA SER A 22 -14.74 16.32 41.67
C SER A 22 -14.93 15.02 40.90
N VAL A 23 -16.19 14.66 40.63
CA VAL A 23 -16.61 13.36 40.01
C VAL A 23 -17.12 13.62 38.58
N ILE A 24 -16.49 12.99 37.59
CA ILE A 24 -16.78 13.12 36.13
C ILE A 24 -17.61 11.92 35.69
N ALA A 25 -18.57 12.12 34.78
CA ALA A 25 -19.38 11.06 34.15
C ALA A 25 -19.09 11.04 32.64
N GLU A 26 -18.56 9.93 32.13
CA GLU A 26 -18.33 9.70 30.67
C GLU A 26 -19.46 8.81 30.16
N CYS A 27 -20.41 9.37 29.39
CA CYS A 27 -21.51 8.61 28.73
C CYS A 27 -21.47 8.88 27.22
N SER A 28 -20.28 9.06 26.66
CA SER A 28 -20.11 9.31 25.21
C SER A 28 -20.18 7.98 24.43
N ASN A 29 -20.68 8.01 23.20
CA ASN A 29 -20.59 6.88 22.24
C ASN A 29 -21.18 5.62 22.87
N ARG A 30 -22.44 5.70 23.33
CA ARG A 30 -23.16 4.60 24.03
C ARG A 30 -24.61 4.47 23.54
N ARG A 31 -24.90 4.92 22.31
CA ARG A 31 -26.20 4.77 21.61
C ARG A 31 -27.38 5.23 22.50
N LEU A 32 -27.15 6.11 23.47
CA LEU A 32 -28.20 6.60 24.41
C LEU A 32 -29.22 7.42 23.62
N GLN A 33 -30.51 7.09 23.75
CA GLN A 33 -31.61 7.74 22.99
C GLN A 33 -32.20 8.91 23.81
N GLU A 34 -31.77 9.05 25.07
CA GLU A 34 -32.14 10.22 25.92
C GLU A 34 -31.18 10.29 27.11
N VAL A 35 -31.15 11.45 27.79
CA VAL A 35 -30.23 11.73 28.93
C VAL A 35 -30.54 10.69 30.01
N PRO A 36 -29.58 9.82 30.40
CA PRO A 36 -29.85 8.80 31.41
C PRO A 36 -30.14 9.51 32.75
N GLN A 37 -31.15 9.02 33.47
CA GLN A 37 -31.58 9.56 34.79
C GLN A 37 -30.98 8.72 35.91
N THR A 38 -30.04 7.82 35.58
CA THR A 38 -29.33 6.91 36.52
C THR A 38 -27.89 7.40 36.71
N VAL A 39 -27.69 8.73 36.74
CA VAL A 39 -26.37 9.41 36.86
C VAL A 39 -26.13 9.76 38.34
N GLY A 40 -24.93 9.45 38.83
CA GLY A 40 -24.48 9.62 40.23
C GLY A 40 -24.80 11.00 40.78
N LYS A 41 -25.31 11.06 42.01
CA LYS A 41 -25.76 12.29 42.70
C LYS A 41 -24.58 13.27 42.86
N TYR A 42 -23.35 12.74 42.87
CA TYR A 42 -22.11 13.47 43.25
C TYR A 42 -21.53 14.21 42.03
N VAL A 43 -21.97 13.86 40.82
CA VAL A 43 -21.33 14.24 39.53
C VAL A 43 -21.40 15.75 39.30
N THR A 44 -20.31 16.32 38.77
CA THR A 44 -20.10 17.78 38.53
C THR A 44 -19.80 18.05 37.04
N GLU A 45 -19.37 17.03 36.29
CA GLU A 45 -19.06 17.10 34.83
C GLU A 45 -19.63 15.88 34.11
N LEU A 46 -20.48 16.11 33.09
CA LEU A 46 -21.20 15.05 32.33
C LEU A 46 -20.88 15.16 30.83
N ASP A 47 -20.25 14.12 30.25
CA ASP A 47 -19.98 13.99 28.79
C ASP A 47 -21.05 13.09 28.17
N LEU A 48 -21.89 13.63 27.28
CA LEU A 48 -22.95 12.88 26.55
C LEU A 48 -22.74 12.97 25.03
N SER A 49 -21.49 13.17 24.58
CA SER A 49 -21.14 13.39 23.15
C SER A 49 -21.32 12.10 22.34
N ASP A 50 -21.55 12.21 21.03
CA ASP A 50 -21.65 11.07 20.07
C ASP A 50 -22.74 10.07 20.53
N ASN A 51 -23.94 10.58 20.81
CA ASN A 51 -25.12 9.77 21.23
C ASN A 51 -26.27 10.05 20.24
N PHE A 52 -27.49 9.60 20.54
CA PHE A 52 -28.71 9.79 19.70
C PHE A 52 -29.79 10.56 20.47
N ILE A 53 -29.41 11.37 21.46
CA ILE A 53 -30.34 12.27 22.21
C ILE A 53 -30.85 13.36 21.24
N THR A 54 -32.16 13.62 21.24
CA THR A 54 -32.84 14.60 20.35
C THR A 54 -33.61 15.65 21.14
N HIS A 55 -33.82 15.44 22.44
CA HIS A 55 -34.64 16.35 23.29
C HIS A 55 -33.87 16.70 24.57
N ILE A 56 -33.77 18.00 24.88
CA ILE A 56 -33.30 18.53 26.19
C ILE A 56 -34.39 19.45 26.76
N THR A 57 -35.12 18.96 27.77
CA THR A 57 -36.18 19.70 28.50
C THR A 57 -35.61 20.23 29.81
N ASN A 58 -36.41 20.97 30.58
CA ASN A 58 -36.03 21.47 31.93
C ASN A 58 -36.06 20.30 32.94
N GLU A 59 -36.46 19.10 32.50
CA GLU A 59 -36.52 17.86 33.33
C GLU A 59 -35.36 16.91 32.98
N SER A 60 -34.56 17.24 31.96
CA SER A 60 -33.44 16.41 31.45
C SER A 60 -32.32 16.29 32.50
N PHE A 61 -32.13 17.31 33.33
CA PHE A 61 -31.07 17.36 34.38
C PHE A 61 -31.68 17.66 35.76
N GLN A 62 -32.84 17.08 36.06
CA GLN A 62 -33.46 17.13 37.42
C GLN A 62 -32.54 16.37 38.38
N GLY A 63 -32.47 16.81 39.63
CA GLY A 63 -31.71 16.16 40.73
C GLY A 63 -30.22 16.13 40.46
N LEU A 64 -29.71 17.10 39.69
CA LEU A 64 -28.29 17.22 39.27
C LEU A 64 -27.89 18.70 39.22
N GLN A 65 -28.19 19.45 40.28
CA GLN A 65 -28.00 20.93 40.37
C GLN A 65 -26.50 21.27 40.47
N ASN A 66 -25.66 20.28 40.78
CA ASN A 66 -24.21 20.46 41.06
C ASN A 66 -23.37 20.30 39.79
N LEU A 67 -24.00 20.26 38.61
CA LEU A 67 -23.31 20.20 37.30
C LEU A 67 -22.67 21.56 36.99
N THR A 68 -21.35 21.55 36.78
CA THR A 68 -20.53 22.73 36.33
C THR A 68 -20.20 22.63 34.83
N LYS A 69 -20.15 21.42 34.27
CA LYS A 69 -19.82 21.17 32.84
C LYS A 69 -20.79 20.12 32.26
N ILE A 70 -21.33 20.40 31.08
CA ILE A 70 -22.16 19.45 30.26
C ILE A 70 -21.58 19.47 28.85
N ASN A 71 -21.29 18.28 28.29
CA ASN A 71 -20.90 18.11 26.86
C ASN A 71 -22.00 17.32 26.16
N LEU A 72 -22.60 17.89 25.12
CA LEU A 72 -23.71 17.26 24.33
C LEU A 72 -23.35 17.25 22.84
N ASN A 73 -22.06 17.38 22.52
CA ASN A 73 -21.53 17.51 21.13
C ASN A 73 -21.97 16.30 20.30
N HIS A 74 -22.22 16.51 19.00
CA HIS A 74 -22.55 15.45 18.01
C HIS A 74 -23.75 14.65 18.55
N ASN A 75 -24.94 15.26 18.52
CA ASN A 75 -26.21 14.67 19.01
C ASN A 75 -27.37 15.19 18.19
N PRO A 76 -28.10 14.33 17.43
CA PRO A 76 -27.74 12.94 17.23
C PRO A 76 -26.72 12.73 16.09
N ASN A 77 -26.50 11.48 15.68
CA ASN A 77 -25.64 11.09 14.53
C ASN A 77 -26.52 10.50 13.42
N ASN A 90 -31.11 14.27 12.32
CA ASN A 90 -32.39 15.03 12.26
C ASN A 90 -32.15 16.43 12.85
N GLY A 91 -31.82 16.51 14.15
CA GLY A 91 -31.53 17.77 14.87
C GLY A 91 -31.74 17.63 16.38
N LEU A 92 -31.12 18.50 17.18
CA LEU A 92 -31.29 18.50 18.66
C LEU A 92 -32.27 19.59 19.06
N ASN A 93 -33.28 19.23 19.88
CA ASN A 93 -34.41 20.10 20.30
C ASN A 93 -34.20 20.52 21.76
N ILE A 94 -33.65 21.72 21.99
CA ILE A 94 -33.38 22.30 23.33
C ILE A 94 -34.47 23.31 23.66
N THR A 95 -35.28 23.04 24.69
CA THR A 95 -36.41 23.93 25.10
C THR A 95 -35.84 25.19 25.72
N ASP A 96 -36.61 26.28 25.73
CA ASP A 96 -36.22 27.57 26.34
C ASP A 96 -36.01 27.32 27.83
N GLY A 97 -34.94 27.90 28.41
CA GLY A 97 -34.62 27.78 29.85
C GLY A 97 -34.56 26.34 30.33
N ALA A 98 -34.04 25.43 29.49
CA ALA A 98 -33.82 24.00 29.81
C ALA A 98 -32.73 23.87 30.86
N PHE A 99 -31.71 24.73 30.81
CA PHE A 99 -30.51 24.68 31.69
C PHE A 99 -30.63 25.68 32.84
N LEU A 100 -31.57 26.63 32.74
CA LEU A 100 -31.66 27.83 33.63
C LEU A 100 -31.61 27.42 35.11
N ASN A 101 -32.12 26.22 35.43
CA ASN A 101 -32.19 25.70 36.83
C ASN A 101 -30.78 25.41 37.35
N LEU A 102 -29.87 24.95 36.48
CA LEU A 102 -28.47 24.56 36.85
C LEU A 102 -27.68 25.84 37.16
N LYS A 103 -27.71 26.29 38.42
CA LYS A 103 -27.22 27.61 38.88
C LYS A 103 -25.68 27.63 38.94
N ASN A 104 -25.03 26.48 38.72
CA ASN A 104 -23.55 26.31 38.83
C ASN A 104 -22.94 25.93 37.48
N LEU A 105 -23.72 25.99 36.38
CA LEU A 105 -23.25 25.57 35.03
C LEU A 105 -22.27 26.62 34.49
N ARG A 106 -20.99 26.25 34.40
CA ARG A 106 -19.87 27.11 33.91
C ARG A 106 -19.59 26.82 32.42
N GLU A 107 -19.45 25.53 32.05
CA GLU A 107 -19.02 25.08 30.70
C GLU A 107 -20.14 24.27 30.03
N LEU A 108 -20.70 24.79 28.94
CA LEU A 108 -21.78 24.13 28.15
C LEU A 108 -21.30 23.95 26.70
N LEU A 109 -21.05 22.71 26.29
CA LEU A 109 -20.56 22.35 24.93
C LEU A 109 -21.71 21.76 24.11
N LEU A 110 -22.12 22.48 23.05
CA LEU A 110 -23.28 22.14 22.18
C LEU A 110 -22.84 22.20 20.71
N GLU A 111 -21.80 21.44 20.36
CA GLU A 111 -21.20 21.44 18.99
C GLU A 111 -21.88 20.40 18.11
N ASP A 112 -22.04 20.70 16.83
CA ASP A 112 -22.53 19.75 15.79
C ASP A 112 -23.86 19.15 16.25
N ASN A 113 -24.83 20.00 16.59
CA ASN A 113 -26.17 19.59 17.10
C ASN A 113 -27.27 19.99 16.11
N GLN A 114 -26.93 20.65 15.00
CA GLN A 114 -27.86 21.09 13.93
C GLN A 114 -28.78 22.20 14.47
N LEU A 115 -28.32 22.96 15.48
CA LEU A 115 -29.15 23.96 16.20
C LEU A 115 -29.50 25.10 15.25
N PRO A 116 -30.79 25.53 15.16
CA PRO A 116 -31.19 26.59 14.24
C PRO A 116 -31.03 27.99 14.83
N GLN A 117 -31.07 28.12 16.16
CA GLN A 117 -30.88 29.40 16.91
C GLN A 117 -30.13 29.12 18.21
N ILE A 118 -29.46 30.13 18.76
CA ILE A 118 -28.80 30.04 20.10
C ILE A 118 -29.90 29.75 21.11
N PRO A 119 -29.91 28.57 21.77
CA PRO A 119 -31.01 28.22 22.68
C PRO A 119 -31.24 29.36 23.68
N SER A 120 -32.50 29.81 23.81
CA SER A 120 -32.91 30.92 24.70
C SER A 120 -32.85 30.47 26.16
N GLY A 121 -32.61 31.42 27.08
CA GLY A 121 -32.65 31.22 28.53
C GLY A 121 -31.50 30.36 29.03
N LEU A 122 -30.29 30.62 28.53
CA LEU A 122 -29.05 29.97 29.03
C LEU A 122 -28.71 30.56 30.41
N PRO A 123 -28.08 29.79 31.32
CA PRO A 123 -27.81 30.26 32.68
C PRO A 123 -26.71 31.33 32.74
N GLU A 124 -26.94 32.40 33.50
CA GLU A 124 -25.99 33.55 33.56
C GLU A 124 -24.67 33.11 34.20
N SER A 125 -24.61 31.96 34.87
CA SER A 125 -23.38 31.40 35.50
C SER A 125 -22.36 30.97 34.43
N LEU A 126 -22.79 30.81 33.17
CA LEU A 126 -21.94 30.35 32.04
C LEU A 126 -20.67 31.22 31.90
N THR A 127 -19.51 30.57 31.84
CA THR A 127 -18.18 31.18 31.57
C THR A 127 -17.64 30.71 30.20
N GLU A 128 -17.95 29.49 29.79
CA GLU A 128 -17.47 28.90 28.51
C GLU A 128 -18.66 28.29 27.76
N LEU A 129 -19.05 28.87 26.62
CA LEU A 129 -20.12 28.34 25.73
C LEU A 129 -19.52 28.00 24.37
N SER A 130 -19.85 26.83 23.80
CA SER A 130 -19.37 26.35 22.49
C SER A 130 -20.56 25.95 21.63
N LEU A 131 -20.74 26.59 20.47
CA LEU A 131 -21.89 26.36 19.55
C LEU A 131 -21.40 26.10 18.13
N ILE A 132 -20.15 25.65 18.01
CA ILE A 132 -19.45 25.37 16.72
C ILE A 132 -20.27 24.34 15.93
N GLN A 133 -20.25 24.43 14.60
CA GLN A 133 -20.86 23.44 13.66
C GLN A 133 -22.36 23.31 13.94
N ASN A 134 -23.10 24.42 13.78
CA ASN A 134 -24.57 24.43 13.85
C ASN A 134 -25.10 25.27 12.69
N ASN A 135 -26.40 25.54 12.65
CA ASN A 135 -27.06 26.39 11.63
C ASN A 135 -27.52 27.69 12.29
N ILE A 136 -26.65 28.29 13.13
CA ILE A 136 -26.88 29.57 13.86
C ILE A 136 -26.53 30.75 12.94
N TYR A 137 -27.56 31.36 12.33
CA TYR A 137 -27.44 32.51 11.39
C TYR A 137 -27.64 33.84 12.13
N ASN A 138 -28.41 33.82 13.23
CA ASN A 138 -28.75 35.02 14.04
C ASN A 138 -27.99 34.99 15.37
N ILE A 139 -26.99 35.87 15.54
CA ILE A 139 -26.30 36.13 16.85
C ILE A 139 -26.98 37.34 17.51
N THR A 140 -28.00 37.06 18.34
CA THR A 140 -28.95 38.05 18.91
C THR A 140 -28.53 38.46 20.32
N LYS A 141 -28.85 39.70 20.71
CA LYS A 141 -28.77 40.19 22.12
C LYS A 141 -29.67 39.31 23.00
N GLU A 142 -30.83 38.91 22.48
CA GLU A 142 -31.81 38.02 23.18
C GLU A 142 -31.10 36.75 23.68
N GLY A 143 -30.17 36.21 22.88
CA GLY A 143 -29.52 34.92 23.10
C GLY A 143 -28.38 34.98 24.12
N ILE A 144 -27.47 35.96 24.02
CA ILE A 144 -26.16 35.90 24.72
C ILE A 144 -25.89 37.14 25.60
N SER A 145 -26.62 38.25 25.44
CA SER A 145 -26.31 39.53 26.12
C SER A 145 -26.51 39.43 27.64
N ARG A 146 -27.33 38.47 28.09
CA ARG A 146 -27.57 38.17 29.53
C ARG A 146 -26.39 37.37 30.13
N LEU A 147 -25.60 36.68 29.29
CA LEU A 147 -24.51 35.77 29.72
C LEU A 147 -23.26 36.58 30.08
N ILE A 148 -23.35 37.42 31.11
CA ILE A 148 -22.34 38.49 31.43
C ILE A 148 -21.14 37.87 32.17
N ASN A 149 -21.08 36.55 32.33
CA ASN A 149 -19.93 35.85 32.96
C ASN A 149 -19.07 35.13 31.91
N LEU A 150 -19.51 35.12 30.64
CA LEU A 150 -18.78 34.46 29.52
C LEU A 150 -17.34 34.97 29.45
N LYS A 151 -16.37 34.04 29.54
CA LYS A 151 -14.94 34.24 29.20
C LYS A 151 -14.68 33.82 27.75
N ASN A 152 -15.19 32.65 27.36
CA ASN A 152 -14.86 31.96 26.09
C ASN A 152 -16.14 31.63 25.32
N LEU A 153 -16.31 32.21 24.13
CA LEU A 153 -17.47 31.95 23.24
C LEU A 153 -16.94 31.46 21.89
N TYR A 154 -17.41 30.28 21.47
CA TYR A 154 -17.01 29.59 20.21
C TYR A 154 -18.24 29.50 19.29
N LEU A 155 -18.21 30.20 18.15
CA LEU A 155 -19.37 30.29 17.20
C LEU A 155 -18.95 29.91 15.77
N ALA A 156 -17.77 29.32 15.60
CA ALA A 156 -17.20 28.92 14.29
C ALA A 156 -18.10 27.90 13.58
N TRP A 157 -17.96 27.79 12.27
CA TRP A 157 -18.67 26.79 11.41
C TRP A 157 -20.18 26.88 11.63
N ASN A 158 -20.81 28.02 11.36
CA ASN A 158 -22.28 28.17 11.50
C ASN A 158 -22.90 28.57 10.16
N CYS A 159 -22.62 29.79 9.68
CA CYS A 159 -23.06 30.27 8.33
C CYS A 159 -21.90 30.07 7.36
N TYR A 160 -21.58 28.80 7.06
CA TYR A 160 -20.37 28.40 6.30
C TYR A 160 -20.77 27.63 5.04
N PHE A 161 -20.74 28.31 3.89
CA PHE A 161 -21.09 27.76 2.55
C PHE A 161 -22.46 27.06 2.64
N ASN A 162 -23.42 27.73 3.31
CA ASN A 162 -24.86 27.35 3.31
C ASN A 162 -25.62 28.27 2.34
N LYS A 163 -26.64 27.75 1.67
CA LYS A 163 -27.39 28.47 0.60
C LYS A 163 -28.53 29.28 1.23
N VAL A 164 -29.06 28.81 2.36
CA VAL A 164 -30.10 29.50 3.18
C VAL A 164 -29.53 30.84 3.69
N CYS A 165 -28.30 30.83 4.20
CA CYS A 165 -27.60 31.97 4.87
C CYS A 165 -26.44 32.46 4.00
N GLU A 166 -26.51 33.71 3.53
CA GLU A 166 -25.47 34.38 2.70
C GLU A 166 -24.59 35.30 3.57
N LYS A 167 -25.03 35.63 4.78
CA LYS A 167 -24.24 36.36 5.81
C LYS A 167 -24.80 36.05 7.21
N THR A 168 -23.92 35.87 8.20
CA THR A 168 -24.28 35.77 9.64
C THR A 168 -24.81 37.14 10.07
N ASN A 169 -26.00 37.17 10.66
CA ASN A 169 -26.66 38.40 11.18
C ASN A 169 -26.22 38.60 12.63
N ILE A 170 -25.34 39.59 12.88
CA ILE A 170 -24.77 39.94 14.21
C ILE A 170 -25.43 41.24 14.70
N GLU A 171 -26.44 41.14 15.58
CA GLU A 171 -27.12 42.32 16.21
C GLU A 171 -26.06 43.31 16.73
N ASP A 172 -26.26 44.61 16.51
CA ASP A 172 -25.27 45.66 16.87
C ASP A 172 -25.13 45.75 18.40
N GLY A 173 -23.89 45.69 18.92
CA GLY A 173 -23.58 45.78 20.37
C GLY A 173 -23.90 44.50 21.11
N VAL A 174 -24.07 43.38 20.40
CA VAL A 174 -24.47 42.06 20.97
C VAL A 174 -23.40 41.53 21.93
N PHE A 175 -22.14 41.94 21.77
CA PHE A 175 -20.98 41.45 22.56
C PHE A 175 -20.57 42.46 23.65
N GLU A 176 -20.99 43.72 23.57
CA GLU A 176 -20.40 44.81 24.41
C GLU A 176 -20.84 44.65 25.88
N THR A 177 -21.97 43.98 26.14
CA THR A 177 -22.44 43.66 27.52
C THR A 177 -21.53 42.59 28.17
N LEU A 178 -20.82 41.80 27.35
CA LEU A 178 -19.94 40.68 27.80
C LEU A 178 -18.57 41.26 28.20
N THR A 179 -18.49 41.95 29.33
CA THR A 179 -17.27 42.69 29.77
C THR A 179 -16.31 41.73 30.48
N ASN A 180 -16.59 40.42 30.44
CA ASN A 180 -15.68 39.38 30.99
C ASN A 180 -15.12 38.50 29.86
N LEU A 181 -15.55 38.74 28.61
CA LEU A 181 -15.22 37.91 27.41
C LEU A 181 -13.74 38.08 27.06
N GLU A 182 -12.96 37.02 27.17
CA GLU A 182 -11.50 37.03 26.88
C GLU A 182 -11.23 36.40 25.51
N LEU A 183 -12.05 35.43 25.10
CA LEU A 183 -11.88 34.67 23.83
C LEU A 183 -13.20 34.66 23.05
N LEU A 184 -13.20 35.26 21.86
CA LEU A 184 -14.33 35.21 20.89
C LEU A 184 -13.84 34.56 19.60
N SER A 185 -14.59 33.59 19.07
CA SER A 185 -14.27 32.84 17.82
C SER A 185 -15.48 32.87 16.90
N LEU A 186 -15.35 33.56 15.76
CA LEU A 186 -16.37 33.63 14.68
C LEU A 186 -15.76 33.10 13.37
N SER A 187 -14.65 32.36 13.46
CA SER A 187 -13.97 31.70 12.30
C SER A 187 -14.98 30.86 11.51
N PHE A 188 -14.74 30.66 10.22
CA PHE A 188 -15.58 29.81 9.34
C PHE A 188 -17.04 30.25 9.48
N ASN A 189 -17.28 31.55 9.32
CA ASN A 189 -18.60 32.20 9.16
C ASN A 189 -18.48 33.32 8.14
N SER A 190 -19.44 33.43 7.23
CA SER A 190 -19.52 34.56 6.25
C SER A 190 -19.96 35.84 6.99
N LEU A 191 -18.98 36.64 7.46
CA LEU A 191 -19.22 37.92 8.16
C LEU A 191 -19.17 39.06 7.14
N SER A 192 -18.04 39.16 6.44
CA SER A 192 -17.69 40.18 5.41
C SER A 192 -17.11 41.43 6.10
N HIS A 193 -17.53 41.72 7.34
CA HIS A 193 -17.05 42.89 8.13
C HIS A 193 -16.80 42.46 9.58
N VAL A 194 -15.65 42.90 10.14
CA VAL A 194 -15.34 42.79 11.60
C VAL A 194 -16.51 43.41 12.35
N PRO A 195 -17.19 42.67 13.26
CA PRO A 195 -18.32 43.24 13.99
C PRO A 195 -17.87 44.40 14.86
N PRO A 196 -18.67 45.48 14.96
CA PRO A 196 -18.34 46.60 15.84
C PRO A 196 -18.80 46.36 17.29
N LYS A 197 -18.26 47.16 18.22
CA LYS A 197 -18.62 47.14 19.67
C LYS A 197 -18.25 45.78 20.26
N LEU A 198 -16.95 45.47 20.25
CA LEU A 198 -16.37 44.29 20.93
C LEU A 198 -15.87 44.73 22.29
N PRO A 199 -15.99 43.88 23.34
CA PRO A 199 -15.56 44.25 24.68
C PRO A 199 -14.04 44.37 24.82
N SER A 200 -13.59 45.41 25.54
CA SER A 200 -12.16 45.72 25.83
C SER A 200 -11.46 44.54 26.50
N SER A 201 -12.22 43.66 27.16
CA SER A 201 -11.71 42.50 27.93
C SER A 201 -11.03 41.48 27.01
N LEU A 202 -11.38 41.49 25.71
CA LEU A 202 -10.93 40.49 24.69
C LEU A 202 -9.39 40.37 24.69
N ARG A 203 -8.90 39.12 24.80
CA ARG A 203 -7.46 38.76 24.70
C ARG A 203 -7.17 38.04 23.37
N LYS A 204 -8.12 37.24 22.88
CA LYS A 204 -7.95 36.41 21.65
C LYS A 204 -9.18 36.55 20.76
N LEU A 205 -8.99 37.10 19.55
CA LEU A 205 -10.08 37.29 18.55
C LEU A 205 -9.80 36.44 17.31
N PHE A 206 -10.63 35.44 17.06
CA PHE A 206 -10.47 34.46 15.95
C PHE A 206 -11.46 34.78 14.83
N LEU A 207 -10.93 35.26 13.69
CA LEU A 207 -11.74 35.66 12.51
C LEU A 207 -11.17 35.00 11.24
N SER A 208 -10.84 33.71 11.31
CA SER A 208 -10.28 32.94 10.17
C SER A 208 -11.42 32.51 9.25
N ASN A 209 -11.24 32.65 7.94
CA ASN A 209 -12.22 32.21 6.91
C ASN A 209 -13.56 32.87 7.20
N THR A 210 -13.55 34.21 7.38
CA THR A 210 -14.75 35.03 7.69
C THR A 210 -15.19 35.82 6.45
N GLN A 211 -14.42 35.75 5.36
CA GLN A 211 -14.63 36.50 4.09
C GLN A 211 -14.54 38.01 4.36
N ILE A 212 -13.70 38.41 5.32
CA ILE A 212 -13.43 39.84 5.65
C ILE A 212 -12.23 40.26 4.81
N LYS A 213 -12.42 41.19 3.88
CA LYS A 213 -11.40 41.57 2.84
C LYS A 213 -10.72 42.88 3.21
N TYR A 214 -11.41 43.79 3.89
CA TYR A 214 -10.85 45.09 4.36
C TYR A 214 -10.82 45.10 5.89
N ILE A 215 -9.73 45.61 6.47
CA ILE A 215 -9.58 45.88 7.93
C ILE A 215 -9.29 47.38 8.11
N SER A 216 -10.20 48.09 8.78
CA SER A 216 -10.18 49.57 8.98
C SER A 216 -9.37 49.93 10.24
N GLU A 217 -9.12 51.22 10.43
CA GLU A 217 -8.45 51.80 11.62
C GLU A 217 -9.29 51.52 12.87
N GLU A 218 -10.62 51.53 12.70
CA GLU A 218 -11.62 51.49 13.80
C GLU A 218 -11.91 50.05 14.21
N ASP A 219 -11.78 49.10 13.28
CA ASP A 219 -12.24 47.68 13.42
C ASP A 219 -11.78 47.09 14.77
N PHE A 220 -10.50 47.21 15.09
CA PHE A 220 -9.88 46.69 16.35
C PHE A 220 -9.44 47.87 17.23
N LYS A 221 -10.34 48.84 17.41
CA LYS A 221 -10.17 49.97 18.37
C LYS A 221 -10.83 49.56 19.70
N GLY A 222 -10.16 49.86 20.81
CA GLY A 222 -10.61 49.50 22.16
C GLY A 222 -10.04 48.17 22.60
N LEU A 223 -9.73 47.29 21.64
CA LEU A 223 -9.15 45.93 21.89
C LEU A 223 -7.68 46.07 22.27
N ILE A 224 -7.42 46.81 23.34
CA ILE A 224 -6.07 47.23 23.80
C ILE A 224 -5.48 46.16 24.73
N ASN A 225 -6.24 45.11 25.02
CA ASN A 225 -5.83 43.98 25.89
C ASN A 225 -5.49 42.74 25.03
N LEU A 226 -5.78 42.81 23.72
CA LEU A 226 -5.70 41.66 22.76
C LEU A 226 -4.26 41.12 22.70
N THR A 227 -4.12 39.80 22.83
CA THR A 227 -2.83 39.04 22.72
C THR A 227 -2.78 38.21 21.43
N LEU A 228 -3.93 37.78 20.89
CA LEU A 228 -4.01 36.96 19.65
C LEU A 228 -5.09 37.51 18.69
N LEU A 229 -4.69 37.65 17.42
CA LEU A 229 -5.61 37.99 16.31
C LEU A 229 -5.39 36.97 15.19
N ASP A 230 -6.48 36.39 14.69
CA ASP A 230 -6.47 35.36 13.61
C ASP A 230 -7.29 35.91 12.45
N LEU A 231 -6.63 36.37 11.39
CA LEU A 231 -7.27 36.89 10.15
C LEU A 231 -6.99 35.95 8.97
N SER A 232 -6.42 34.78 9.24
CA SER A 232 -6.06 33.72 8.26
C SER A 232 -7.24 33.40 7.33
N GLY A 233 -6.95 33.03 6.09
CA GLY A 233 -7.95 32.45 5.16
C GLY A 233 -8.92 33.48 4.63
N ASN A 234 -8.55 34.76 4.76
CA ASN A 234 -9.33 35.91 4.24
C ASN A 234 -8.58 36.44 3.02
N CYS A 235 -9.13 36.21 1.82
CA CYS A 235 -8.41 36.31 0.53
C CYS A 235 -7.36 35.21 0.48
N PRO A 236 -7.81 33.94 0.39
CA PRO A 236 -6.90 32.80 0.50
C PRO A 236 -6.07 32.54 -0.75
N ARG A 237 -4.85 32.04 -0.55
CA ARG A 237 -4.09 31.27 -1.55
C ARG A 237 -4.42 29.79 -1.35
N CYS A 238 -4.98 29.12 -2.36
CA CYS A 238 -5.36 27.68 -2.33
C CYS A 238 -4.10 26.80 -2.35
N PHE A 239 -4.12 25.69 -1.59
CA PHE A 239 -3.09 24.62 -1.63
C PHE A 239 -3.67 23.27 -1.17
N ASN A 240 -3.78 23.02 0.14
CA ASN A 240 -4.13 21.67 0.69
C ASN A 240 -5.16 21.75 1.82
N ALA A 241 -5.91 22.84 1.94
CA ALA A 241 -6.90 23.03 3.03
C ALA A 241 -8.00 21.98 2.89
N PRO A 242 -8.48 21.39 4.01
CA PRO A 242 -9.59 20.43 3.96
C PRO A 242 -10.99 21.08 3.98
N PHE A 243 -11.05 22.40 3.74
CA PHE A 243 -12.30 23.20 3.63
C PHE A 243 -12.20 24.07 2.36
N PRO A 244 -13.34 24.54 1.79
CA PRO A 244 -13.31 25.31 0.54
C PRO A 244 -12.42 26.55 0.56
N CYS A 245 -11.83 26.87 -0.59
CA CYS A 245 -10.85 27.97 -0.79
C CYS A 245 -11.22 28.75 -2.06
N VAL A 246 -11.91 29.88 -1.88
CA VAL A 246 -12.37 30.80 -2.95
C VAL A 246 -11.51 32.07 -2.87
N PRO A 247 -10.49 32.25 -3.74
CA PRO A 247 -9.63 33.43 -3.66
C PRO A 247 -10.43 34.71 -3.91
N CYS A 248 -9.97 35.84 -3.34
CA CYS A 248 -10.52 37.19 -3.62
C CYS A 248 -10.35 37.48 -5.13
N ASP A 249 -11.33 38.16 -5.74
CA ASP A 249 -11.39 38.39 -7.21
C ASP A 249 -10.08 39.05 -7.69
N GLY A 250 -9.50 38.51 -8.77
CA GLY A 250 -8.20 38.93 -9.32
C GLY A 250 -7.05 38.60 -8.38
N GLY A 251 -7.13 37.46 -7.69
CA GLY A 251 -6.14 36.98 -6.69
C GLY A 251 -5.72 38.07 -5.70
N ALA A 252 -6.60 39.03 -5.43
CA ALA A 252 -6.34 40.22 -4.57
C ALA A 252 -6.08 39.76 -3.13
N SER A 253 -5.13 40.39 -2.46
CA SER A 253 -4.80 40.15 -1.03
C SER A 253 -5.80 40.87 -0.14
N ILE A 254 -5.83 40.49 1.14
CA ILE A 254 -6.55 41.22 2.23
C ILE A 254 -5.99 42.64 2.30
N ASN A 255 -6.88 43.64 2.40
CA ASN A 255 -6.53 45.08 2.48
C ASN A 255 -6.60 45.49 3.95
N ILE A 256 -5.44 45.63 4.60
CA ILE A 256 -5.32 45.97 6.05
C ILE A 256 -4.79 47.40 6.16
N ASP A 257 -5.62 48.30 6.65
CA ASP A 257 -5.32 49.76 6.78
C ASP A 257 -3.96 49.93 7.49
N ARG A 258 -3.29 51.06 7.23
CA ARG A 258 -1.91 51.36 7.71
C ARG A 258 -1.85 51.24 9.25
N PHE A 259 -2.92 51.65 9.93
CA PHE A 259 -2.97 51.91 11.40
C PHE A 259 -3.91 50.94 12.11
N ALA A 260 -4.38 49.91 11.42
CA ALA A 260 -5.44 48.99 11.91
C ALA A 260 -5.03 48.36 13.24
N PHE A 261 -3.72 48.13 13.45
CA PHE A 261 -3.15 47.43 14.63
C PHE A 261 -2.34 48.37 15.53
N GLN A 262 -2.61 49.68 15.48
CA GLN A 262 -1.73 50.67 16.16
C GLN A 262 -2.02 50.67 17.67
N ASN A 263 -3.20 50.22 18.09
CA ASN A 263 -3.64 50.19 19.51
C ASN A 263 -3.52 48.77 20.10
N LEU A 264 -2.96 47.83 19.35
CA LEU A 264 -2.83 46.40 19.75
C LEU A 264 -1.44 46.14 20.33
N THR A 265 -1.12 46.80 21.45
CA THR A 265 0.27 46.87 21.99
C THR A 265 0.58 45.60 22.78
N GLN A 266 -0.42 44.74 22.99
CA GLN A 266 -0.26 43.51 23.80
C GLN A 266 -0.20 42.27 22.89
N LEU A 267 -0.42 42.43 21.58
CA LEU A 267 -0.53 41.29 20.62
C LEU A 267 0.76 40.47 20.68
N ARG A 268 0.60 39.15 20.89
CA ARG A 268 1.69 38.13 20.88
C ARG A 268 1.58 37.23 19.64
N TYR A 269 0.35 36.96 19.19
CA TYR A 269 0.03 35.95 18.14
C TYR A 269 -0.75 36.61 17.01
N LEU A 270 -0.10 36.82 15.86
CA LEU A 270 -0.78 37.28 14.61
C LEU A 270 -0.80 36.13 13.62
N ASN A 271 -1.98 35.78 13.11
CA ASN A 271 -2.15 34.73 12.07
C ASN A 271 -2.71 35.37 10.80
N LEU A 272 -1.84 35.56 9.81
CA LEU A 272 -2.18 36.11 8.47
C LEU A 272 -2.02 35.03 7.39
N SER A 273 -1.99 33.76 7.76
CA SER A 273 -1.91 32.61 6.82
C SER A 273 -2.99 32.75 5.74
N SER A 274 -2.66 32.47 4.48
CA SER A 274 -3.64 32.40 3.38
C SER A 274 -4.47 33.69 3.37
N THR A 275 -3.80 34.84 3.19
CA THR A 275 -4.42 36.16 2.92
C THR A 275 -3.88 36.75 1.62
N SER A 276 -3.07 35.99 0.87
CA SER A 276 -2.56 36.34 -0.48
C SER A 276 -1.67 37.59 -0.43
N LEU A 277 -1.04 37.88 0.70
CA LEU A 277 -0.25 39.12 0.90
C LEU A 277 0.97 39.14 -0.02
N ARG A 278 1.07 40.15 -0.88
CA ARG A 278 2.24 40.42 -1.76
C ARG A 278 3.25 41.28 -1.00
N LYS A 279 2.76 42.26 -0.23
CA LYS A 279 3.57 43.23 0.54
C LYS A 279 3.08 43.23 1.99
N ILE A 280 4.02 43.25 2.94
CA ILE A 280 3.75 43.38 4.40
C ILE A 280 4.22 44.77 4.84
N ASN A 281 3.26 45.64 5.14
CA ASN A 281 3.46 47.02 5.68
C ASN A 281 4.12 46.94 7.06
N ALA A 282 5.34 47.45 7.20
CA ALA A 282 6.15 47.40 8.45
C ALA A 282 5.48 48.24 9.55
N ALA A 283 4.62 49.19 9.17
CA ALA A 283 3.80 50.04 10.07
C ALA A 283 2.96 49.16 11.00
N TRP A 284 2.37 48.09 10.45
CA TRP A 284 1.49 47.13 11.15
C TRP A 284 2.10 46.73 12.51
N PHE A 285 3.43 46.75 12.63
CA PHE A 285 4.19 46.20 13.79
C PHE A 285 4.84 47.32 14.62
N LYS A 286 4.47 48.58 14.37
CA LYS A 286 5.15 49.77 14.94
C LYS A 286 5.00 49.78 16.48
N ASN A 287 3.78 49.52 16.98
CA ASN A 287 3.41 49.59 18.42
C ASN A 287 3.11 48.19 18.97
N MET A 288 3.84 47.19 18.50
CA MET A 288 3.54 45.74 18.72
C MET A 288 4.81 45.05 19.20
N PRO A 289 5.51 45.59 20.22
CA PRO A 289 6.89 45.21 20.51
C PRO A 289 7.08 43.78 21.05
N HIS A 290 5.98 43.08 21.36
CA HIS A 290 5.97 41.80 22.11
C HIS A 290 5.60 40.62 21.20
N LEU A 291 5.26 40.88 19.93
CA LEU A 291 4.81 39.83 18.98
C LEU A 291 5.78 38.65 19.08
N LYS A 292 5.26 37.46 19.40
CA LYS A 292 6.03 36.23 19.73
C LYS A 292 5.95 35.26 18.56
N VAL A 293 4.77 35.16 17.93
CA VAL A 293 4.43 34.13 16.90
C VAL A 293 3.71 34.81 15.75
N LEU A 294 4.31 34.82 14.55
CA LEU A 294 3.76 35.43 13.31
C LEU A 294 3.66 34.35 12.21
N ASP A 295 2.44 34.11 11.72
CA ASP A 295 2.09 33.02 10.77
C ASP A 295 1.77 33.64 9.40
N LEU A 296 2.66 33.45 8.42
CA LEU A 296 2.56 34.03 7.05
C LEU A 296 2.54 32.92 5.97
N GLU A 297 2.18 31.69 6.34
CA GLU A 297 2.02 30.56 5.37
C GLU A 297 1.03 30.95 4.26
N PHE A 298 1.22 30.36 3.08
CA PHE A 298 0.24 30.39 1.95
C PHE A 298 -0.05 31.84 1.54
N ASN A 299 1.00 32.64 1.40
CA ASN A 299 0.95 34.01 0.84
C ASN A 299 1.91 34.05 -0.36
N TYR A 300 2.10 35.23 -0.96
CA TYR A 300 2.99 35.46 -2.13
C TYR A 300 4.14 36.39 -1.73
N LEU A 301 4.99 35.96 -0.80
CA LEU A 301 5.97 36.86 -0.10
C LEU A 301 7.42 36.48 -0.44
N VAL A 302 7.68 35.97 -1.63
CA VAL A 302 9.06 35.64 -2.07
C VAL A 302 9.88 36.93 -2.04
N GLY A 303 9.28 38.02 -2.53
CA GLY A 303 9.86 39.37 -2.51
C GLY A 303 10.22 39.77 -1.09
N GLU A 304 9.21 39.83 -0.22
CA GLU A 304 9.34 40.31 1.19
C GLU A 304 10.38 39.47 1.94
N ILE A 305 10.53 38.18 1.63
CA ILE A 305 11.58 37.31 2.26
C ILE A 305 12.97 37.80 1.80
N ALA A 306 13.06 38.33 0.58
CA ALA A 306 14.32 38.85 -0.02
C ALA A 306 14.68 40.21 0.60
N SER A 307 13.74 41.15 0.57
CA SER A 307 13.95 42.57 0.99
C SER A 307 12.85 42.95 1.98
N GLY A 308 12.91 42.36 3.19
CA GLY A 308 11.85 42.50 4.22
C GLY A 308 12.09 43.68 5.13
N ALA A 309 11.28 44.73 4.98
CA ALA A 309 11.21 45.88 5.91
C ALA A 309 10.79 45.37 7.30
N PHE A 310 9.67 44.66 7.36
CA PHE A 310 8.99 44.19 8.60
C PHE A 310 9.94 43.38 9.48
N LEU A 311 10.99 42.77 8.91
CA LEU A 311 11.96 41.93 9.68
C LEU A 311 12.65 42.74 10.77
N THR A 312 12.76 44.07 10.61
CA THR A 312 13.40 44.99 11.59
C THR A 312 12.47 45.25 12.77
N MET A 313 11.17 44.95 12.62
CA MET A 313 10.10 45.36 13.56
C MET A 313 9.75 44.23 14.54
N LEU A 314 10.52 43.15 14.58
CA LEU A 314 10.14 41.89 15.28
C LEU A 314 11.29 41.39 16.15
N PRO A 315 11.83 42.24 17.03
CA PRO A 315 12.95 41.84 17.91
C PRO A 315 12.62 40.75 18.94
N ARG A 316 11.35 40.48 19.20
CA ARG A 316 10.91 39.56 20.27
C ARG A 316 10.24 38.31 19.69
N LEU A 317 10.15 38.22 18.36
CA LEU A 317 9.53 37.08 17.63
C LEU A 317 10.34 35.82 17.89
N GLU A 318 9.64 34.72 18.21
CA GLU A 318 10.22 33.40 18.56
C GLU A 318 9.90 32.38 17.45
N ILE A 319 8.70 32.46 16.87
CA ILE A 319 8.21 31.54 15.82
C ILE A 319 7.75 32.37 14.61
N LEU A 320 8.45 32.21 13.49
CA LEU A 320 8.09 32.77 12.16
C LEU A 320 7.78 31.59 11.23
N ASP A 321 6.67 31.67 10.48
CA ASP A 321 6.34 30.64 9.47
C ASP A 321 6.00 31.32 8.13
N LEU A 322 6.83 31.07 7.11
CA LEU A 322 6.72 31.65 5.75
C LEU A 322 6.52 30.54 4.73
N SER A 323 5.97 29.42 5.18
CA SER A 323 5.83 28.18 4.38
C SER A 323 4.85 28.40 3.22
N PHE A 324 5.11 27.79 2.07
CA PHE A 324 4.25 27.78 0.86
C PHE A 324 3.99 29.21 0.39
N ASN A 325 5.09 29.96 0.20
CA ASN A 325 5.08 31.28 -0.46
C ASN A 325 5.72 31.20 -1.84
N TYR A 326 6.08 30.00 -2.31
CA TYR A 326 6.64 29.72 -3.66
C TYR A 326 5.91 30.53 -4.72
N ILE A 327 6.64 30.95 -5.76
CA ILE A 327 6.09 31.46 -7.05
C ILE A 327 5.87 30.23 -7.95
N LYS A 328 4.62 30.01 -8.37
CA LYS A 328 4.21 28.89 -9.26
C LYS A 328 5.13 28.82 -10.48
N GLY A 329 5.89 27.73 -10.63
CA GLY A 329 6.71 27.45 -11.83
C GLY A 329 8.15 27.90 -11.69
N SER A 330 8.44 28.73 -10.68
CA SER A 330 9.80 29.26 -10.39
C SER A 330 10.55 28.27 -9.50
N TYR A 331 11.60 27.63 -10.04
CA TYR A 331 12.53 26.73 -9.29
C TYR A 331 13.88 27.43 -9.16
N PRO A 332 13.94 28.59 -8.47
CA PRO A 332 15.16 29.40 -8.41
C PRO A 332 16.38 28.58 -7.98
N GLN A 333 17.56 28.94 -8.46
CA GLN A 333 18.82 28.23 -8.10
C GLN A 333 19.09 28.39 -6.61
N HIS A 334 18.76 29.56 -6.04
CA HIS A 334 19.10 29.95 -4.64
C HIS A 334 17.85 30.45 -3.92
N ILE A 335 17.83 30.35 -2.58
CA ILE A 335 16.84 31.06 -1.73
C ILE A 335 17.41 32.45 -1.42
N ASN A 336 16.61 33.50 -1.61
CA ASN A 336 16.98 34.92 -1.36
C ASN A 336 16.41 35.33 0.00
N ILE A 337 17.27 35.37 1.02
CA ILE A 337 16.92 35.69 2.44
C ILE A 337 17.57 37.03 2.82
N SER A 338 16.77 38.05 3.15
CA SER A 338 17.24 39.41 3.55
C SER A 338 18.26 39.31 4.68
N ARG A 339 19.20 40.25 4.75
CA ARG A 339 20.20 40.34 5.85
C ARG A 339 19.43 40.72 7.14
N ASN A 340 18.25 41.32 6.97
CA ASN A 340 17.34 41.78 8.07
C ASN A 340 16.95 40.60 8.97
N PHE A 341 16.96 39.37 8.45
CA PHE A 341 16.67 38.13 9.24
C PHE A 341 17.57 38.06 10.50
N SER A 342 18.68 38.81 10.54
CA SER A 342 19.59 38.92 11.71
C SER A 342 19.00 39.81 12.81
N LYS A 343 17.95 40.56 12.49
CA LYS A 343 17.23 41.45 13.45
C LYS A 343 16.07 40.68 14.12
N LEU A 344 15.94 39.38 13.83
CA LEU A 344 15.03 38.46 14.56
C LEU A 344 15.83 37.83 15.72
N LEU A 345 16.21 38.65 16.71
CA LEU A 345 17.16 38.28 17.80
C LEU A 345 16.56 37.16 18.66
N SER A 346 15.24 37.11 18.79
CA SER A 346 14.50 36.24 19.74
C SER A 346 14.06 34.92 19.08
N LEU A 347 14.30 34.78 17.78
CA LEU A 347 13.77 33.65 16.96
C LEU A 347 14.26 32.31 17.52
N ARG A 348 13.33 31.38 17.76
CA ARG A 348 13.59 30.00 18.26
C ARG A 348 13.37 28.97 17.15
N ALA A 349 12.52 29.30 16.16
CA ALA A 349 12.07 28.36 15.12
C ALA A 349 11.64 29.13 13.86
N LEU A 350 12.30 28.84 12.74
CA LEU A 350 11.93 29.35 11.39
C LEU A 350 11.34 28.20 10.57
N HIS A 351 10.19 28.43 9.94
CA HIS A 351 9.49 27.45 9.05
C HIS A 351 9.46 27.99 7.61
N LEU A 352 10.40 27.53 6.77
CA LEU A 352 10.53 27.92 5.35
C LEU A 352 10.25 26.72 4.43
N ARG A 353 9.07 26.10 4.61
CA ARG A 353 8.61 24.97 3.75
C ARG A 353 8.07 25.54 2.44
N GLY A 354 8.25 24.82 1.33
CA GLY A 354 7.53 25.08 0.07
C GLY A 354 7.83 26.46 -0.48
N TYR A 355 9.08 26.90 -0.37
CA TYR A 355 9.63 28.09 -1.08
C TYR A 355 10.04 27.63 -2.47
N VAL A 356 10.68 26.46 -2.52
CA VAL A 356 11.04 25.68 -3.74
C VAL A 356 12.27 26.32 -4.39
N PHE A 357 13.45 25.75 -4.13
CA PHE A 357 14.75 26.26 -4.62
C PHE A 357 15.76 25.11 -4.73
N GLN A 358 16.81 25.31 -5.53
CA GLN A 358 17.72 24.22 -5.99
C GLN A 358 18.89 24.02 -5.02
N GLU A 359 19.46 25.10 -4.49
CA GLU A 359 20.73 25.07 -3.71
C GLU A 359 20.57 25.95 -2.46
N LEU A 360 21.05 25.47 -1.31
CA LEU A 360 21.27 26.27 -0.08
C LEU A 360 22.79 26.41 0.11
N ARG A 361 23.31 27.60 -0.18
CA ARG A 361 24.74 27.96 0.01
C ARG A 361 24.93 28.43 1.46
N GLU A 362 26.13 28.22 2.01
CA GLU A 362 26.56 28.69 3.36
C GLU A 362 26.17 30.16 3.55
N ASP A 363 26.37 31.00 2.53
CA ASP A 363 26.20 32.48 2.58
C ASP A 363 24.70 32.84 2.63
N ASP A 364 23.85 32.01 2.01
CA ASP A 364 22.38 32.25 1.92
C ASP A 364 21.79 32.36 3.32
N PHE A 365 22.41 31.69 4.29
CA PHE A 365 21.95 31.58 5.70
C PHE A 365 22.92 32.29 6.65
N GLN A 366 23.68 33.29 6.16
CA GLN A 366 24.53 34.15 7.03
C GLN A 366 23.63 34.88 8.03
N PRO A 367 22.52 35.52 7.58
CA PRO A 367 21.65 36.29 8.48
C PRO A 367 21.12 35.52 9.69
N LEU A 368 21.16 34.20 9.69
CA LEU A 368 20.52 33.35 10.73
C LEU A 368 21.55 32.83 11.72
N MET A 369 22.84 32.94 11.41
CA MET A 369 23.91 32.21 12.15
C MET A 369 24.15 32.88 13.50
N GLN A 370 23.75 34.14 13.66
CA GLN A 370 24.03 34.96 14.87
C GLN A 370 22.92 34.74 15.91
N LEU A 371 21.66 34.89 15.49
CA LEU A 371 20.44 34.65 16.32
C LEU A 371 20.75 33.61 17.38
N PRO A 372 20.89 33.99 18.68
CA PRO A 372 21.45 33.09 19.69
C PRO A 372 20.57 31.91 20.14
N ASN A 373 19.29 31.93 19.76
CA ASN A 373 18.24 31.03 20.33
C ASN A 373 17.59 30.15 19.27
N LEU A 374 18.03 30.24 18.00
CA LEU A 374 17.44 29.48 16.87
C LEU A 374 17.74 27.99 17.04
N SER A 375 16.71 27.18 17.32
CA SER A 375 16.81 25.74 17.65
C SER A 375 16.21 24.86 16.53
N THR A 376 15.31 25.41 15.71
CA THR A 376 14.52 24.65 14.70
C THR A 376 14.53 25.37 13.35
N ILE A 377 15.18 24.77 12.36
CA ILE A 377 15.05 25.18 10.93
C ILE A 377 14.24 24.10 10.21
N ASN A 378 13.14 24.52 9.59
CA ASN A 378 12.17 23.67 8.85
C ASN A 378 12.26 24.05 7.37
N LEU A 379 13.06 23.29 6.60
CA LEU A 379 13.21 23.45 5.13
C LEU A 379 12.52 22.30 4.39
N GLY A 380 11.40 21.82 4.92
CA GLY A 380 10.61 20.74 4.30
C GLY A 380 10.03 21.14 2.95
N ILE A 381 9.95 20.19 2.01
CA ILE A 381 9.22 20.34 0.72
C ILE A 381 9.78 21.56 -0.03
N ASN A 382 11.10 21.64 -0.21
CA ASN A 382 11.74 22.71 -1.03
C ASN A 382 12.44 22.10 -2.26
N PHE A 383 12.50 20.78 -2.36
CA PHE A 383 13.08 20.05 -3.51
C PHE A 383 14.54 20.50 -3.74
N ILE A 384 15.24 20.80 -2.63
CA ILE A 384 16.67 21.24 -2.64
C ILE A 384 17.52 20.07 -3.14
N LYS A 385 18.49 20.34 -4.02
CA LYS A 385 19.39 19.33 -4.64
C LYS A 385 20.74 19.29 -3.91
N GLN A 386 21.24 20.46 -3.48
CA GLN A 386 22.57 20.60 -2.84
C GLN A 386 22.45 21.51 -1.59
N ILE A 387 23.18 21.15 -0.53
CA ILE A 387 23.28 21.93 0.74
C ILE A 387 24.75 21.89 1.23
N ASP A 388 25.39 23.06 1.35
CA ASP A 388 26.68 23.22 2.05
C ASP A 388 26.47 22.88 3.54
N PHE A 389 26.49 21.59 3.87
CA PHE A 389 26.13 21.05 5.22
C PHE A 389 27.09 21.61 6.29
N LYS A 390 28.24 22.14 5.89
CA LYS A 390 29.18 22.87 6.80
C LYS A 390 28.40 23.95 7.57
N LEU A 391 27.54 24.69 6.86
CA LEU A 391 26.84 25.91 7.36
C LEU A 391 26.04 25.65 8.66
N PHE A 392 25.82 24.39 9.05
CA PHE A 392 24.97 24.01 10.21
C PHE A 392 25.83 23.93 11.48
N GLN A 393 27.17 24.05 11.35
CA GLN A 393 28.09 24.15 12.52
C GLN A 393 28.10 25.59 13.04
N ASN A 394 27.68 26.56 12.21
CA ASN A 394 27.71 28.02 12.49
C ASN A 394 26.54 28.43 13.40
N PHE A 395 25.85 27.48 14.05
CA PHE A 395 24.57 27.73 14.76
C PHE A 395 24.70 27.36 16.24
N SER A 396 24.36 28.33 17.10
CA SER A 396 24.61 28.30 18.57
C SER A 396 23.87 27.13 19.23
N ASN A 397 22.55 27.07 19.06
CA ASN A 397 21.62 26.20 19.84
C ASN A 397 20.66 25.46 18.89
N LEU A 398 21.13 25.16 17.67
CA LEU A 398 20.38 24.34 16.66
C LEU A 398 20.20 22.92 17.19
N GLU A 399 18.96 22.46 17.30
CA GLU A 399 18.60 21.10 17.82
C GLU A 399 17.89 20.27 16.74
N ILE A 400 17.23 20.93 15.77
CA ILE A 400 16.33 20.30 14.77
C ILE A 400 16.63 20.86 13.38
N ILE A 401 17.27 20.04 12.53
CA ILE A 401 17.47 20.31 11.09
C ILE A 401 16.50 19.40 10.33
N TYR A 402 15.38 19.95 9.86
CA TYR A 402 14.30 19.17 9.18
C TYR A 402 14.32 19.43 7.67
N LEU A 403 14.72 18.42 6.89
CA LEU A 403 14.93 18.53 5.43
C LEU A 403 14.10 17.51 4.65
N SER A 404 13.03 16.99 5.25
CA SER A 404 12.14 15.97 4.63
C SER A 404 11.58 16.52 3.32
N GLU A 405 11.45 15.68 2.29
CA GLU A 405 10.92 16.03 0.93
C GLU A 405 11.80 17.12 0.31
N ASN A 406 13.11 16.88 0.27
CA ASN A 406 14.06 17.60 -0.62
C ASN A 406 14.66 16.54 -1.57
N ARG A 407 15.70 16.88 -2.31
CA ARG A 407 16.28 16.01 -3.35
C ARG A 407 17.79 15.91 -3.11
N ILE A 408 18.21 15.79 -1.84
CA ILE A 408 19.62 15.52 -1.46
C ILE A 408 20.01 14.18 -2.09
N SER A 409 20.95 14.23 -3.04
CA SER A 409 21.52 13.06 -3.77
C SER A 409 22.70 12.48 -2.98
N PRO A 410 23.22 11.31 -3.40
CA PRO A 410 24.49 10.80 -2.86
C PRO A 410 25.61 11.81 -3.17
N LEU A 411 26.48 12.07 -2.19
CA LEU A 411 27.63 13.00 -2.29
C LEU A 411 28.92 12.20 -2.47
N VAL A 412 29.53 12.28 -3.66
CA VAL A 412 30.81 11.60 -4.05
C VAL A 412 31.82 12.67 -4.51
N LYS A 413 31.34 13.70 -5.22
CA LYS A 413 32.08 14.87 -5.79
C LYS A 413 33.54 14.50 -6.13
N ASP A 414 33.73 13.43 -6.94
CA ASP A 414 35.01 13.02 -7.57
C ASP A 414 36.08 12.74 -6.49
N GLU A 438 -14.63 14.72 8.37
CA GLU A 438 -13.43 13.84 8.29
C GLU A 438 -12.22 14.49 8.98
N PHE A 439 -12.40 15.66 9.61
CA PHE A 439 -11.30 16.53 10.10
C PHE A 439 -11.69 17.13 11.45
N ASP A 440 -10.71 17.72 12.14
CA ASP A 440 -10.91 18.36 13.47
C ASP A 440 -11.15 19.86 13.27
N PRO A 441 -12.37 20.38 13.53
CA PRO A 441 -12.64 21.81 13.39
C PRO A 441 -11.87 22.69 14.40
N HIS A 442 -11.24 22.08 15.41
CA HIS A 442 -10.44 22.77 16.45
C HIS A 442 -8.95 22.83 16.09
N SER A 443 -8.53 22.18 15.01
CA SER A 443 -7.09 22.07 14.65
C SER A 443 -6.57 23.44 14.19
N ASN A 444 -5.25 23.65 14.29
CA ASN A 444 -4.51 24.70 13.55
C ASN A 444 -4.36 24.20 12.10
N PHE A 445 -5.00 24.85 11.14
CA PHE A 445 -5.17 24.31 9.76
C PHE A 445 -4.02 24.70 8.83
N TYR A 446 -3.21 25.70 9.19
CA TYR A 446 -2.16 26.24 8.30
C TYR A 446 -0.76 25.90 8.83
N HIS A 447 -0.64 25.34 10.03
CA HIS A 447 0.67 25.04 10.70
C HIS A 447 0.81 23.57 11.11
N PHE A 448 1.96 22.97 10.80
CA PHE A 448 2.47 21.68 11.39
C PHE A 448 2.43 21.78 12.92
N THR A 449 1.41 21.23 13.59
CA THR A 449 1.25 21.38 15.07
C THR A 449 2.07 20.29 15.79
N ARG A 450 2.05 19.05 15.30
CA ARG A 450 2.78 17.91 15.92
C ARG A 450 4.28 18.14 15.76
N PRO A 451 5.15 17.44 16.52
CA PRO A 451 6.59 17.63 16.40
C PRO A 451 7.13 17.23 15.02
N LEU A 452 8.01 18.05 14.44
CA LEU A 452 8.67 17.76 13.12
C LEU A 452 9.37 16.40 13.18
N ILE A 453 10.05 16.12 14.30
CA ILE A 453 10.86 14.88 14.52
C ILE A 453 10.33 14.17 15.77
N LYS A 454 10.20 12.85 15.72
CA LYS A 454 9.69 12.06 16.89
C LYS A 454 10.45 12.52 18.12
N PRO A 455 9.75 12.98 19.19
CA PRO A 455 10.41 13.37 20.44
C PRO A 455 11.45 12.34 20.95
N GLN A 456 11.14 11.05 20.83
CA GLN A 456 12.01 9.93 21.29
C GLN A 456 13.37 10.03 20.59
N CYS A 457 13.40 10.56 19.37
CA CYS A 457 14.62 10.76 18.56
C CYS A 457 15.34 12.03 19.02
N ALA A 458 14.64 13.17 19.01
CA ALA A 458 15.20 14.51 19.31
C ALA A 458 15.84 14.51 20.70
N ALA A 459 15.21 13.82 21.65
CA ALA A 459 15.67 13.66 23.06
C ALA A 459 17.17 13.40 23.12
N TYR A 460 17.72 12.60 22.21
CA TYR A 460 19.13 12.14 22.21
C TYR A 460 20.10 13.27 21.86
N GLY A 461 19.67 14.28 21.10
CA GLY A 461 20.55 15.40 20.71
C GLY A 461 20.18 16.02 19.39
N LYS A 462 21.16 16.61 18.68
CA LYS A 462 20.93 17.28 17.37
C LYS A 462 20.28 16.28 16.41
N ALA A 463 19.14 16.67 15.84
CA ALA A 463 18.30 15.83 14.96
C ALA A 463 18.37 16.34 13.51
N LEU A 464 18.65 15.43 12.58
CA LEU A 464 18.72 15.69 11.12
C LEU A 464 17.73 14.78 10.39
N ASP A 465 16.64 15.32 9.87
CA ASP A 465 15.61 14.54 9.13
C ASP A 465 15.81 14.73 7.64
N LEU A 466 16.44 13.75 6.97
CA LEU A 466 16.65 13.69 5.50
C LEU A 466 15.68 12.67 4.87
N SER A 467 14.55 12.41 5.54
CA SER A 467 13.51 11.47 5.06
C SER A 467 12.97 11.97 3.73
N LEU A 468 12.55 11.05 2.85
CA LEU A 468 11.88 11.36 1.57
C LEU A 468 12.79 12.23 0.70
N ASN A 469 14.09 11.96 0.74
CA ASN A 469 15.11 12.58 -0.15
C ASN A 469 15.50 11.56 -1.23
N SER A 470 16.63 11.76 -1.93
CA SER A 470 17.09 10.94 -3.07
C SER A 470 18.46 10.31 -2.76
N ILE A 471 18.75 10.06 -1.48
CA ILE A 471 20.01 9.39 -1.05
C ILE A 471 19.85 7.90 -1.34
N PHE A 472 19.95 7.52 -2.61
CA PHE A 472 19.69 6.13 -3.10
C PHE A 472 20.83 5.21 -2.63
N PHE A 473 22.03 5.76 -2.47
CA PHE A 473 23.10 5.15 -1.63
C PHE A 473 23.78 6.26 -0.82
N ILE A 474 24.29 5.90 0.35
CA ILE A 474 25.07 6.82 1.22
C ILE A 474 26.48 6.96 0.62
N GLY A 475 26.76 8.08 -0.03
CA GLY A 475 28.07 8.38 -0.61
C GLY A 475 29.15 8.54 0.48
N PRO A 476 30.44 8.50 0.12
CA PRO A 476 31.52 8.55 1.11
C PRO A 476 31.62 9.91 1.82
N ASN A 477 31.15 10.99 1.19
CA ASN A 477 31.16 12.38 1.72
C ASN A 477 29.77 12.80 2.22
N GLN A 478 28.88 11.85 2.53
CA GLN A 478 27.43 12.13 2.67
C GLN A 478 27.19 12.99 3.92
N PHE A 479 27.90 12.69 5.00
CA PHE A 479 27.72 13.34 6.34
C PHE A 479 29.02 14.03 6.78
N GLU A 480 29.85 14.46 5.83
CA GLU A 480 31.10 15.22 6.12
C GLU A 480 30.70 16.67 6.42
N ASN A 481 31.44 17.34 7.31
CA ASN A 481 31.25 18.76 7.70
C ASN A 481 29.86 18.92 8.34
N LEU A 482 29.56 18.02 9.27
CA LEU A 482 28.24 17.94 9.94
C LEU A 482 28.49 17.99 11.44
N PRO A 483 27.65 18.72 12.22
CA PRO A 483 27.76 18.67 13.68
C PRO A 483 27.68 17.24 14.21
N ASP A 484 27.84 17.06 15.53
CA ASP A 484 27.58 15.77 16.19
C ASP A 484 26.07 15.53 16.15
N ILE A 485 25.61 14.73 15.19
CA ILE A 485 24.19 14.30 15.01
C ILE A 485 23.94 13.15 15.98
N ALA A 486 22.85 13.22 16.75
CA ALA A 486 22.41 12.18 17.71
C ALA A 486 21.26 11.36 17.11
N CYS A 487 20.46 12.01 16.26
CA CYS A 487 19.14 11.56 15.75
C CYS A 487 19.14 11.76 14.25
N LEU A 488 18.99 10.67 13.49
CA LEU A 488 19.12 10.69 12.00
C LEU A 488 17.96 9.91 11.37
N ASN A 489 17.24 10.58 10.48
CA ASN A 489 16.12 9.97 9.70
C ASN A 489 16.54 9.86 8.23
N LEU A 490 16.67 8.63 7.73
CA LEU A 490 16.93 8.37 6.29
C LEU A 490 15.71 7.67 5.66
N SER A 491 14.59 7.64 6.37
CA SER A 491 13.34 6.95 5.95
C SER A 491 12.95 7.37 4.53
N ALA A 492 12.61 6.40 3.68
CA ALA A 492 11.96 6.60 2.36
C ALA A 492 12.89 7.36 1.42
N ASN A 493 14.11 6.87 1.23
CA ASN A 493 15.10 7.53 0.33
C ASN A 493 15.30 6.68 -0.93
N SER A 494 14.41 5.73 -1.20
CA SER A 494 14.61 4.71 -2.27
C SER A 494 16.05 4.20 -2.18
N ASN A 495 16.51 4.00 -0.96
CA ASN A 495 17.87 3.50 -0.72
C ASN A 495 17.80 1.99 -0.69
N ALA A 496 18.57 1.35 -1.56
CA ALA A 496 18.55 -0.11 -1.68
C ALA A 496 19.97 -0.60 -1.80
N GLN A 497 20.80 -0.19 -0.86
CA GLN A 497 22.26 -0.42 -0.94
C GLN A 497 22.69 -1.47 0.08
N VAL A 498 23.93 -1.87 -0.09
CA VAL A 498 24.62 -2.78 0.86
C VAL A 498 25.38 -1.88 1.81
N LEU A 499 25.54 -2.33 3.05
CA LEU A 499 26.24 -1.54 4.09
C LEU A 499 27.54 -2.26 4.47
N SER A 500 28.67 -1.57 4.32
CA SER A 500 30.04 -2.06 4.61
C SER A 500 30.46 -1.66 6.04
N GLY A 501 29.67 -0.82 6.72
CA GLY A 501 29.95 -0.33 8.09
C GLY A 501 30.94 0.84 8.10
N THR A 502 30.96 1.64 7.03
CA THR A 502 31.85 2.83 6.86
C THR A 502 31.06 4.05 6.38
N GLU A 503 29.74 3.95 6.36
CA GLU A 503 28.81 4.98 5.81
C GLU A 503 28.61 6.10 6.84
N PHE A 504 28.60 5.73 8.13
CA PHE A 504 28.20 6.62 9.25
C PHE A 504 29.43 7.04 10.08
N SER A 505 30.64 6.76 9.59
CA SER A 505 31.93 7.07 10.28
C SER A 505 31.98 8.55 10.69
N ALA A 506 31.56 9.47 9.81
CA ALA A 506 31.65 10.94 9.98
C ALA A 506 30.67 11.46 11.04
N ILE A 507 29.69 10.65 11.43
CA ILE A 507 28.70 10.97 12.51
C ILE A 507 28.51 9.70 13.34
N PRO A 508 29.54 9.27 14.09
CA PRO A 508 29.55 7.96 14.73
C PRO A 508 28.69 7.86 15.99
N HIS A 509 28.21 8.99 16.49
CA HIS A 509 27.51 9.10 17.81
C HIS A 509 26.00 9.24 17.60
N VAL A 510 25.48 8.75 16.47
CA VAL A 510 24.02 8.61 16.24
C VAL A 510 23.50 7.60 17.27
N LYS A 511 22.40 7.92 17.96
CA LYS A 511 21.80 7.08 19.03
C LYS A 511 20.48 6.51 18.53
N TYR A 512 19.64 7.33 17.91
CA TYR A 512 18.36 6.97 17.24
C TYR A 512 18.54 7.02 15.72
N LEU A 513 18.35 5.89 15.03
CA LEU A 513 18.52 5.79 13.55
C LEU A 513 17.27 5.20 12.91
N ASP A 514 16.63 5.96 12.03
CA ASP A 514 15.44 5.53 11.25
C ASP A 514 15.88 5.26 9.80
N LEU A 515 15.83 3.99 9.37
CA LEU A 515 16.14 3.55 7.98
C LEU A 515 14.88 2.98 7.30
N THR A 516 13.70 3.29 7.83
CA THR A 516 12.40 2.68 7.45
C THR A 516 12.02 3.04 6.00
N ASN A 517 11.21 2.16 5.37
CA ASN A 517 10.68 2.31 4.00
C ASN A 517 11.85 2.51 3.04
N ASN A 518 12.74 1.52 3.00
CA ASN A 518 13.86 1.45 2.02
C ASN A 518 13.92 0.02 1.51
N ARG A 519 14.93 -0.32 0.71
CA ARG A 519 15.19 -1.71 0.24
C ARG A 519 16.65 -2.07 0.54
N LEU A 520 17.09 -1.84 1.78
CA LEU A 520 18.48 -2.06 2.23
C LEU A 520 18.82 -3.56 2.16
N ASP A 521 20.00 -3.87 1.63
CA ASP A 521 20.49 -5.27 1.52
C ASP A 521 21.40 -5.57 2.70
N PHE A 522 20.87 -6.27 3.73
CA PHE A 522 21.62 -6.64 4.96
C PHE A 522 22.44 -7.90 4.66
N ASP A 523 23.50 -7.67 3.88
CA ASP A 523 24.36 -8.66 3.16
C ASP A 523 25.71 -8.78 3.87
N ASN A 524 25.88 -8.14 5.04
CA ASN A 524 27.21 -7.92 5.67
C ASN A 524 27.06 -7.80 7.19
N ALA A 525 27.91 -8.52 7.95
CA ALA A 525 27.88 -8.61 9.43
C ALA A 525 28.47 -7.35 10.06
N SER A 526 29.11 -6.50 9.24
CA SER A 526 29.76 -5.23 9.68
C SER A 526 28.77 -4.07 9.66
N ALA A 527 27.59 -4.27 9.06
CA ALA A 527 26.62 -3.17 8.76
C ALA A 527 26.29 -2.41 10.05
N LEU A 528 26.53 -1.09 10.06
CA LEU A 528 26.15 -0.15 11.15
C LEU A 528 27.07 -0.28 12.38
N THR A 529 28.15 -1.07 12.30
CA THR A 529 29.05 -1.35 13.46
C THR A 529 29.82 -0.07 13.84
N GLU A 530 29.99 0.86 12.89
CA GLU A 530 30.65 2.17 13.12
C GLU A 530 29.83 3.02 14.11
N LEU A 531 28.57 2.67 14.36
CA LEU A 531 27.63 3.42 15.24
C LEU A 531 27.57 2.74 16.61
N SER A 532 28.65 2.86 17.39
CA SER A 532 28.84 2.24 18.73
C SER A 532 27.81 2.74 19.76
N ASP A 533 27.42 4.02 19.72
CA ASP A 533 26.61 4.66 20.79
C ASP A 533 25.11 4.34 20.60
N LEU A 534 24.77 3.63 19.52
CA LEU A 534 23.39 3.44 19.00
C LEU A 534 22.52 2.75 20.04
N GLU A 535 21.35 3.34 20.33
CA GLU A 535 20.38 2.82 21.34
C GLU A 535 19.07 2.39 20.65
N VAL A 536 18.64 3.10 19.62
CA VAL A 536 17.37 2.83 18.88
C VAL A 536 17.69 2.66 17.38
N LEU A 537 17.21 1.56 16.80
CA LEU A 537 17.38 1.25 15.36
C LEU A 537 16.02 0.84 14.81
N ASP A 538 15.53 1.58 13.82
CA ASP A 538 14.27 1.28 13.11
C ASP A 538 14.63 0.81 11.69
N LEU A 539 14.44 -0.50 11.43
CA LEU A 539 14.66 -1.12 10.10
C LEU A 539 13.32 -1.52 9.49
N SER A 540 12.21 -1.05 10.07
CA SER A 540 10.82 -1.37 9.63
C SER A 540 10.70 -1.12 8.13
N TYR A 541 9.97 -2.00 7.43
CA TYR A 541 9.63 -1.86 5.98
C TYR A 541 10.94 -1.79 5.19
N ASN A 542 11.74 -2.85 5.27
CA ASN A 542 12.91 -3.10 4.37
C ASN A 542 12.84 -4.55 3.87
N SER A 543 11.63 -5.04 3.55
CA SER A 543 11.35 -6.47 3.25
C SER A 543 12.00 -6.92 1.93
N HIS A 544 12.20 -6.02 0.97
CA HIS A 544 12.70 -6.34 -0.41
C HIS A 544 13.70 -7.50 -0.36
N TYR A 545 14.89 -7.27 0.19
CA TYR A 545 16.05 -8.19 0.07
C TYR A 545 15.91 -9.35 1.06
N PHE A 546 15.08 -9.19 2.10
CA PHE A 546 14.80 -10.28 3.07
C PHE A 546 13.94 -11.36 2.39
N ARG A 547 13.19 -10.99 1.35
CA ARG A 547 12.30 -11.92 0.60
C ARG A 547 13.09 -12.68 -0.48
N ILE A 548 14.30 -12.20 -0.82
CA ILE A 548 15.10 -12.70 -1.97
C ILE A 548 16.12 -13.76 -1.52
N ALA A 549 16.01 -14.97 -2.05
CA ALA A 549 16.88 -16.14 -1.72
C ALA A 549 18.31 -15.95 -2.24
N GLY A 550 18.50 -15.21 -3.34
CA GLY A 550 19.79 -15.09 -4.05
C GLY A 550 20.68 -14.04 -3.42
N VAL A 551 20.50 -13.79 -2.13
CA VAL A 551 21.25 -12.78 -1.35
C VAL A 551 21.26 -13.26 0.10
N THR A 552 22.39 -13.09 0.78
CA THR A 552 22.57 -13.46 2.22
C THR A 552 21.84 -12.43 3.10
N HIS A 553 21.45 -12.85 4.30
CA HIS A 553 20.77 -12.02 5.33
C HIS A 553 21.55 -12.14 6.64
N HIS A 554 22.41 -11.16 6.91
CA HIS A 554 23.24 -11.07 8.15
C HIS A 554 22.62 -10.07 9.10
N LEU A 555 22.19 -10.52 10.28
CA LEU A 555 21.72 -9.66 11.39
C LEU A 555 22.70 -9.78 12.58
N GLU A 556 23.90 -10.35 12.37
CA GLU A 556 24.94 -10.49 13.43
C GLU A 556 25.38 -9.13 13.97
N PHE A 557 25.38 -8.09 13.12
CA PHE A 557 25.85 -6.73 13.47
C PHE A 557 25.19 -6.21 14.76
N ILE A 558 24.02 -6.74 15.13
CA ILE A 558 23.30 -6.41 16.40
C ILE A 558 24.25 -6.62 17.57
N GLN A 559 24.91 -7.78 17.59
CA GLN A 559 25.83 -8.28 18.65
C GLN A 559 26.88 -7.23 19.02
N ASN A 560 27.34 -6.44 18.05
CA ASN A 560 28.44 -5.46 18.22
C ASN A 560 27.97 -4.18 18.89
N PHE A 561 26.71 -4.11 19.36
CA PHE A 561 26.13 -2.90 19.99
C PHE A 561 25.97 -3.15 21.49
N THR A 562 26.86 -2.52 22.26
CA THR A 562 26.95 -2.66 23.73
C THR A 562 25.88 -1.77 24.38
N ASN A 563 25.32 -0.82 23.61
CA ASN A 563 24.40 0.24 24.11
C ASN A 563 22.97 0.09 23.53
N LEU A 564 22.72 -0.90 22.66
CA LEU A 564 21.46 -0.99 21.86
C LEU A 564 20.30 -1.46 22.75
N LYS A 565 19.23 -0.65 22.81
CA LYS A 565 18.06 -0.85 23.72
C LYS A 565 16.82 -1.34 22.94
N VAL A 566 16.52 -0.70 21.81
CA VAL A 566 15.26 -0.92 21.02
C VAL A 566 15.63 -1.18 19.56
N LEU A 567 15.23 -2.35 19.04
CA LEU A 567 15.43 -2.75 17.63
C LEU A 567 14.07 -3.07 17.02
N ASN A 568 13.71 -2.41 15.92
CA ASN A 568 12.43 -2.64 15.22
C ASN A 568 12.71 -3.27 13.85
N LEU A 569 12.31 -4.53 13.68
CA LEU A 569 12.43 -5.29 12.40
C LEU A 569 11.03 -5.58 11.85
N SER A 570 10.06 -4.70 12.12
CA SER A 570 8.65 -4.94 11.70
C SER A 570 8.61 -4.94 10.16
N HIS A 571 7.79 -5.83 9.60
CA HIS A 571 7.37 -5.85 8.16
C HIS A 571 8.58 -6.02 7.25
N ASN A 572 9.51 -6.91 7.62
CA ASN A 572 10.71 -7.25 6.82
C ASN A 572 10.52 -8.64 6.19
N ASN A 573 9.45 -9.35 6.52
CA ASN A 573 9.13 -10.67 5.91
C ASN A 573 10.37 -11.58 6.02
N ILE A 574 11.00 -11.63 7.18
CA ILE A 574 12.23 -12.43 7.42
C ILE A 574 11.85 -13.91 7.46
N TYR A 575 12.45 -14.73 6.59
CA TYR A 575 12.19 -16.18 6.48
C TYR A 575 13.50 -16.99 6.57
N THR A 576 14.66 -16.36 6.36
CA THR A 576 16.00 -16.98 6.61
C THR A 576 17.04 -15.94 7.01
N LEU A 577 18.05 -16.41 7.73
CA LEU A 577 19.35 -15.73 7.95
C LEU A 577 20.45 -16.69 7.49
N THR A 578 21.62 -16.20 7.09
CA THR A 578 22.77 -17.05 6.68
C THR A 578 23.86 -17.02 7.77
N ASP A 579 24.54 -18.17 7.96
CA ASP A 579 25.69 -18.36 8.90
C ASP A 579 25.17 -18.33 10.35
N LYS A 580 24.89 -17.14 10.89
CA LYS A 580 24.43 -16.95 12.30
C LYS A 580 22.89 -16.90 12.32
N TYR A 581 22.27 -17.89 12.97
CA TYR A 581 20.81 -18.17 12.92
C TYR A 581 20.12 -17.67 14.20
N ASN A 582 20.86 -17.13 15.16
CA ASN A 582 20.30 -16.57 16.42
C ASN A 582 20.61 -15.08 16.49
N LEU A 583 19.67 -14.29 17.02
CA LEU A 583 19.88 -12.87 17.42
C LEU A 583 20.44 -12.86 18.85
N GLU A 584 21.47 -12.03 19.10
CA GLU A 584 22.24 -12.04 20.37
C GLU A 584 22.60 -10.61 20.78
N SER A 585 22.23 -10.22 22.00
CA SER A 585 22.56 -8.90 22.60
C SER A 585 22.40 -8.95 24.12
N LYS A 586 23.39 -8.42 24.85
CA LYS A 586 23.37 -8.35 26.33
C LYS A 586 22.58 -7.11 26.77
N SER A 587 22.42 -6.14 25.85
CA SER A 587 21.86 -4.79 26.13
C SER A 587 20.36 -4.68 25.78
N LEU A 588 19.93 -5.30 24.67
CA LEU A 588 18.61 -5.07 24.03
C LEU A 588 17.47 -5.31 25.04
N VAL A 589 16.53 -4.36 25.09
CA VAL A 589 15.35 -4.35 26.01
C VAL A 589 14.09 -4.72 25.22
N GLU A 590 13.95 -4.20 23.99
CA GLU A 590 12.73 -4.34 23.16
C GLU A 590 13.08 -4.77 21.73
N LEU A 591 12.49 -5.87 21.27
CA LEU A 591 12.53 -6.33 19.85
C LEU A 591 11.10 -6.34 19.32
N VAL A 592 10.85 -5.59 18.24
CA VAL A 592 9.60 -5.69 17.42
C VAL A 592 9.92 -6.63 16.25
N PHE A 593 9.30 -7.81 16.22
CA PHE A 593 9.55 -8.84 15.17
C PHE A 593 8.27 -9.12 14.39
N SER A 594 7.30 -8.20 14.43
CA SER A 594 5.99 -8.34 13.78
C SER A 594 6.14 -8.25 12.25
N GLY A 595 5.27 -8.91 11.49
CA GLY A 595 5.27 -8.85 10.02
C GLY A 595 6.47 -9.57 9.43
N ASN A 596 6.94 -10.61 10.11
CA ASN A 596 8.03 -11.51 9.62
C ASN A 596 7.45 -12.92 9.53
N ARG A 597 8.30 -13.91 9.22
CA ARG A 597 7.84 -15.29 8.93
C ARG A 597 8.37 -16.28 9.98
N LEU A 598 8.07 -16.06 11.26
CA LEU A 598 8.40 -17.04 12.34
C LEU A 598 7.74 -18.39 12.00
N ASP A 599 6.55 -18.36 11.38
CA ASP A 599 5.86 -19.57 10.87
C ASP A 599 6.89 -20.43 10.12
N ILE A 600 7.73 -19.84 9.26
CA ILE A 600 8.70 -20.56 8.40
C ILE A 600 9.95 -20.94 9.23
N LEU A 601 10.44 -20.02 10.05
CA LEU A 601 11.70 -20.17 10.84
C LEU A 601 11.53 -21.30 11.88
N TRP A 602 10.45 -21.24 12.66
CA TRP A 602 10.15 -22.21 13.75
C TRP A 602 9.61 -23.53 13.18
N ASN A 603 9.39 -23.62 11.86
CA ASN A 603 9.04 -24.89 11.18
C ASN A 603 10.18 -25.30 10.24
N ASP A 604 11.41 -24.89 10.55
CA ASP A 604 12.64 -25.37 9.86
C ASP A 604 12.85 -26.84 10.25
N ASP A 605 13.08 -27.71 9.24
CA ASP A 605 13.24 -29.18 9.42
C ASP A 605 14.38 -29.49 10.40
N ASP A 606 15.45 -28.69 10.40
CA ASP A 606 16.67 -28.89 11.23
C ASP A 606 16.61 -28.02 12.50
N ASN A 607 15.45 -27.43 12.82
CA ASN A 607 15.21 -26.61 14.04
C ASN A 607 16.35 -25.60 14.23
N ARG A 608 16.75 -24.90 13.17
CA ARG A 608 17.89 -23.94 13.16
C ARG A 608 17.58 -22.69 13.99
N TYR A 609 16.30 -22.32 14.10
CA TYR A 609 15.84 -21.01 14.63
C TYR A 609 15.10 -21.22 15.96
N ILE A 610 15.26 -22.39 16.58
CA ILE A 610 14.51 -22.78 17.81
C ILE A 610 14.92 -21.85 18.96
N SER A 611 16.13 -21.26 18.92
CA SER A 611 16.67 -20.35 19.96
C SER A 611 17.09 -19.00 19.36
N ILE A 612 16.34 -18.53 18.35
CA ILE A 612 16.66 -17.28 17.59
C ILE A 612 16.72 -16.09 18.56
N PHE A 613 15.88 -16.08 19.60
CA PHE A 613 15.70 -14.92 20.50
C PHE A 613 16.39 -15.14 21.86
N LYS A 614 16.91 -16.34 22.15
CA LYS A 614 17.38 -16.70 23.52
C LYS A 614 18.61 -15.87 23.88
N GLY A 615 19.49 -15.60 22.92
CA GLY A 615 20.74 -14.86 23.13
C GLY A 615 20.49 -13.38 23.40
N LEU A 616 19.22 -12.94 23.40
CA LEU A 616 18.79 -11.60 23.85
C LEU A 616 18.50 -11.71 25.35
N LYS A 617 19.56 -11.62 26.15
CA LYS A 617 19.58 -12.02 27.58
C LYS A 617 18.87 -10.97 28.45
N ASN A 618 18.73 -9.73 27.95
CA ASN A 618 18.17 -8.59 28.74
C ASN A 618 16.83 -8.13 28.15
N LEU A 619 16.23 -8.92 27.27
CA LEU A 619 14.97 -8.54 26.57
C LEU A 619 13.80 -8.62 27.56
N THR A 620 12.99 -7.56 27.64
CA THR A 620 11.80 -7.48 28.53
C THR A 620 10.52 -7.35 27.69
N ARG A 621 10.57 -6.78 26.49
CA ARG A 621 9.39 -6.62 25.61
C ARG A 621 9.68 -7.25 24.22
N LEU A 622 8.87 -8.24 23.84
CA LEU A 622 8.98 -8.92 22.52
C LEU A 622 7.61 -8.91 21.83
N ASP A 623 7.59 -8.49 20.56
CA ASP A 623 6.38 -8.41 19.69
C ASP A 623 6.50 -9.46 18.57
N LEU A 624 5.68 -10.52 18.64
CA LEU A 624 5.66 -11.63 17.65
C LEU A 624 4.40 -11.55 16.79
N SER A 625 3.65 -10.45 16.89
CA SER A 625 2.39 -10.23 16.16
C SER A 625 2.60 -10.37 14.65
N LEU A 626 1.55 -10.71 13.91
CA LEU A 626 1.54 -10.77 12.43
C LEU A 626 2.73 -11.57 11.91
N ASN A 627 2.91 -12.79 12.41
CA ASN A 627 3.95 -13.75 11.94
C ASN A 627 3.30 -15.04 11.42
N ARG A 628 1.97 -15.05 11.28
CA ARG A 628 1.19 -16.18 10.69
C ARG A 628 1.45 -17.49 11.46
N LEU A 629 1.57 -17.42 12.78
CA LEU A 629 1.83 -18.61 13.64
C LEU A 629 0.52 -19.35 13.89
N LYS A 630 0.51 -20.65 13.61
CA LYS A 630 -0.65 -21.55 13.88
C LYS A 630 -0.36 -22.37 15.15
N HIS A 631 0.87 -22.88 15.27
CA HIS A 631 1.36 -23.67 16.43
C HIS A 631 2.80 -23.24 16.73
N ILE A 632 3.13 -23.07 18.01
CA ILE A 632 4.51 -22.71 18.45
C ILE A 632 5.15 -23.94 19.09
N PRO A 633 6.22 -24.51 18.49
CA PRO A 633 6.93 -25.64 19.08
C PRO A 633 7.32 -25.33 20.53
N ASN A 634 6.95 -26.22 21.45
CA ASN A 634 7.19 -26.04 22.91
C ASN A 634 8.66 -25.66 23.11
N GLU A 635 9.59 -26.34 22.44
CA GLU A 635 11.04 -26.05 22.57
C GLU A 635 11.28 -24.57 22.22
N ALA A 636 10.69 -24.09 21.13
CA ALA A 636 10.90 -22.71 20.60
C ALA A 636 10.38 -21.68 21.60
N PHE A 637 9.17 -21.89 22.11
CA PHE A 637 8.51 -21.00 23.12
C PHE A 637 9.34 -20.98 24.42
N LEU A 638 9.93 -22.12 24.78
CA LEU A 638 10.78 -22.30 25.99
C LEU A 638 12.15 -21.65 25.80
N ASN A 639 12.49 -21.23 24.58
CA ASN A 639 13.77 -20.53 24.29
C ASN A 639 13.52 -19.03 24.11
N LEU A 640 12.30 -18.55 24.34
CA LEU A 640 12.06 -17.09 24.49
C LEU A 640 12.81 -16.68 25.77
N PRO A 641 13.46 -15.50 25.79
CA PRO A 641 14.20 -15.04 26.98
C PRO A 641 13.40 -15.14 28.28
N ALA A 642 14.05 -15.55 29.37
CA ALA A 642 13.44 -15.70 30.71
C ALA A 642 13.13 -14.31 31.30
N SER A 643 13.82 -13.28 30.79
CA SER A 643 13.74 -11.87 31.27
C SER A 643 12.43 -11.18 30.82
N LEU A 644 11.67 -11.81 29.92
CA LEU A 644 10.47 -11.19 29.30
C LEU A 644 9.47 -10.77 30.37
N THR A 645 9.14 -9.48 30.39
CA THR A 645 8.06 -8.86 31.20
C THR A 645 6.76 -8.81 30.38
N GLU A 646 6.88 -8.61 29.06
CA GLU A 646 5.75 -8.23 28.18
C GLU A 646 5.89 -8.96 26.84
N LEU A 647 5.02 -9.95 26.58
CA LEU A 647 5.04 -10.75 25.33
C LEU A 647 3.74 -10.52 24.55
N HIS A 648 3.86 -10.00 23.32
CA HIS A 648 2.75 -9.84 22.34
C HIS A 648 2.87 -10.89 21.23
N ILE A 649 1.87 -11.76 21.10
CA ILE A 649 1.74 -12.77 20.00
C ILE A 649 0.37 -12.58 19.32
N ASN A 650 -0.23 -11.40 19.48
CA ASN A 650 -1.57 -11.05 18.92
C ASN A 650 -1.53 -11.18 17.40
N ASP A 651 -2.72 -11.19 16.78
CA ASP A 651 -2.90 -11.17 15.29
C ASP A 651 -1.99 -12.21 14.62
N ASN A 652 -1.98 -13.43 15.16
CA ASN A 652 -1.48 -14.64 14.47
C ASN A 652 -2.71 -15.51 14.22
N MET A 653 -2.53 -16.82 13.99
CA MET A 653 -3.63 -17.78 13.76
C MET A 653 -3.50 -18.98 14.71
N LEU A 654 -3.13 -18.73 15.98
CA LEU A 654 -2.88 -19.79 17.00
C LEU A 654 -4.21 -20.47 17.36
N LYS A 655 -4.25 -21.80 17.23
CA LYS A 655 -5.41 -22.64 17.67
C LYS A 655 -5.17 -23.10 19.11
N PHE A 656 -3.93 -23.45 19.45
CA PHE A 656 -3.51 -23.92 20.80
C PHE A 656 -2.45 -22.99 21.39
N PHE A 657 -2.41 -22.93 22.72
CA PHE A 657 -1.34 -22.25 23.51
C PHE A 657 -1.05 -23.08 24.76
N ASN A 658 0.13 -23.69 24.83
CA ASN A 658 0.60 -24.53 25.95
C ASN A 658 0.83 -23.62 27.16
N TRP A 659 -0.22 -23.37 27.96
CA TRP A 659 -0.18 -22.49 29.15
C TRP A 659 0.88 -22.95 30.14
N THR A 660 1.15 -24.26 30.17
CA THR A 660 2.16 -24.92 31.05
C THR A 660 3.48 -24.13 31.01
N LEU A 661 3.92 -23.73 29.81
CA LEU A 661 5.30 -23.21 29.53
C LEU A 661 5.53 -21.85 30.21
N LEU A 662 4.46 -21.19 30.67
CA LEU A 662 4.56 -19.90 31.38
C LEU A 662 5.37 -20.06 32.68
N GLN A 663 5.46 -21.29 33.20
CA GLN A 663 6.30 -21.67 34.38
C GLN A 663 7.73 -21.17 34.20
N GLN A 664 8.25 -21.19 32.96
CA GLN A 664 9.66 -20.83 32.62
C GLN A 664 9.80 -19.29 32.51
N PHE A 665 8.70 -18.54 32.69
CA PHE A 665 8.66 -17.05 32.54
C PHE A 665 8.16 -16.42 33.84
N PRO A 666 9.04 -16.32 34.87
CA PRO A 666 8.66 -15.83 36.19
C PRO A 666 8.60 -14.30 36.34
N ARG A 667 8.95 -13.54 35.30
CA ARG A 667 8.91 -12.04 35.32
C ARG A 667 7.79 -11.52 34.43
N LEU A 668 7.06 -12.42 33.76
CA LEU A 668 6.02 -12.07 32.75
C LEU A 668 4.84 -11.38 33.44
N GLU A 669 4.67 -10.08 33.20
CA GLU A 669 3.54 -9.24 33.68
C GLU A 669 2.39 -9.27 32.66
N LEU A 670 2.70 -9.11 31.36
CA LEU A 670 1.68 -8.89 30.28
C LEU A 670 1.83 -9.94 29.17
N LEU A 671 0.74 -10.65 28.90
CA LEU A 671 0.63 -11.61 27.77
C LEU A 671 -0.53 -11.16 26.89
N ASP A 672 -0.23 -10.87 25.62
CA ASP A 672 -1.20 -10.42 24.60
C ASP A 672 -1.37 -11.54 23.58
N LEU A 673 -2.54 -12.18 23.57
CA LEU A 673 -2.89 -13.26 22.60
C LEU A 673 -4.11 -12.86 21.74
N ARG A 674 -4.48 -11.58 21.72
CA ARG A 674 -5.70 -11.10 21.02
C ARG A 674 -5.62 -11.41 19.53
N GLY A 675 -6.76 -11.66 18.89
CA GLY A 675 -6.83 -11.87 17.43
C GLY A 675 -6.12 -13.15 17.00
N ASN A 676 -6.35 -14.25 17.71
CA ASN A 676 -5.92 -15.61 17.30
C ASN A 676 -7.18 -16.46 17.15
N LYS A 677 -7.04 -17.79 17.11
CA LYS A 677 -8.17 -18.74 16.98
C LYS A 677 -8.18 -19.70 18.18
N LEU A 678 -7.84 -19.20 19.38
CA LEU A 678 -7.80 -20.00 20.63
C LEU A 678 -9.21 -20.47 21.01
N LEU A 679 -9.31 -21.66 21.62
CA LEU A 679 -10.59 -22.32 22.02
C LEU A 679 -10.59 -22.65 23.53
N PHE A 680 -9.41 -22.91 24.11
CA PHE A 680 -9.23 -23.62 25.41
C PHE A 680 -8.40 -22.76 26.37
N LEU A 681 -8.80 -22.74 27.65
CA LEU A 681 -8.03 -22.13 28.77
C LEU A 681 -7.60 -23.22 29.76
N THR A 682 -6.59 -22.91 30.59
CA THR A 682 -5.79 -23.90 31.35
C THR A 682 -6.64 -24.60 32.41
N ASP A 683 -7.46 -23.85 33.14
CA ASP A 683 -8.26 -24.30 34.33
C ASP A 683 -7.35 -24.47 35.55
N SER A 684 -6.09 -24.01 35.49
CA SER A 684 -5.11 -24.09 36.61
C SER A 684 -3.94 -23.15 36.37
N LEU A 685 -4.24 -21.90 36.03
CA LEU A 685 -3.25 -20.87 35.63
C LEU A 685 -2.28 -20.60 36.78
N SER A 686 -2.80 -20.59 38.02
CA SER A 686 -2.05 -20.33 39.28
C SER A 686 -0.81 -21.22 39.39
N ASP A 687 -0.88 -22.45 38.88
CA ASP A 687 0.23 -23.44 38.90
C ASP A 687 1.35 -23.00 37.94
N PHE A 688 1.06 -22.10 36.99
CA PHE A 688 1.94 -21.78 35.84
C PHE A 688 2.55 -20.37 35.95
N THR A 689 1.88 -19.42 36.60
CA THR A 689 2.43 -18.06 36.83
C THR A 689 2.00 -17.49 38.19
N SER A 690 2.95 -16.81 38.83
CA SER A 690 2.74 -15.91 39.99
C SER A 690 2.97 -14.45 39.59
N SER A 691 3.38 -14.22 38.33
CA SER A 691 3.88 -12.92 37.83
C SER A 691 2.80 -12.15 37.05
N LEU A 692 1.92 -12.87 36.33
CA LEU A 692 1.04 -12.32 35.26
C LEU A 692 0.07 -11.29 35.85
N ARG A 693 0.16 -10.04 35.39
CA ARG A 693 -0.72 -8.90 35.79
C ARG A 693 -1.83 -8.68 34.77
N THR A 694 -1.50 -8.73 33.47
CA THR A 694 -2.41 -8.36 32.35
C THR A 694 -2.44 -9.49 31.31
N LEU A 695 -3.62 -10.07 31.09
CA LEU A 695 -3.85 -11.16 30.09
C LEU A 695 -4.92 -10.69 29.10
N LEU A 696 -4.55 -10.51 27.84
CA LEU A 696 -5.43 -10.02 26.75
C LEU A 696 -5.76 -11.19 25.82
N LEU A 697 -7.05 -11.57 25.76
CA LEU A 697 -7.55 -12.70 24.93
C LEU A 697 -8.71 -12.28 24.01
N SER A 698 -8.93 -10.97 23.82
CA SER A 698 -9.91 -10.40 22.86
C SER A 698 -9.74 -11.04 21.47
N HIS A 699 -10.86 -11.24 20.76
CA HIS A 699 -10.89 -11.75 19.36
C HIS A 699 -10.22 -13.12 19.29
N ASN A 700 -10.77 -14.07 20.07
CA ASN A 700 -10.52 -15.52 19.95
C ASN A 700 -11.87 -16.22 19.86
N ARG A 701 -11.88 -17.56 19.98
CA ARG A 701 -13.09 -18.41 19.87
C ARG A 701 -13.29 -19.17 21.19
N ILE A 702 -12.99 -18.53 22.32
CA ILE A 702 -13.17 -19.10 23.70
C ILE A 702 -14.67 -19.10 24.00
N SER A 703 -15.25 -20.27 24.29
CA SER A 703 -16.71 -20.44 24.53
C SER A 703 -16.99 -20.82 25.99
N HIS A 704 -15.99 -21.28 26.74
CA HIS A 704 -16.16 -21.77 28.14
C HIS A 704 -14.96 -21.33 29.01
N LEU A 705 -15.28 -20.74 30.17
CA LEU A 705 -14.34 -20.43 31.28
C LEU A 705 -14.27 -21.61 32.23
N PRO A 706 -13.07 -22.15 32.53
CA PRO A 706 -12.93 -23.14 33.59
C PRO A 706 -13.52 -22.62 34.92
N SER A 707 -14.11 -23.52 35.72
CA SER A 707 -14.86 -23.19 36.96
C SER A 707 -13.98 -22.36 37.90
N GLY A 708 -12.73 -22.79 38.09
CA GLY A 708 -11.71 -22.07 38.90
C GLY A 708 -10.74 -21.34 38.01
N PHE A 709 -11.14 -20.18 37.48
CA PHE A 709 -10.32 -19.33 36.58
C PHE A 709 -10.39 -17.87 37.03
N LEU A 710 -11.58 -17.27 36.94
CA LEU A 710 -11.88 -15.88 37.39
C LEU A 710 -11.37 -15.70 38.83
N SER A 711 -11.78 -16.58 39.74
CA SER A 711 -11.17 -16.76 41.09
C SER A 711 -9.81 -17.46 40.93
N GLU A 712 -8.83 -17.06 41.74
CA GLU A 712 -7.44 -17.60 41.74
C GLU A 712 -6.63 -16.93 40.62
N VAL A 713 -5.29 -17.01 40.72
CA VAL A 713 -4.30 -16.12 40.03
C VAL A 713 -4.40 -14.73 40.67
N SER A 714 -3.85 -14.57 41.87
CA SER A 714 -3.93 -13.35 42.71
C SER A 714 -3.15 -12.20 42.06
N SER A 715 -2.21 -12.51 41.16
CA SER A 715 -1.39 -11.52 40.42
C SER A 715 -2.24 -10.80 39.35
N LEU A 716 -3.19 -11.51 38.75
CA LEU A 716 -4.01 -11.01 37.62
C LEU A 716 -4.80 -9.79 38.07
N LYS A 717 -4.56 -8.65 37.41
CA LYS A 717 -5.24 -7.35 37.65
C LYS A 717 -6.21 -7.06 36.50
N HIS A 718 -5.82 -7.41 35.27
CA HIS A 718 -6.57 -7.09 34.03
C HIS A 718 -6.72 -8.36 33.18
N LEU A 719 -7.97 -8.79 32.95
CA LEU A 719 -8.33 -9.93 32.08
C LEU A 719 -9.25 -9.41 30.97
N ASP A 720 -8.88 -9.67 29.72
CA ASP A 720 -9.64 -9.22 28.52
C ASP A 720 -10.18 -10.45 27.78
N LEU A 721 -11.49 -10.69 27.89
CA LEU A 721 -12.22 -11.81 27.23
C LEU A 721 -13.29 -11.26 26.28
N SER A 722 -13.20 -9.98 25.92
CA SER A 722 -14.08 -9.32 24.93
C SER A 722 -13.98 -10.00 23.56
N SER A 723 -15.05 -9.94 22.77
CA SER A 723 -15.15 -10.48 21.39
C SER A 723 -14.72 -11.95 21.32
N ASN A 724 -15.17 -12.76 22.28
CA ASN A 724 -15.06 -14.24 22.29
C ASN A 724 -16.46 -14.82 22.03
N LEU A 725 -16.66 -16.13 22.26
CA LEU A 725 -17.96 -16.84 22.04
C LEU A 725 -18.56 -17.27 23.38
N LEU A 726 -18.32 -16.53 24.46
CA LEU A 726 -18.91 -16.84 25.80
C LEU A 726 -20.44 -16.66 25.74
N LYS A 727 -21.17 -17.73 26.04
CA LYS A 727 -22.65 -17.78 26.13
C LYS A 727 -23.07 -17.40 27.57
N THR A 728 -22.23 -17.76 28.55
CA THR A 728 -22.45 -17.52 30.01
C THR A 728 -21.15 -17.82 30.77
N ILE A 729 -21.10 -17.48 32.07
CA ILE A 729 -19.88 -17.60 32.91
C ILE A 729 -19.90 -18.93 33.68
N ASN A 730 -20.76 -19.05 34.72
CA ASN A 730 -21.07 -20.31 35.45
C ASN A 730 -20.09 -20.49 36.63
N LYS A 741 -5.80 -9.14 43.70
CA LYS A 741 -6.83 -9.81 42.86
C LYS A 741 -7.18 -8.94 41.65
N LEU A 742 -8.18 -9.40 40.89
CA LEU A 742 -8.68 -8.76 39.64
C LEU A 742 -9.22 -7.37 39.96
N SER A 743 -9.19 -6.47 38.98
CA SER A 743 -9.64 -5.05 39.12
C SER A 743 -10.18 -4.52 37.79
N MET A 744 -9.96 -5.23 36.67
CA MET A 744 -10.63 -4.96 35.38
C MET A 744 -10.90 -6.27 34.64
N LEU A 745 -12.13 -6.41 34.12
CA LEU A 745 -12.63 -7.60 33.39
C LEU A 745 -13.45 -7.13 32.18
N GLU A 746 -12.95 -7.38 30.97
CA GLU A 746 -13.60 -6.96 29.70
C GLU A 746 -14.33 -8.16 29.10
N LEU A 747 -15.62 -7.97 28.79
CA LEU A 747 -16.53 -9.04 28.31
C LEU A 747 -17.41 -8.57 27.14
N HIS A 748 -17.37 -7.28 26.79
CA HIS A 748 -18.14 -6.69 25.66
C HIS A 748 -17.90 -7.54 24.40
N GLY A 749 -18.93 -7.73 23.57
CA GLY A 749 -18.83 -8.41 22.27
C GLY A 749 -18.93 -9.93 22.36
N ASN A 750 -19.34 -10.46 23.52
CA ASN A 750 -19.62 -11.91 23.70
C ASN A 750 -21.11 -12.19 23.50
N PRO A 751 -21.49 -13.32 22.85
CA PRO A 751 -22.89 -13.60 22.52
C PRO A 751 -23.65 -14.28 23.68
N PHE A 752 -23.96 -13.51 24.71
CA PHE A 752 -24.48 -14.00 26.02
C PHE A 752 -25.93 -14.49 25.89
N GLU A 753 -26.20 -15.69 26.40
CA GLU A 753 -27.56 -16.23 26.66
C GLU A 753 -28.11 -15.58 27.94
N CYS A 754 -29.12 -14.71 27.81
CA CYS A 754 -29.72 -13.93 28.92
C CYS A 754 -30.99 -14.63 29.41
N THR A 755 -30.81 -15.78 30.06
CA THR A 755 -31.88 -16.71 30.51
C THR A 755 -31.52 -17.29 31.88
N CYS A 756 -31.82 -16.55 32.96
CA CYS A 756 -31.75 -17.03 34.38
C CYS A 756 -30.35 -17.51 34.76
N ASP A 757 -29.74 -18.43 34.00
CA ASP A 757 -28.40 -18.99 34.30
C ASP A 757 -27.39 -17.82 34.43
N ILE A 758 -27.51 -16.82 33.57
CA ILE A 758 -26.68 -15.58 33.57
C ILE A 758 -26.72 -14.91 34.95
N GLY A 759 -27.89 -14.93 35.60
CA GLY A 759 -28.17 -14.25 36.88
C GLY A 759 -27.14 -14.55 37.95
N ASP A 760 -26.53 -15.74 37.93
CA ASP A 760 -25.43 -16.13 38.86
C ASP A 760 -24.25 -15.16 38.70
N PHE A 761 -23.80 -14.92 37.47
CA PHE A 761 -22.71 -13.95 37.13
C PHE A 761 -23.14 -12.53 37.56
N ARG A 762 -24.36 -12.13 37.19
CA ARG A 762 -24.95 -10.80 37.52
C ARG A 762 -24.91 -10.56 39.04
N ARG A 763 -24.98 -11.62 39.83
CA ARG A 763 -24.80 -11.59 41.31
C ARG A 763 -23.35 -11.21 41.61
N TRP A 764 -22.41 -11.96 41.03
CA TRP A 764 -20.93 -11.81 41.18
C TRP A 764 -20.48 -10.37 40.86
N MET A 765 -21.11 -9.72 39.87
CA MET A 765 -20.80 -8.32 39.47
C MET A 765 -21.20 -7.38 40.60
N ASP A 766 -22.34 -7.63 41.25
CA ASP A 766 -22.91 -6.82 42.35
C ASP A 766 -22.06 -7.04 43.62
N GLU A 767 -21.52 -8.24 43.80
CA GLU A 767 -20.68 -8.63 44.98
C GLU A 767 -19.30 -7.97 44.85
N HIS A 768 -18.61 -8.21 43.75
CA HIS A 768 -17.23 -7.70 43.45
C HIS A 768 -17.33 -6.39 42.65
N LEU A 769 -17.61 -5.27 43.33
CA LEU A 769 -17.81 -3.93 42.70
C LEU A 769 -16.45 -3.27 42.43
N ASN A 770 -15.38 -3.76 43.08
CA ASN A 770 -13.99 -3.26 42.89
C ASN A 770 -13.51 -3.60 41.47
N VAL A 771 -13.93 -4.75 40.94
CA VAL A 771 -13.63 -5.19 39.54
C VAL A 771 -14.42 -4.30 38.56
N LYS A 772 -13.75 -3.34 37.93
CA LYS A 772 -14.30 -2.49 36.84
C LYS A 772 -14.59 -3.36 35.62
N ILE A 773 -15.86 -3.45 35.21
CA ILE A 773 -16.26 -4.01 33.88
C ILE A 773 -16.56 -2.83 32.96
N PRO A 774 -15.62 -2.45 32.07
CA PRO A 774 -15.83 -1.31 31.18
C PRO A 774 -16.79 -1.63 30.02
N ARG A 775 -17.49 -0.60 29.54
CA ARG A 775 -18.33 -0.65 28.30
C ARG A 775 -19.48 -1.62 28.53
N LEU A 776 -20.15 -1.47 29.68
CA LEU A 776 -21.29 -2.34 30.11
C LEU A 776 -22.38 -2.28 29.04
N VAL A 777 -22.50 -1.13 28.38
CA VAL A 777 -23.45 -0.85 27.26
C VAL A 777 -23.24 -1.86 26.12
N ASP A 778 -22.02 -2.37 25.94
CA ASP A 778 -21.63 -3.24 24.79
C ASP A 778 -21.51 -4.70 25.24
N VAL A 779 -21.80 -4.99 26.51
CA VAL A 779 -21.95 -6.38 27.04
C VAL A 779 -23.41 -6.80 26.84
N ILE A 780 -23.72 -7.40 25.68
CA ILE A 780 -25.10 -7.53 25.12
C ILE A 780 -25.56 -8.99 25.20
N CYS A 781 -26.88 -9.18 25.28
CA CYS A 781 -27.56 -10.49 25.11
C CYS A 781 -27.70 -10.80 23.62
N ALA A 782 -27.26 -11.99 23.20
CA ALA A 782 -27.45 -12.53 21.83
C ALA A 782 -28.82 -13.20 21.75
N SER A 783 -29.26 -13.80 22.86
CA SER A 783 -30.49 -14.62 23.00
C SER A 783 -31.01 -14.53 24.43
N PRO A 784 -32.32 -14.75 24.69
CA PRO A 784 -33.30 -15.09 23.64
C PRO A 784 -33.74 -13.87 22.81
N GLY A 785 -34.62 -14.09 21.84
CA GLY A 785 -35.09 -13.08 20.88
C GLY A 785 -35.52 -11.77 21.53
N ASP A 786 -36.18 -11.83 22.70
CA ASP A 786 -36.77 -10.64 23.36
C ASP A 786 -35.66 -9.83 24.05
N GLN A 787 -34.49 -10.45 24.29
CA GLN A 787 -33.33 -9.81 24.96
C GLN A 787 -32.33 -9.28 23.92
N ARG A 788 -32.21 -9.93 22.75
CA ARG A 788 -31.19 -9.61 21.71
C ARG A 788 -31.13 -8.09 21.48
N GLY A 789 -30.28 -7.40 22.26
CA GLY A 789 -30.06 -5.94 22.15
C GLY A 789 -29.72 -5.31 23.48
N LYS A 790 -30.38 -5.77 24.55
CA LYS A 790 -30.20 -5.23 25.93
C LYS A 790 -28.80 -5.61 26.43
N SER A 791 -28.15 -4.70 27.15
CA SER A 791 -26.98 -5.02 28.02
C SER A 791 -27.44 -6.08 29.04
N ILE A 792 -26.49 -6.81 29.64
CA ILE A 792 -26.81 -7.92 30.59
C ILE A 792 -27.05 -7.34 31.98
N VAL A 793 -27.14 -6.01 32.10
CA VAL A 793 -27.45 -5.30 33.39
C VAL A 793 -28.92 -4.84 33.35
N SER A 794 -29.70 -5.29 32.37
CA SER A 794 -31.12 -4.90 32.17
C SER A 794 -32.09 -6.01 32.61
N LEU A 795 -31.62 -7.26 32.69
CA LEU A 795 -32.44 -8.43 33.10
C LEU A 795 -32.97 -8.22 34.52
N GLU A 796 -34.03 -8.97 34.88
CA GLU A 796 -34.63 -9.03 36.24
C GLU A 796 -34.33 -10.38 36.91
N LEU A 797 -34.97 -10.66 38.06
CA LEU A 797 -34.97 -11.98 38.75
C LEU A 797 -36.42 -12.36 39.08
N THR A 798 -36.99 -13.29 38.31
CA THR A 798 -38.39 -13.80 38.46
C THR A 798 -38.43 -15.29 38.10
N ARG B 10 -19.06 -32.83 -21.62
CA ARG B 10 -18.71 -32.76 -20.18
C ARG B 10 -18.79 -34.16 -19.55
N SER B 11 -17.67 -34.88 -19.54
CA SER B 11 -17.45 -36.10 -18.73
C SER B 11 -17.02 -35.66 -17.33
N TYR B 12 -17.33 -36.45 -16.30
CA TYR B 12 -16.95 -36.22 -14.88
C TYR B 12 -15.73 -37.07 -14.55
N PRO B 13 -14.72 -36.57 -13.78
CA PRO B 13 -14.64 -35.17 -13.35
C PRO B 13 -13.82 -34.24 -14.27
N CYS B 14 -13.58 -34.66 -15.52
CA CYS B 14 -12.68 -33.99 -16.49
C CYS B 14 -13.47 -33.22 -17.54
N ASP B 15 -13.24 -31.92 -17.68
CA ASP B 15 -13.84 -31.08 -18.74
C ASP B 15 -13.16 -31.41 -20.08
N GLU B 16 -13.78 -32.29 -20.88
CA GLU B 16 -13.28 -32.68 -22.24
C GLU B 16 -13.61 -31.57 -23.24
N LYS B 17 -12.63 -31.19 -24.07
CA LYS B 17 -12.74 -30.11 -25.09
C LYS B 17 -12.19 -30.61 -26.43
N LYS B 18 -12.88 -30.30 -27.52
CA LYS B 18 -12.47 -30.66 -28.90
C LYS B 18 -11.61 -29.52 -29.44
N GLN B 19 -10.48 -29.84 -30.08
CA GLN B 19 -9.51 -28.85 -30.64
C GLN B 19 -8.77 -29.48 -31.81
N ASN B 20 -8.96 -28.97 -33.03
CA ASN B 20 -8.21 -29.36 -34.26
C ASN B 20 -8.13 -30.89 -34.37
N ASP B 21 -9.28 -31.56 -34.50
CA ASP B 21 -9.39 -33.02 -34.82
C ASP B 21 -8.70 -33.87 -33.75
N SER B 22 -8.82 -33.48 -32.48
CA SER B 22 -8.39 -34.28 -31.30
C SER B 22 -9.02 -33.74 -30.02
N VAL B 23 -9.18 -34.59 -29.00
CA VAL B 23 -9.96 -34.27 -27.76
C VAL B 23 -9.00 -34.21 -26.57
N ILE B 24 -8.97 -33.05 -25.89
CA ILE B 24 -8.15 -32.78 -24.66
C ILE B 24 -9.03 -33.00 -23.42
N ALA B 25 -8.44 -33.58 -22.37
CA ALA B 25 -9.09 -33.78 -21.05
C ALA B 25 -8.35 -32.96 -20.00
N GLU B 26 -9.02 -31.97 -19.40
CA GLU B 26 -8.48 -31.15 -18.28
C GLU B 26 -9.05 -31.70 -16.98
N CYS B 27 -8.24 -32.38 -16.18
CA CYS B 27 -8.60 -32.86 -14.82
C CYS B 27 -7.60 -32.31 -13.80
N SER B 28 -7.11 -31.09 -14.04
CA SER B 28 -6.14 -30.43 -13.13
C SER B 28 -6.89 -29.81 -11.95
N ASN B 29 -6.26 -29.74 -10.77
CA ASN B 29 -6.74 -28.92 -9.64
C ASN B 29 -8.17 -29.33 -9.28
N ARG B 30 -8.39 -30.63 -9.04
CA ARG B 30 -9.73 -31.24 -8.76
C ARG B 30 -9.65 -32.26 -7.61
N ARG B 31 -8.64 -32.15 -6.75
CA ARG B 31 -8.46 -32.96 -5.51
C ARG B 31 -8.60 -34.47 -5.79
N LEU B 32 -8.34 -34.92 -7.03
CA LEU B 32 -8.45 -36.35 -7.43
C LEU B 32 -7.39 -37.15 -6.68
N GLN B 33 -7.80 -38.24 -6.01
CA GLN B 33 -6.90 -39.08 -5.15
C GLN B 33 -6.34 -40.25 -5.97
N GLU B 34 -6.81 -40.43 -7.20
CA GLU B 34 -6.28 -41.46 -8.12
C GLU B 34 -6.73 -41.14 -9.55
N VAL B 35 -6.08 -41.75 -10.54
CA VAL B 35 -6.35 -41.49 -12.00
C VAL B 35 -7.80 -41.87 -12.25
N PRO B 36 -8.68 -40.93 -12.67
CA PRO B 36 -10.08 -41.27 -12.92
C PRO B 36 -10.16 -42.28 -14.06
N GLN B 37 -10.99 -43.32 -13.92
CA GLN B 37 -11.22 -44.38 -14.93
C GLN B 37 -12.48 -44.08 -15.74
N THR B 38 -12.99 -42.84 -15.64
CA THR B 38 -14.18 -42.35 -16.40
C THR B 38 -13.71 -41.39 -17.51
N VAL B 39 -12.54 -41.65 -18.10
CA VAL B 39 -11.93 -40.78 -19.16
C VAL B 39 -12.22 -41.41 -20.52
N GLY B 40 -12.73 -40.62 -21.47
CA GLY B 40 -13.12 -41.07 -22.82
C GLY B 40 -11.99 -41.78 -23.53
N LYS B 41 -12.28 -42.89 -24.22
CA LYS B 41 -11.28 -43.70 -24.97
C LYS B 41 -10.69 -42.86 -26.12
N TYR B 42 -11.40 -41.81 -26.53
CA TYR B 42 -11.12 -40.99 -27.74
C TYR B 42 -10.09 -39.88 -27.42
N VAL B 43 -9.83 -39.63 -26.14
CA VAL B 43 -8.89 -38.58 -25.63
C VAL B 43 -7.47 -38.81 -26.15
N THR B 44 -6.77 -37.73 -26.47
CA THR B 44 -5.37 -37.72 -27.00
C THR B 44 -4.41 -37.00 -26.05
N GLU B 45 -4.90 -36.08 -25.21
CA GLU B 45 -4.11 -35.28 -24.24
C GLU B 45 -4.86 -35.22 -22.90
N LEU B 46 -4.19 -35.67 -21.83
CA LEU B 46 -4.78 -35.77 -20.45
C LEU B 46 -3.93 -34.95 -19.47
N ASP B 47 -4.51 -33.88 -18.91
CA ASP B 47 -3.89 -33.01 -17.87
C ASP B 47 -4.41 -33.44 -16.49
N LEU B 48 -3.53 -33.98 -15.65
CA LEU B 48 -3.86 -34.42 -14.26
C LEU B 48 -3.00 -33.64 -13.24
N SER B 49 -2.54 -32.44 -13.58
CA SER B 49 -1.61 -31.61 -12.76
C SER B 49 -2.33 -31.09 -11.52
N ASP B 50 -1.58 -30.79 -10.45
CA ASP B 50 -2.09 -30.17 -9.19
C ASP B 50 -3.22 -31.02 -8.60
N ASN B 51 -2.99 -32.32 -8.43
CA ASN B 51 -3.95 -33.29 -7.83
C ASN B 51 -3.27 -33.97 -6.64
N PHE B 52 -3.86 -35.06 -6.09
CA PHE B 52 -3.33 -35.83 -4.94
C PHE B 52 -3.11 -37.30 -5.32
N ILE B 53 -2.90 -37.59 -6.61
CA ILE B 53 -2.55 -38.95 -7.12
C ILE B 53 -1.16 -39.32 -6.58
N THR B 54 -1.01 -40.55 -6.06
CA THR B 54 0.24 -41.08 -5.46
C THR B 54 0.71 -42.36 -6.16
N HIS B 55 -0.14 -42.99 -6.98
CA HIS B 55 0.17 -44.28 -7.62
C HIS B 55 -0.13 -44.21 -9.13
N ILE B 56 0.85 -44.63 -9.94
CA ILE B 56 0.68 -44.90 -11.41
C ILE B 56 1.12 -46.34 -11.68
N THR B 57 0.16 -47.23 -11.91
CA THR B 57 0.36 -48.66 -12.25
C THR B 57 0.21 -48.83 -13.76
N ASN B 58 0.42 -50.05 -14.28
CA ASN B 58 0.22 -50.38 -15.72
C ASN B 58 -1.29 -50.44 -16.02
N GLU B 59 -2.16 -50.30 -15.00
CA GLU B 59 -3.64 -50.34 -15.12
C GLU B 59 -4.23 -48.93 -15.00
N SER B 60 -3.40 -47.92 -14.73
CA SER B 60 -3.82 -46.50 -14.52
C SER B 60 -4.37 -45.91 -15.83
N PHE B 61 -3.85 -46.34 -16.98
CA PHE B 61 -4.25 -45.86 -18.33
C PHE B 61 -4.57 -47.06 -19.23
N GLN B 62 -5.33 -48.04 -18.71
CA GLN B 62 -5.83 -49.21 -19.49
C GLN B 62 -6.79 -48.69 -20.56
N GLY B 63 -6.79 -49.33 -21.74
CA GLY B 63 -7.41 -48.79 -22.96
C GLY B 63 -6.71 -47.51 -23.37
N LEU B 64 -7.43 -46.39 -23.37
CA LEU B 64 -6.88 -45.01 -23.56
C LEU B 64 -5.62 -45.07 -24.44
N GLN B 65 -5.66 -45.86 -25.52
CA GLN B 65 -4.48 -46.21 -26.35
C GLN B 65 -4.12 -45.02 -27.26
N ASN B 66 -5.02 -44.05 -27.39
CA ASN B 66 -4.86 -42.89 -28.32
C ASN B 66 -4.19 -41.72 -27.59
N LEU B 67 -3.67 -41.91 -26.37
CA LEU B 67 -3.00 -40.84 -25.59
C LEU B 67 -1.61 -40.56 -26.17
N THR B 68 -1.37 -39.30 -26.59
CA THR B 68 -0.08 -38.76 -27.10
C THR B 68 0.61 -37.89 -26.04
N LYS B 69 -0.16 -37.29 -25.12
CA LYS B 69 0.37 -36.38 -24.07
C LYS B 69 -0.31 -36.70 -22.72
N ILE B 70 0.49 -36.83 -21.67
CA ILE B 70 0.03 -36.97 -20.26
C ILE B 70 0.77 -35.92 -19.44
N ASN B 71 0.04 -35.11 -18.66
CA ASN B 71 0.63 -34.15 -17.68
C ASN B 71 0.24 -34.61 -16.27
N LEU B 72 1.22 -34.88 -15.42
CA LEU B 72 1.01 -35.38 -14.03
C LEU B 72 1.76 -34.48 -13.04
N ASN B 73 2.12 -33.26 -13.48
CA ASN B 73 2.97 -32.30 -12.72
C ASN B 73 2.31 -32.01 -11.36
N HIS B 74 3.12 -31.78 -10.33
CA HIS B 74 2.68 -31.38 -8.96
C HIS B 74 1.67 -32.40 -8.46
N ASN B 75 2.14 -33.60 -8.11
CA ASN B 75 1.31 -34.73 -7.63
C ASN B 75 2.13 -35.57 -6.65
N PRO B 76 1.75 -35.66 -5.35
CA PRO B 76 0.65 -34.87 -4.79
C PRO B 76 1.11 -33.48 -4.32
N ASN B 77 0.27 -32.76 -3.57
CA ASN B 77 0.60 -31.46 -2.90
C ASN B 77 0.56 -31.67 -1.38
N ASN B 90 3.49 -37.42 0.30
CA ASN B 90 4.89 -37.86 0.51
C ASN B 90 5.63 -37.84 -0.84
N GLY B 91 5.20 -38.68 -1.79
CA GLY B 91 5.81 -38.79 -3.14
C GLY B 91 4.88 -39.45 -4.14
N LEU B 92 5.26 -39.46 -5.42
CA LEU B 92 4.52 -40.17 -6.51
C LEU B 92 5.22 -41.50 -6.79
N ASN B 93 4.44 -42.59 -6.80
CA ASN B 93 4.95 -43.98 -6.96
C ASN B 93 4.58 -44.48 -8.37
N ILE B 94 5.53 -44.43 -9.31
CA ILE B 94 5.36 -44.89 -10.72
C ILE B 94 6.03 -46.25 -10.87
N THR B 95 5.25 -47.30 -11.15
CA THR B 95 5.74 -48.69 -11.28
C THR B 95 6.55 -48.81 -12.57
N ASP B 96 7.43 -49.79 -12.65
CA ASP B 96 8.24 -50.09 -13.87
C ASP B 96 7.27 -50.41 -15.00
N GLY B 97 7.52 -49.88 -16.20
CA GLY B 97 6.71 -50.14 -17.41
C GLY B 97 5.24 -49.83 -17.21
N ALA B 98 4.93 -48.78 -16.44
CA ALA B 98 3.55 -48.31 -16.19
C ALA B 98 2.95 -47.72 -17.46
N PHE B 99 3.77 -47.05 -18.27
CA PHE B 99 3.34 -46.33 -19.51
C PHE B 99 3.61 -47.17 -20.77
N LEU B 100 4.41 -48.23 -20.64
CA LEU B 100 4.98 -49.00 -21.79
C LEU B 100 3.89 -49.41 -22.77
N ASN B 101 2.66 -49.62 -22.29
CA ASN B 101 1.47 -50.04 -23.10
C ASN B 101 1.10 -48.94 -24.10
N LEU B 102 1.19 -47.67 -23.67
CA LEU B 102 0.77 -46.49 -24.49
C LEU B 102 1.77 -46.28 -25.63
N LYS B 103 1.51 -46.92 -26.77
CA LYS B 103 2.47 -47.03 -27.91
C LYS B 103 2.53 -45.71 -28.69
N ASN B 104 1.68 -44.73 -28.38
CA ASN B 104 1.60 -43.42 -29.08
C ASN B 104 1.95 -42.26 -28.15
N LEU B 105 2.50 -42.53 -26.96
CA LEU B 105 2.84 -41.49 -25.96
C LEU B 105 4.09 -40.73 -26.43
N ARG B 106 3.90 -39.45 -26.81
CA ARG B 106 4.97 -38.54 -27.32
C ARG B 106 5.48 -37.62 -26.20
N GLU B 107 4.57 -36.99 -25.45
CA GLU B 107 4.88 -35.97 -24.41
C GLU B 107 4.45 -36.48 -23.03
N LEU B 108 5.41 -36.70 -22.12
CA LEU B 108 5.17 -37.14 -20.72
C LEU B 108 5.76 -36.11 -19.76
N LEU B 109 4.89 -35.36 -19.05
CA LEU B 109 5.30 -34.31 -18.08
C LEU B 109 5.14 -34.82 -16.65
N LEU B 110 6.25 -34.96 -15.93
CA LEU B 110 6.34 -35.53 -14.56
C LEU B 110 7.16 -34.58 -13.67
N GLU B 111 6.75 -33.31 -13.59
CA GLU B 111 7.48 -32.25 -12.84
C GLU B 111 6.97 -32.20 -11.39
N ASP B 112 7.86 -31.95 -10.43
CA ASP B 112 7.53 -31.71 -9.01
C ASP B 112 6.68 -32.88 -8.48
N ASN B 113 7.19 -34.10 -8.60
CA ASN B 113 6.49 -35.35 -8.20
C ASN B 113 7.26 -36.06 -7.07
N GLN B 114 8.40 -35.53 -6.64
CA GLN B 114 9.26 -36.08 -5.55
C GLN B 114 9.87 -37.42 -5.98
N LEU B 115 10.05 -37.62 -7.29
CA LEU B 115 10.50 -38.92 -7.88
C LEU B 115 11.92 -39.20 -7.46
N PRO B 116 12.23 -40.42 -6.96
CA PRO B 116 13.59 -40.76 -6.51
C PRO B 116 14.50 -41.24 -7.64
N GLN B 117 13.93 -41.81 -8.70
CA GLN B 117 14.65 -42.29 -9.90
C GLN B 117 13.80 -42.05 -11.15
N ILE B 118 14.45 -41.95 -12.31
CA ILE B 118 13.76 -41.84 -13.63
C ILE B 118 12.95 -43.12 -13.79
N PRO B 119 11.60 -43.06 -13.82
CA PRO B 119 10.79 -44.27 -13.90
C PRO B 119 11.30 -45.20 -15.01
N SER B 120 11.58 -46.48 -14.66
CA SER B 120 12.07 -47.52 -15.58
C SER B 120 10.96 -47.90 -16.56
N GLY B 121 11.33 -48.32 -17.78
CA GLY B 121 10.42 -48.87 -18.80
C GLY B 121 9.50 -47.80 -19.36
N LEU B 122 10.04 -46.63 -19.68
CA LEU B 122 9.29 -45.56 -20.37
C LEU B 122 9.12 -45.96 -21.83
N PRO B 123 8.04 -45.52 -22.52
CA PRO B 123 7.77 -45.93 -23.90
C PRO B 123 8.74 -45.30 -24.91
N GLU B 124 9.26 -46.11 -25.83
CA GLU B 124 10.24 -45.72 -26.87
C GLU B 124 9.68 -44.59 -27.76
N SER B 125 8.35 -44.45 -27.82
CA SER B 125 7.65 -43.44 -28.66
C SER B 125 7.89 -42.02 -28.14
N LEU B 126 8.35 -41.88 -26.88
CA LEU B 126 8.56 -40.56 -26.20
C LEU B 126 9.49 -39.67 -27.04
N THR B 127 9.03 -38.44 -27.28
CA THR B 127 9.80 -37.36 -27.96
C THR B 127 10.13 -36.23 -26.96
N GLU B 128 9.25 -35.97 -25.99
CA GLU B 128 9.41 -34.90 -24.97
C GLU B 128 9.17 -35.49 -23.58
N LEU B 129 10.20 -35.57 -22.75
CA LEU B 129 10.11 -36.01 -21.33
C LEU B 129 10.56 -34.86 -20.43
N SER B 130 9.80 -34.59 -19.36
CA SER B 130 10.07 -33.49 -18.38
C SER B 130 10.07 -34.07 -16.97
N LEU B 131 11.18 -33.95 -16.24
CA LEU B 131 11.35 -34.52 -14.87
C LEU B 131 11.89 -33.44 -13.93
N ILE B 132 11.66 -32.16 -14.22
CA ILE B 132 12.23 -31.04 -13.41
C ILE B 132 11.60 -31.10 -12.01
N GLN B 133 12.32 -30.59 -11.01
CA GLN B 133 11.88 -30.50 -9.59
C GLN B 133 11.53 -31.89 -9.06
N ASN B 134 12.51 -32.80 -9.03
CA ASN B 134 12.37 -34.14 -8.41
C ASN B 134 13.64 -34.41 -7.59
N ASN B 135 13.78 -35.62 -7.06
CA ASN B 135 14.98 -36.07 -6.29
C ASN B 135 15.75 -37.10 -7.12
N ILE B 136 15.92 -36.82 -8.42
CA ILE B 136 16.64 -37.68 -9.40
C ILE B 136 18.14 -37.38 -9.32
N TYR B 137 18.89 -38.24 -8.62
CA TYR B 137 20.36 -38.12 -8.41
C TYR B 137 21.11 -38.97 -9.44
N ASN B 138 20.50 -40.07 -9.90
CA ASN B 138 21.11 -41.04 -10.85
C ASN B 138 20.46 -40.89 -12.24
N ILE B 139 21.20 -40.36 -13.22
CA ILE B 139 20.80 -40.33 -14.66
C ILE B 139 21.42 -41.55 -15.34
N THR B 140 20.70 -42.67 -15.39
CA THR B 140 21.20 -44.02 -15.77
C THR B 140 20.89 -44.32 -17.25
N LYS B 141 21.74 -45.12 -17.91
CA LYS B 141 21.46 -45.73 -19.23
C LYS B 141 20.19 -46.58 -19.12
N GLU B 142 19.99 -47.28 -18.00
CA GLU B 142 18.79 -48.12 -17.73
C GLU B 142 17.52 -47.29 -17.94
N GLY B 143 17.54 -46.02 -17.55
CA GLY B 143 16.37 -45.12 -17.51
C GLY B 143 16.02 -44.54 -18.87
N ILE B 144 16.99 -44.01 -19.63
CA ILE B 144 16.70 -43.12 -20.80
C ILE B 144 17.36 -43.61 -22.10
N SER B 145 18.34 -44.53 -22.07
CA SER B 145 19.15 -44.88 -23.27
C SER B 145 18.29 -45.60 -24.32
N ARG B 146 17.17 -46.20 -23.90
CA ARG B 146 16.20 -46.88 -24.81
C ARG B 146 15.29 -45.84 -25.49
N LEU B 147 15.19 -44.62 -24.94
CA LEU B 147 14.26 -43.55 -25.42
C LEU B 147 14.89 -42.84 -26.62
N ILE B 148 15.09 -43.56 -27.72
CA ILE B 148 15.90 -43.11 -28.89
C ILE B 148 15.09 -42.16 -29.78
N ASN B 149 13.89 -41.78 -29.39
CA ASN B 149 13.05 -40.80 -30.13
C ASN B 149 13.00 -39.46 -29.41
N LEU B 150 13.59 -39.35 -28.21
CA LEU B 150 13.62 -38.10 -27.41
C LEU B 150 14.21 -36.97 -28.24
N LYS B 151 13.44 -35.89 -28.41
CA LYS B 151 13.90 -34.56 -28.90
C LYS B 151 14.29 -33.69 -27.69
N ASN B 152 13.42 -33.63 -26.68
CA ASN B 152 13.47 -32.65 -25.56
C ASN B 152 13.50 -33.41 -24.23
N LEU B 153 14.58 -33.27 -23.46
CA LEU B 153 14.70 -33.84 -22.10
C LEU B 153 14.98 -32.71 -21.11
N TYR B 154 14.14 -32.56 -20.09
CA TYR B 154 14.21 -31.54 -19.02
C TYR B 154 14.49 -32.20 -17.68
N LEU B 155 15.66 -31.94 -17.09
CA LEU B 155 16.11 -32.59 -15.82
C LEU B 155 16.54 -31.55 -14.77
N ALA B 156 16.18 -30.26 -14.97
CA ALA B 156 16.57 -29.15 -14.06
C ALA B 156 15.98 -29.36 -12.65
N TRP B 157 16.56 -28.72 -11.65
CA TRP B 157 16.08 -28.71 -10.24
C TRP B 157 15.92 -30.16 -9.74
N ASN B 158 17.00 -30.94 -9.70
CA ASN B 158 16.94 -32.33 -9.17
C ASN B 158 17.92 -32.48 -8.00
N CYS B 159 19.22 -32.41 -8.25
CA CYS B 159 20.27 -32.42 -7.19
C CYS B 159 20.68 -30.96 -6.93
N TYR B 160 19.74 -30.18 -6.40
CA TYR B 160 19.88 -28.71 -6.18
C TYR B 160 19.78 -28.38 -4.69
N PHE B 161 20.93 -28.08 -4.08
CA PHE B 161 21.06 -27.70 -2.65
C PHE B 161 20.34 -28.74 -1.77
N ASN B 162 20.53 -30.02 -2.11
CA ASN B 162 20.08 -31.17 -1.29
C ASN B 162 21.31 -31.74 -0.54
N LYS B 163 21.09 -32.21 0.69
CA LYS B 163 22.17 -32.65 1.62
C LYS B 163 22.47 -34.14 1.36
N VAL B 164 21.47 -34.90 0.91
CA VAL B 164 21.62 -36.33 0.51
C VAL B 164 22.58 -36.42 -0.69
N CYS B 165 22.42 -35.54 -1.68
CA CYS B 165 23.11 -35.56 -3.01
C CYS B 165 24.08 -34.38 -3.12
N GLU B 166 25.39 -34.65 -3.23
CA GLU B 166 26.48 -33.65 -3.35
C GLU B 166 26.89 -33.48 -4.83
N LYS B 167 26.54 -34.43 -5.70
CA LYS B 167 26.71 -34.35 -7.18
C LYS B 167 25.71 -35.29 -7.87
N THR B 168 25.12 -34.84 -8.98
CA THR B 168 24.29 -35.66 -9.90
C THR B 168 25.21 -36.73 -10.53
N ASN B 169 24.84 -38.01 -10.41
CA ASN B 169 25.58 -39.16 -11.00
C ASN B 169 25.05 -39.41 -12.42
N ILE B 170 25.84 -39.04 -13.44
CA ILE B 170 25.50 -39.15 -14.89
C ILE B 170 26.31 -40.30 -15.49
N GLU B 171 25.69 -41.47 -15.67
CA GLU B 171 26.35 -42.68 -16.26
C GLU B 171 27.07 -42.27 -17.55
N ASP B 172 28.27 -42.78 -17.80
CA ASP B 172 29.10 -42.42 -18.98
C ASP B 172 28.40 -42.90 -20.27
N GLY B 173 28.23 -41.99 -21.24
CA GLY B 173 27.62 -42.26 -22.55
C GLY B 173 26.10 -42.40 -22.48
N VAL B 174 25.48 -41.94 -21.40
CA VAL B 174 24.02 -42.10 -21.12
C VAL B 174 23.19 -41.36 -22.16
N PHE B 175 23.74 -40.33 -22.80
CA PHE B 175 23.00 -39.47 -23.79
C PHE B 175 23.37 -39.84 -25.23
N GLU B 176 24.49 -40.54 -25.48
CA GLU B 176 25.06 -40.66 -26.85
C GLU B 176 24.18 -41.56 -27.72
N THR B 177 23.38 -42.47 -27.13
CA THR B 177 22.40 -43.32 -27.86
C THR B 177 21.23 -42.45 -28.36
N LEU B 178 20.98 -41.29 -27.75
CA LEU B 178 19.85 -40.37 -28.07
C LEU B 178 20.23 -39.49 -29.26
N THR B 179 20.24 -40.06 -30.47
CA THR B 179 20.72 -39.39 -31.71
C THR B 179 19.61 -38.51 -32.30
N ASN B 180 18.49 -38.35 -31.60
CA ASN B 180 17.39 -37.43 -32.01
C ASN B 180 17.26 -36.26 -31.02
N LEU B 181 18.05 -36.24 -29.94
CA LEU B 181 17.96 -35.27 -28.82
C LEU B 181 18.40 -33.88 -29.32
N GLU B 182 17.49 -32.92 -29.34
CA GLU B 182 17.73 -31.54 -29.83
C GLU B 182 17.89 -30.59 -28.64
N LEU B 183 17.17 -30.84 -27.54
CA LEU B 183 17.17 -29.99 -26.33
C LEU B 183 17.46 -30.83 -25.08
N LEU B 184 18.56 -30.54 -24.40
CA LEU B 184 18.92 -31.16 -23.10
C LEU B 184 19.06 -30.03 -22.07
N SER B 185 18.41 -30.19 -20.92
CA SER B 185 18.42 -29.20 -19.80
C SER B 185 18.81 -29.90 -18.51
N LEU B 186 19.98 -29.54 -17.97
CA LEU B 186 20.50 -30.02 -16.67
C LEU B 186 20.76 -28.83 -15.74
N SER B 187 20.16 -27.67 -16.04
CA SER B 187 20.21 -26.42 -15.21
C SER B 187 19.82 -26.74 -13.76
N PHE B 188 20.32 -25.97 -12.80
CA PHE B 188 19.96 -26.11 -11.36
C PHE B 188 20.15 -27.57 -10.93
N ASN B 189 21.34 -28.11 -11.21
CA ASN B 189 21.86 -29.40 -10.72
C ASN B 189 23.37 -29.26 -10.46
N SER B 190 23.86 -29.81 -9.34
CA SER B 190 25.30 -29.84 -9.02
C SER B 190 26.00 -30.88 -9.92
N LEU B 191 26.53 -30.44 -11.05
CA LEU B 191 27.29 -31.28 -12.01
C LEU B 191 28.79 -31.16 -11.70
N SER B 192 29.29 -29.93 -11.73
CA SER B 192 30.72 -29.54 -11.49
C SER B 192 31.50 -29.64 -12.81
N HIS B 193 31.13 -30.58 -13.69
CA HIS B 193 31.76 -30.77 -15.03
C HIS B 193 30.68 -31.00 -16.09
N VAL B 194 30.84 -30.36 -17.26
CA VAL B 194 30.01 -30.61 -18.48
C VAL B 194 30.07 -32.11 -18.75
N PRO B 195 28.93 -32.84 -18.82
CA PRO B 195 28.97 -34.28 -19.05
C PRO B 195 29.58 -34.56 -20.42
N PRO B 196 30.40 -35.64 -20.53
CA PRO B 196 30.97 -36.03 -21.82
C PRO B 196 30.00 -36.93 -22.61
N LYS B 197 30.27 -37.09 -23.91
CA LYS B 197 29.53 -37.99 -24.83
C LYS B 197 28.08 -37.50 -24.94
N LEU B 198 27.92 -36.29 -25.47
CA LEU B 198 26.59 -35.69 -25.80
C LEU B 198 26.35 -35.94 -27.28
N PRO B 199 25.10 -36.19 -27.71
CA PRO B 199 24.79 -36.40 -29.11
C PRO B 199 24.94 -35.13 -29.96
N SER B 200 25.55 -35.27 -31.14
CA SER B 200 25.77 -34.20 -32.15
C SER B 200 24.43 -33.55 -32.56
N SER B 201 23.31 -34.24 -32.37
CA SER B 201 21.95 -33.77 -32.74
C SER B 201 21.55 -32.53 -31.95
N LEU B 202 22.17 -32.32 -30.77
CA LEU B 202 21.86 -31.22 -29.81
C LEU B 202 21.85 -29.86 -30.51
N ARG B 203 20.76 -29.10 -30.34
CA ARG B 203 20.58 -27.70 -30.83
C ARG B 203 20.62 -26.72 -29.66
N LYS B 204 20.11 -27.10 -28.49
CA LYS B 204 20.00 -26.23 -27.28
C LYS B 204 20.51 -27.00 -26.06
N LEU B 205 21.60 -26.52 -25.44
CA LEU B 205 22.21 -27.14 -24.23
C LEU B 205 22.11 -26.16 -23.05
N PHE B 206 21.32 -26.50 -22.04
CA PHE B 206 21.02 -25.64 -20.86
C PHE B 206 21.78 -26.16 -19.65
N LEU B 207 22.79 -25.41 -19.20
CA LEU B 207 23.68 -25.77 -18.07
C LEU B 207 23.78 -24.59 -17.08
N SER B 208 22.67 -23.94 -16.77
CA SER B 208 22.62 -22.77 -15.85
C SER B 208 22.62 -23.27 -14.42
N ASN B 209 23.41 -22.65 -13.55
CA ASN B 209 23.48 -22.96 -12.09
C ASN B 209 23.81 -24.45 -11.91
N THR B 210 24.86 -24.91 -12.60
CA THR B 210 25.34 -26.33 -12.60
C THR B 210 26.60 -26.47 -11.74
N GLN B 211 27.15 -25.35 -11.23
CA GLN B 211 28.40 -25.28 -10.42
C GLN B 211 29.59 -25.72 -11.27
N ILE B 212 29.53 -25.46 -12.58
CA ILE B 212 30.62 -25.78 -13.53
C ILE B 212 31.50 -24.53 -13.61
N LYS B 213 32.75 -24.63 -13.17
CA LYS B 213 33.69 -23.48 -13.05
C LYS B 213 34.67 -23.44 -14.23
N TYR B 214 35.06 -24.60 -14.78
CA TYR B 214 35.98 -24.69 -15.95
C TYR B 214 35.23 -25.27 -17.15
N ILE B 215 35.46 -24.70 -18.34
CA ILE B 215 34.96 -25.20 -19.65
C ILE B 215 36.16 -25.48 -20.55
N SER B 216 36.37 -26.76 -20.91
CA SER B 216 37.53 -27.27 -21.69
C SER B 216 37.28 -27.15 -23.20
N GLU B 217 38.31 -27.38 -24.00
CA GLU B 217 38.27 -27.41 -25.48
C GLU B 217 37.35 -28.55 -25.93
N GLU B 218 37.34 -29.65 -25.17
CA GLU B 218 36.69 -30.94 -25.50
C GLU B 218 35.20 -30.89 -25.12
N ASP B 219 34.86 -30.15 -24.06
CA ASP B 219 33.53 -30.15 -23.39
C ASP B 219 32.40 -30.03 -24.43
N PHE B 220 32.47 -29.06 -25.34
CA PHE B 220 31.45 -28.82 -26.40
C PHE B 220 32.06 -29.10 -27.78
N LYS B 221 32.75 -30.23 -27.90
CA LYS B 221 33.31 -30.71 -29.19
C LYS B 221 32.30 -31.72 -29.76
N GLY B 222 32.04 -31.63 -31.07
CA GLY B 222 31.06 -32.48 -31.76
C GLY B 222 29.68 -31.86 -31.80
N LEU B 223 29.37 -30.96 -30.86
CA LEU B 223 28.05 -30.25 -30.76
C LEU B 223 27.99 -29.16 -31.84
N ILE B 224 28.08 -29.58 -33.11
CA ILE B 224 28.28 -28.70 -34.29
C ILE B 224 26.92 -28.23 -34.83
N ASN B 225 25.82 -28.69 -34.24
CA ASN B 225 24.43 -28.32 -34.65
C ASN B 225 23.87 -27.29 -33.65
N LEU B 226 24.57 -27.06 -32.52
CA LEU B 226 24.12 -26.23 -31.38
C LEU B 226 23.78 -24.80 -31.81
N THR B 227 22.59 -24.33 -31.44
CA THR B 227 22.08 -22.95 -31.66
C THR B 227 22.04 -22.16 -30.34
N LEU B 228 21.87 -22.84 -29.20
CA LEU B 228 21.78 -22.19 -27.87
C LEU B 228 22.66 -22.90 -26.84
N LEU B 229 23.45 -22.12 -26.11
CA LEU B 229 24.23 -22.58 -24.93
C LEU B 229 23.91 -21.65 -23.76
N ASP B 230 23.56 -22.23 -22.61
CA ASP B 230 23.24 -21.50 -21.35
C ASP B 230 24.23 -21.95 -20.28
N LEU B 231 25.22 -21.10 -19.97
CA LEU B 231 26.23 -21.34 -18.90
C LEU B 231 26.04 -20.35 -17.74
N SER B 232 24.95 -19.58 -17.77
CA SER B 232 24.54 -18.58 -16.75
C SER B 232 24.64 -19.16 -15.33
N GLY B 233 24.98 -18.31 -14.35
CA GLY B 233 24.85 -18.65 -12.92
C GLY B 233 25.95 -19.59 -12.45
N ASN B 234 27.02 -19.70 -13.23
CA ASN B 234 28.22 -20.53 -12.91
C ASN B 234 29.33 -19.57 -12.54
N CYS B 235 29.69 -19.53 -11.24
CA CYS B 235 30.46 -18.43 -10.61
C CYS B 235 29.61 -17.16 -10.64
N PRO B 236 28.51 -17.14 -9.86
CA PRO B 236 27.54 -16.05 -9.93
C PRO B 236 27.97 -14.75 -9.25
N ARG B 237 27.54 -13.62 -9.82
CA ARG B 237 27.44 -12.32 -9.11
C ARG B 237 26.02 -12.22 -8.53
N CYS B 238 25.91 -12.11 -7.21
CA CYS B 238 24.61 -11.99 -6.48
C CYS B 238 23.98 -10.61 -6.72
N PHE B 239 22.65 -10.55 -6.86
CA PHE B 239 21.84 -9.30 -6.89
C PHE B 239 20.39 -9.58 -6.42
N ASN B 240 19.53 -10.13 -7.28
CA ASN B 240 18.08 -10.24 -6.99
C ASN B 240 17.50 -11.61 -7.38
N ALA B 241 18.33 -12.65 -7.55
CA ALA B 241 17.90 -13.99 -8.02
C ALA B 241 16.96 -14.59 -6.98
N PRO B 242 15.86 -15.26 -7.39
CA PRO B 242 14.95 -15.92 -6.45
C PRO B 242 15.37 -17.34 -6.06
N PHE B 243 16.63 -17.72 -6.31
CA PHE B 243 17.27 -19.00 -5.90
C PHE B 243 18.65 -18.70 -5.29
N PRO B 244 19.26 -19.60 -4.48
CA PRO B 244 20.55 -19.33 -3.84
C PRO B 244 21.68 -18.91 -4.80
N CYS B 245 22.59 -18.07 -4.31
CA CYS B 245 23.72 -17.47 -5.08
C CYS B 245 25.00 -17.52 -4.23
N VAL B 246 25.84 -18.54 -4.47
CA VAL B 246 27.14 -18.80 -3.79
C VAL B 246 28.25 -18.47 -4.78
N PRO B 247 28.92 -17.29 -4.69
CA PRO B 247 29.97 -16.95 -5.66
C PRO B 247 31.15 -17.93 -5.57
N CYS B 248 31.88 -18.09 -6.67
CA CYS B 248 33.14 -18.90 -6.72
C CYS B 248 34.15 -18.29 -5.73
N ASP B 249 34.93 -19.12 -5.05
CA ASP B 249 35.95 -18.74 -4.03
C ASP B 249 36.85 -17.62 -4.58
N GLY B 250 37.03 -16.56 -3.79
CA GLY B 250 37.79 -15.35 -4.16
C GLY B 250 37.14 -14.59 -5.30
N GLY B 251 35.81 -14.52 -5.33
CA GLY B 251 34.98 -13.87 -6.37
C GLY B 251 35.43 -14.21 -7.78
N ALA B 252 36.00 -15.41 -7.97
CA ALA B 252 36.59 -15.87 -9.25
C ALA B 252 35.47 -16.04 -10.29
N SER B 253 35.75 -15.64 -11.54
CA SER B 253 34.83 -15.83 -12.69
C SER B 253 34.93 -17.27 -13.19
N ILE B 254 33.96 -17.68 -14.02
CA ILE B 254 34.01 -18.94 -14.83
C ILE B 254 35.25 -18.90 -15.72
N ASN B 255 35.99 -20.01 -15.77
CA ASN B 255 37.21 -20.18 -16.61
C ASN B 255 36.82 -20.94 -17.88
N ILE B 256 36.71 -20.23 -19.01
CA ILE B 256 36.29 -20.81 -20.32
C ILE B 256 37.51 -20.84 -21.25
N ASP B 257 37.98 -22.03 -21.59
CA ASP B 257 39.19 -22.27 -22.44
C ASP B 257 39.08 -21.46 -23.74
N ARG B 258 40.23 -21.12 -24.33
CA ARG B 258 40.35 -20.22 -25.51
C ARG B 258 39.46 -20.72 -26.67
N PHE B 259 39.39 -22.04 -26.87
CA PHE B 259 38.81 -22.68 -28.08
C PHE B 259 37.55 -23.49 -27.75
N ALA B 260 37.00 -23.30 -26.55
CA ALA B 260 35.87 -24.12 -26.02
C ALA B 260 34.68 -24.07 -26.99
N PHE B 261 34.48 -22.96 -27.70
CA PHE B 261 33.32 -22.72 -28.61
C PHE B 261 33.75 -22.69 -30.09
N GLN B 262 34.85 -23.34 -30.46
CA GLN B 262 35.44 -23.20 -31.81
C GLN B 262 34.61 -23.99 -32.83
N ASN B 263 33.86 -25.01 -32.37
CA ASN B 263 33.07 -25.92 -33.26
C ASN B 263 31.58 -25.52 -33.26
N LEU B 264 31.21 -24.43 -32.59
CA LEU B 264 29.80 -24.01 -32.36
C LEU B 264 29.44 -22.95 -33.39
N THR B 265 29.47 -23.30 -34.68
CA THR B 265 29.37 -22.30 -35.80
C THR B 265 27.91 -21.91 -36.04
N GLN B 266 26.98 -22.63 -35.41
CA GLN B 266 25.51 -22.45 -35.61
C GLN B 266 24.91 -21.69 -34.42
N LEU B 267 25.69 -21.45 -33.36
CA LEU B 267 25.23 -20.80 -32.10
C LEU B 267 24.57 -19.47 -32.43
N ARG B 268 23.33 -19.28 -31.96
CA ARG B 268 22.53 -18.03 -32.06
C ARG B 268 22.41 -17.37 -30.68
N TYR B 269 22.30 -18.18 -29.62
CA TYR B 269 22.00 -17.75 -28.23
C TYR B 269 23.11 -18.21 -27.29
N LEU B 270 23.91 -17.27 -26.80
CA LEU B 270 24.88 -17.53 -25.70
C LEU B 270 24.38 -16.80 -24.45
N ASN B 271 24.24 -17.52 -23.34
CA ASN B 271 23.83 -16.96 -22.03
C ASN B 271 24.98 -17.15 -21.03
N LEU B 272 25.70 -16.06 -20.75
CA LEU B 272 26.81 -16.03 -19.77
C LEU B 272 26.45 -15.14 -18.57
N SER B 273 25.17 -14.86 -18.37
CA SER B 273 24.65 -14.08 -17.21
C SER B 273 25.22 -14.64 -15.89
N SER B 274 25.63 -13.78 -14.97
CA SER B 274 26.02 -14.19 -13.60
C SER B 274 27.08 -15.29 -13.70
N THR B 275 28.21 -15.00 -14.34
CA THR B 275 29.42 -15.84 -14.35
C THR B 275 30.63 -15.04 -13.82
N SER B 276 30.40 -13.82 -13.33
CA SER B 276 31.41 -12.95 -12.66
C SER B 276 32.54 -12.58 -13.64
N LEU B 277 32.27 -12.58 -14.94
CA LEU B 277 33.32 -12.37 -15.99
C LEU B 277 33.90 -10.97 -15.85
N ARG B 278 35.22 -10.89 -15.63
CA ARG B 278 36.02 -9.62 -15.66
C ARG B 278 36.45 -9.34 -17.10
N LYS B 279 36.84 -10.39 -17.82
CA LYS B 279 37.42 -10.32 -19.19
C LYS B 279 36.63 -11.26 -20.11
N ILE B 280 36.29 -10.79 -21.31
CA ILE B 280 35.64 -11.58 -22.40
C ILE B 280 36.66 -11.77 -23.52
N ASN B 281 37.18 -12.99 -23.65
CA ASN B 281 38.11 -13.44 -24.72
C ASN B 281 37.40 -13.37 -26.08
N ALA B 282 37.89 -12.52 -26.99
CA ALA B 282 37.30 -12.30 -28.34
C ALA B 282 37.42 -13.56 -29.20
N ALA B 283 38.35 -14.46 -28.86
CA ALA B 283 38.56 -15.78 -29.51
C ALA B 283 37.26 -16.60 -29.47
N TRP B 284 36.57 -16.57 -28.32
CA TRP B 284 35.30 -17.30 -28.06
C TRP B 284 34.33 -17.16 -29.25
N PHE B 285 34.40 -16.04 -29.98
CA PHE B 285 33.42 -15.66 -31.03
C PHE B 285 34.04 -15.75 -32.43
N LYS B 286 35.21 -16.39 -32.57
CA LYS B 286 36.00 -16.42 -33.83
C LYS B 286 35.20 -17.14 -34.93
N ASN B 287 34.62 -18.30 -34.61
CA ASN B 287 33.88 -19.18 -35.58
C ASN B 287 32.38 -19.16 -35.30
N MET B 288 31.84 -18.01 -34.89
CA MET B 288 30.46 -17.87 -34.35
C MET B 288 29.77 -16.70 -35.05
N PRO B 289 29.81 -16.66 -36.40
CA PRO B 289 29.42 -15.45 -37.13
C PRO B 289 27.92 -15.11 -37.06
N HIS B 290 27.09 -16.00 -36.51
CA HIS B 290 25.60 -15.92 -36.59
C HIS B 290 24.98 -15.56 -35.23
N LEU B 291 25.80 -15.45 -34.18
CA LEU B 291 25.31 -15.14 -32.81
C LEU B 291 24.34 -13.96 -32.90
N LYS B 292 23.10 -14.19 -32.43
CA LYS B 292 21.96 -13.24 -32.55
C LYS B 292 21.72 -12.55 -31.21
N VAL B 293 21.86 -13.29 -30.10
CA VAL B 293 21.48 -12.86 -28.73
C VAL B 293 22.59 -13.27 -27.76
N LEU B 294 23.25 -12.29 -27.14
CA LEU B 294 24.34 -12.49 -26.14
C LEU B 294 23.96 -11.83 -24.81
N ASP B 295 23.92 -12.63 -23.74
CA ASP B 295 23.40 -12.24 -22.40
C ASP B 295 24.58 -12.19 -21.43
N LEU B 296 24.98 -10.97 -21.02
CA LEU B 296 26.16 -10.71 -20.15
C LEU B 296 25.74 -9.98 -18.85
N GLU B 297 24.46 -10.05 -18.47
CA GLU B 297 23.96 -9.46 -17.19
C GLU B 297 24.74 -10.00 -16.00
N PHE B 298 24.83 -9.21 -14.93
CA PHE B 298 25.31 -9.63 -13.59
C PHE B 298 26.75 -10.17 -13.70
N ASN B 299 27.60 -9.44 -14.42
CA ASN B 299 29.06 -9.70 -14.49
C ASN B 299 29.78 -8.43 -14.03
N TYR B 300 31.11 -8.42 -14.11
CA TYR B 300 31.98 -7.27 -13.74
C TYR B 300 32.69 -6.75 -14.99
N LEU B 301 31.95 -6.22 -15.95
CA LEU B 301 32.48 -5.93 -17.31
C LEU B 301 32.49 -4.42 -17.59
N VAL B 302 32.69 -3.59 -16.56
CA VAL B 302 32.72 -2.11 -16.76
C VAL B 302 33.89 -1.80 -17.71
N GLY B 303 35.03 -2.45 -17.45
CA GLY B 303 36.23 -2.40 -18.31
C GLY B 303 35.89 -2.76 -19.73
N GLU B 304 35.44 -4.01 -19.95
CA GLU B 304 35.15 -4.59 -21.30
C GLU B 304 34.13 -3.71 -22.06
N ILE B 305 33.19 -3.07 -21.38
CA ILE B 305 32.22 -2.13 -22.05
C ILE B 305 33.00 -0.90 -22.56
N ALA B 306 34.08 -0.52 -21.86
CA ALA B 306 34.93 0.64 -22.22
C ALA B 306 35.85 0.28 -23.40
N SER B 307 36.61 -0.81 -23.27
CA SER B 307 37.56 -1.30 -24.31
C SER B 307 36.82 -2.16 -25.34
N GLY B 308 36.67 -3.45 -25.04
CA GLY B 308 35.71 -4.33 -25.73
C GLY B 308 36.24 -4.84 -27.06
N ALA B 309 37.15 -5.82 -26.99
CA ALA B 309 37.68 -6.54 -28.17
C ALA B 309 36.52 -7.25 -28.87
N PHE B 310 35.78 -8.05 -28.09
CA PHE B 310 34.70 -8.96 -28.54
C PHE B 310 33.64 -8.21 -29.37
N LEU B 311 33.48 -6.89 -29.20
CA LEU B 311 32.45 -6.09 -29.90
C LEU B 311 32.68 -6.14 -31.42
N THR B 312 33.91 -6.39 -31.88
CA THR B 312 34.28 -6.48 -33.32
C THR B 312 33.84 -7.83 -33.90
N MET B 313 33.53 -8.81 -33.04
CA MET B 313 33.33 -10.23 -33.42
C MET B 313 31.85 -10.57 -33.56
N LEU B 314 30.95 -9.58 -33.54
CA LEU B 314 29.49 -9.80 -33.40
C LEU B 314 28.74 -8.98 -34.45
N PRO B 315 29.06 -9.17 -35.75
CA PRO B 315 28.41 -8.41 -36.81
C PRO B 315 26.92 -8.70 -37.01
N ARG B 316 26.41 -9.82 -36.47
CA ARG B 316 25.02 -10.27 -36.72
C ARG B 316 24.18 -10.23 -35.43
N LEU B 317 24.78 -9.78 -34.32
CA LEU B 317 24.11 -9.68 -32.99
C LEU B 317 22.95 -8.68 -33.08
N GLU B 318 21.79 -9.06 -32.54
CA GLU B 318 20.54 -8.27 -32.56
C GLU B 318 20.20 -7.80 -31.14
N ILE B 319 20.44 -8.65 -30.12
CA ILE B 319 20.15 -8.36 -28.69
C ILE B 319 21.45 -8.55 -27.89
N LEU B 320 21.92 -7.46 -27.28
CA LEU B 320 23.03 -7.45 -26.29
C LEU B 320 22.47 -7.00 -24.95
N ASP B 321 22.82 -7.70 -23.86
CA ASP B 321 22.39 -7.29 -22.50
C ASP B 321 23.59 -7.29 -21.55
N LEU B 322 23.94 -6.10 -21.05
CA LEU B 322 25.13 -5.86 -20.18
C LEU B 322 24.65 -5.29 -18.85
N SER B 323 23.40 -5.58 -18.50
CA SER B 323 22.72 -5.00 -17.31
C SER B 323 23.39 -5.49 -16.03
N PHE B 324 23.45 -4.63 -15.01
CA PHE B 324 23.95 -4.94 -13.65
C PHE B 324 25.40 -5.41 -13.72
N ASN B 325 26.25 -4.62 -14.37
CA ASN B 325 27.73 -4.79 -14.37
C ASN B 325 28.40 -3.66 -13.58
N TYR B 326 27.62 -2.79 -12.92
CA TYR B 326 28.09 -1.68 -12.05
C TYR B 326 29.25 -2.16 -11.16
N ILE B 327 30.19 -1.26 -10.89
CA ILE B 327 31.19 -1.37 -9.78
C ILE B 327 30.55 -0.84 -8.49
N LYS B 328 30.43 -1.70 -7.47
CA LYS B 328 29.87 -1.38 -6.14
C LYS B 328 30.48 -0.08 -5.60
N GLY B 329 29.65 0.96 -5.42
CA GLY B 329 30.01 2.22 -4.75
C GLY B 329 30.44 3.30 -5.74
N SER B 330 30.70 2.90 -6.99
CA SER B 330 31.18 3.81 -8.06
C SER B 330 29.98 4.43 -8.77
N TYR B 331 29.80 5.74 -8.60
CA TYR B 331 28.75 6.54 -9.28
C TYR B 331 29.42 7.43 -10.32
N PRO B 332 30.08 6.84 -11.34
CA PRO B 332 30.86 7.62 -12.31
C PRO B 332 30.05 8.76 -12.92
N GLN B 333 30.70 9.87 -13.27
CA GLN B 333 29.99 11.03 -13.89
C GLN B 333 29.45 10.60 -15.26
N HIS B 334 30.16 9.72 -15.97
CA HIS B 334 29.92 9.37 -17.39
C HIS B 334 29.85 7.86 -17.58
N ILE B 335 29.12 7.38 -18.58
CA ILE B 335 29.22 5.98 -19.06
C ILE B 335 30.32 5.91 -20.15
N ASN B 336 31.25 4.96 -19.99
CA ASN B 336 32.34 4.69 -20.97
C ASN B 336 31.94 3.48 -21.84
N ILE B 337 31.50 3.76 -23.07
CA ILE B 337 31.24 2.72 -24.12
C ILE B 337 32.26 2.86 -25.25
N SER B 338 32.93 1.76 -25.58
CA SER B 338 33.95 1.63 -26.66
C SER B 338 33.37 2.11 -27.99
N ARG B 339 34.22 2.63 -28.87
CA ARG B 339 33.84 3.02 -30.26
C ARG B 339 33.46 1.73 -31.02
N ASN B 340 33.96 0.58 -30.55
CA ASN B 340 33.72 -0.76 -31.15
C ASN B 340 32.21 -1.06 -31.20
N PHE B 341 31.41 -0.47 -30.31
CA PHE B 341 29.92 -0.62 -30.30
C PHE B 341 29.33 -0.31 -31.69
N SER B 342 30.06 0.41 -32.55
CA SER B 342 29.62 0.74 -33.93
C SER B 342 29.82 -0.47 -34.88
N LYS B 343 30.53 -1.50 -34.42
CA LYS B 343 30.73 -2.77 -35.19
C LYS B 343 29.63 -3.79 -34.85
N LEU B 344 28.64 -3.40 -34.03
CA LEU B 344 27.38 -4.16 -33.81
C LEU B 344 26.35 -3.70 -34.84
N LEU B 345 26.60 -4.02 -36.13
CA LEU B 345 25.83 -3.49 -37.29
C LEU B 345 24.37 -3.96 -37.21
N SER B 346 24.14 -5.15 -36.66
CA SER B 346 22.84 -5.88 -36.71
C SER B 346 22.00 -5.61 -35.46
N LEU B 347 22.55 -4.88 -34.49
CA LEU B 347 21.93 -4.67 -33.15
C LEU B 347 20.55 -4.01 -33.31
N ARG B 348 19.55 -4.61 -32.67
CA ARG B 348 18.13 -4.13 -32.65
C ARG B 348 17.78 -3.59 -31.26
N ALA B 349 18.47 -4.06 -30.22
CA ALA B 349 18.15 -3.75 -28.81
C ALA B 349 19.39 -3.90 -27.92
N LEU B 350 19.76 -2.81 -27.24
CA LEU B 350 20.82 -2.77 -26.20
C LEU B 350 20.16 -2.62 -24.82
N HIS B 351 20.57 -3.45 -23.85
CA HIS B 351 20.09 -3.41 -22.45
C HIS B 351 21.25 -3.04 -21.52
N LEU B 352 21.35 -1.77 -21.14
CA LEU B 352 22.41 -1.23 -20.23
C LEU B 352 21.78 -0.77 -18.91
N ARG B 353 21.03 -1.63 -18.24
CA ARG B 353 20.46 -1.38 -16.89
C ARG B 353 21.55 -1.53 -15.83
N GLY B 354 21.51 -0.71 -14.78
CA GLY B 354 22.31 -0.93 -13.56
C GLY B 354 23.80 -0.89 -13.82
N TYR B 355 24.24 0.00 -14.71
CA TYR B 355 25.66 0.41 -14.87
C TYR B 355 25.98 1.45 -13.79
N VAL B 356 25.05 2.39 -13.62
CA VAL B 356 24.98 3.40 -12.52
C VAL B 356 25.96 4.52 -12.85
N PHE B 357 25.46 5.61 -13.41
CA PHE B 357 26.25 6.78 -13.85
C PHE B 357 25.39 8.05 -13.79
N GLN B 358 26.04 9.21 -13.76
CA GLN B 358 25.41 10.50 -13.40
C GLN B 358 24.86 11.21 -14.63
N GLU B 359 25.58 11.17 -15.75
CA GLU B 359 25.28 11.99 -16.95
C GLU B 359 25.45 11.14 -18.21
N LEU B 360 24.51 11.27 -19.15
CA LEU B 360 24.65 10.76 -20.55
C LEU B 360 24.80 11.97 -21.48
N ARG B 361 26.02 12.21 -21.96
CA ARG B 361 26.35 13.27 -22.95
C ARG B 361 26.10 12.71 -24.36
N GLU B 362 25.78 13.60 -25.31
CA GLU B 362 25.55 13.26 -26.75
C GLU B 362 26.69 12.38 -27.27
N ASP B 363 27.95 12.69 -26.93
CA ASP B 363 29.14 12.02 -27.50
C ASP B 363 29.35 10.65 -26.87
N ASP B 364 28.87 10.43 -25.64
CA ASP B 364 28.98 9.13 -24.91
C ASP B 364 28.34 8.01 -25.74
N PHE B 365 27.34 8.36 -26.56
CA PHE B 365 26.52 7.43 -27.38
C PHE B 365 26.75 7.68 -28.88
N GLN B 366 27.92 8.20 -29.25
CA GLN B 366 28.31 8.35 -30.68
C GLN B 366 28.37 6.97 -31.31
N PRO B 367 29.05 5.98 -30.69
CA PRO B 367 29.20 4.65 -31.30
C PRO B 367 27.89 3.94 -31.68
N LEU B 368 26.74 4.41 -31.18
CA LEU B 368 25.44 3.71 -31.36
C LEU B 368 24.61 4.40 -32.45
N MET B 369 24.98 5.61 -32.85
CA MET B 369 24.10 6.48 -33.67
C MET B 369 24.07 6.00 -35.13
N GLN B 370 25.04 5.17 -35.54
CA GLN B 370 25.21 4.67 -36.92
C GLN B 370 24.37 3.39 -37.13
N LEU B 371 24.55 2.41 -36.25
CA LEU B 371 23.77 1.13 -36.20
C LEU B 371 22.38 1.33 -36.79
N PRO B 372 22.09 0.85 -38.02
CA PRO B 372 20.88 1.25 -38.74
C PRO B 372 19.55 0.69 -38.21
N ASN B 373 19.61 -0.30 -37.30
CA ASN B 373 18.45 -1.15 -36.92
C ASN B 373 18.16 -1.05 -35.42
N LEU B 374 18.90 -0.22 -34.67
CA LEU B 374 18.77 -0.09 -33.19
C LEU B 374 17.43 0.58 -32.87
N SER B 375 16.51 -0.17 -32.27
CA SER B 375 15.10 0.23 -32.03
C SER B 375 14.82 0.39 -30.53
N THR B 376 15.62 -0.23 -29.68
CA THR B 376 15.41 -0.30 -28.21
C THR B 376 16.72 0.03 -27.47
N ILE B 377 16.74 1.16 -26.76
CA ILE B 377 17.77 1.44 -25.71
C ILE B 377 17.09 1.33 -24.35
N ASN B 378 17.63 0.44 -23.50
CA ASN B 378 17.17 0.18 -22.11
C ASN B 378 18.24 0.72 -21.17
N LEU B 379 18.04 1.94 -20.66
CA LEU B 379 18.92 2.58 -19.64
C LEU B 379 18.23 2.62 -18.27
N GLY B 380 17.46 1.58 -17.94
CA GLY B 380 16.74 1.47 -16.66
C GLY B 380 17.69 1.37 -15.48
N ILE B 381 17.31 1.96 -14.34
CA ILE B 381 18.00 1.77 -13.04
C ILE B 381 19.48 2.13 -13.19
N ASN B 382 19.77 3.32 -13.73
CA ASN B 382 21.15 3.87 -13.81
C ASN B 382 21.27 5.12 -12.92
N PHE B 383 20.16 5.62 -12.37
CA PHE B 383 20.13 6.80 -11.47
C PHE B 383 20.77 8.00 -12.18
N ILE B 384 20.56 8.09 -13.49
CA ILE B 384 21.08 9.20 -14.34
C ILE B 384 20.37 10.49 -13.90
N LYS B 385 21.13 11.60 -13.78
CA LYS B 385 20.62 12.92 -13.32
C LYS B 385 20.36 13.84 -14.52
N GLN B 386 21.19 13.75 -15.56
CA GLN B 386 21.14 14.63 -16.76
C GLN B 386 21.30 13.78 -18.03
N ILE B 387 20.51 14.09 -19.06
CA ILE B 387 20.57 13.46 -20.41
C ILE B 387 20.45 14.55 -21.49
N ASP B 388 21.46 14.67 -22.33
CA ASP B 388 21.42 15.45 -23.61
C ASP B 388 20.35 14.81 -24.51
N PHE B 389 19.07 15.11 -24.28
CA PHE B 389 17.91 14.45 -24.95
C PHE B 389 17.96 14.69 -26.47
N LYS B 390 18.72 15.69 -26.92
CA LYS B 390 19.00 15.93 -28.37
C LYS B 390 19.51 14.65 -29.02
N LEU B 391 20.42 13.93 -28.34
CA LEU B 391 21.18 12.78 -28.89
C LEU B 391 20.27 11.66 -29.43
N PHE B 392 18.97 11.69 -29.13
CA PHE B 392 17.99 10.63 -29.49
C PHE B 392 17.38 10.92 -30.87
N GLN B 393 17.67 12.09 -31.45
CA GLN B 393 17.26 12.43 -32.84
C GLN B 393 18.28 11.84 -33.82
N ASN B 394 19.48 11.49 -33.33
CA ASN B 394 20.62 10.97 -34.14
C ASN B 394 20.45 9.48 -34.45
N PHE B 395 19.25 8.92 -34.28
CA PHE B 395 18.98 7.47 -34.36
C PHE B 395 17.95 7.17 -35.45
N SER B 396 18.30 6.25 -36.35
CA SER B 396 17.54 5.90 -37.58
C SER B 396 16.13 5.37 -37.23
N ASN B 397 16.07 4.30 -36.44
CA ASN B 397 14.85 3.45 -36.25
C ASN B 397 14.59 3.19 -34.75
N LEU B 398 14.96 4.16 -33.90
CA LEU B 398 14.69 4.13 -32.43
C LEU B 398 13.17 4.21 -32.18
N GLU B 399 12.61 3.21 -31.49
CA GLU B 399 11.15 3.10 -31.21
C GLU B 399 10.88 3.08 -29.69
N ILE B 400 11.87 2.70 -28.88
CA ILE B 400 11.73 2.49 -27.41
C ILE B 400 12.92 3.14 -26.69
N ILE B 401 12.67 4.27 -26.02
CA ILE B 401 13.64 4.94 -25.10
C ILE B 401 13.14 4.67 -23.68
N TYR B 402 13.76 3.71 -22.99
CA TYR B 402 13.32 3.23 -21.65
C TYR B 402 14.29 3.76 -20.58
N LEU B 403 13.82 4.71 -19.76
CA LEU B 403 14.64 5.43 -18.76
C LEU B 403 14.04 5.31 -17.35
N SER B 404 13.21 4.29 -17.10
CA SER B 404 12.54 4.09 -15.79
C SER B 404 13.62 3.94 -14.70
N GLU B 405 13.37 4.49 -13.51
CA GLU B 405 14.30 4.46 -12.34
C GLU B 405 15.61 5.13 -12.71
N ASN B 406 15.55 6.35 -13.23
CA ASN B 406 16.69 7.30 -13.27
C ASN B 406 16.28 8.51 -12.41
N ARG B 407 17.03 9.60 -12.47
CA ARG B 407 16.82 10.79 -11.61
C ARG B 407 16.73 12.03 -12.50
N ILE B 408 16.06 11.92 -13.65
CA ILE B 408 15.77 13.08 -14.53
C ILE B 408 14.91 14.06 -13.73
N SER B 409 15.48 15.24 -13.46
CA SER B 409 14.86 16.35 -12.70
C SER B 409 14.08 17.25 -13.66
N PRO B 410 13.33 18.25 -13.14
CA PRO B 410 12.76 19.29 -13.98
C PRO B 410 13.88 20.05 -14.69
N LEU B 411 13.69 20.32 -15.99
CA LEU B 411 14.66 21.07 -16.85
C LEU B 411 14.17 22.50 -17.04
N VAL B 412 14.90 23.47 -16.50
CA VAL B 412 14.46 24.88 -16.35
C VAL B 412 15.40 25.84 -17.11
N LYS B 413 16.71 25.55 -17.12
CA LYS B 413 17.80 26.49 -17.52
C LYS B 413 17.69 26.85 -19.02
N ASP B 414 17.82 25.85 -19.90
CA ASP B 414 18.04 26.03 -21.37
C ASP B 414 16.76 26.64 -21.98
N GLU B 438 7.32 -19.64 -4.34
CA GLU B 438 6.38 -19.70 -5.50
C GLU B 438 6.93 -18.82 -6.64
N PHE B 439 7.77 -19.42 -7.49
CA PHE B 439 8.34 -18.81 -8.72
C PHE B 439 8.24 -19.83 -9.86
N ASP B 440 8.48 -19.39 -11.09
CA ASP B 440 8.38 -20.25 -12.30
C ASP B 440 9.76 -20.82 -12.63
N PRO B 441 9.98 -22.13 -12.46
CA PRO B 441 11.28 -22.74 -12.78
C PRO B 441 11.62 -22.73 -14.27
N HIS B 442 10.64 -22.40 -15.12
CA HIS B 442 10.78 -22.36 -16.60
C HIS B 442 11.15 -20.93 -17.07
N SER B 443 11.14 -19.94 -16.19
CA SER B 443 11.32 -18.52 -16.59
C SER B 443 12.77 -18.28 -17.02
N ASN B 444 12.99 -17.24 -17.84
CA ASN B 444 14.33 -16.60 -18.04
C ASN B 444 14.58 -15.73 -16.79
N PHE B 445 15.57 -16.08 -15.98
CA PHE B 445 15.75 -15.51 -14.61
C PHE B 445 16.63 -14.26 -14.63
N TYR B 446 17.41 -14.02 -15.69
CA TYR B 446 18.41 -12.93 -15.71
C TYR B 446 18.01 -11.83 -16.71
N HIS B 447 16.94 -12.02 -17.48
CA HIS B 447 16.48 -11.05 -18.50
C HIS B 447 15.02 -10.62 -18.29
N PHE B 448 14.75 -9.30 -18.37
CA PHE B 448 13.39 -8.70 -18.56
C PHE B 448 12.70 -9.39 -19.75
N THR B 449 11.81 -10.34 -19.49
CA THR B 449 11.11 -11.13 -20.54
C THR B 449 9.89 -10.34 -21.06
N ARG B 450 9.13 -9.70 -20.17
CA ARG B 450 7.92 -8.92 -20.55
C ARG B 450 8.36 -7.69 -21.34
N PRO B 451 7.46 -7.04 -22.10
CA PRO B 451 7.81 -5.81 -22.83
C PRO B 451 8.21 -4.69 -21.88
N LEU B 452 9.27 -3.94 -22.21
CA LEU B 452 9.73 -2.76 -21.44
C LEU B 452 8.57 -1.77 -21.27
N ILE B 453 7.81 -1.54 -22.33
CA ILE B 453 6.67 -0.57 -22.37
C ILE B 453 5.43 -1.33 -22.83
N LYS B 454 4.27 -1.05 -22.21
CA LYS B 454 3.00 -1.70 -22.61
C LYS B 454 2.87 -1.63 -24.14
N PRO B 455 2.71 -2.77 -24.83
CA PRO B 455 2.45 -2.79 -26.27
C PRO B 455 1.37 -1.81 -26.74
N GLN B 456 0.31 -1.63 -25.96
CA GLN B 456 -0.83 -0.72 -26.27
C GLN B 456 -0.31 0.70 -26.45
N CYS B 457 0.78 1.05 -25.75
CA CYS B 457 1.45 2.36 -25.83
C CYS B 457 2.37 2.41 -27.05
N ALA B 458 3.31 1.46 -27.14
CA ALA B 458 4.38 1.41 -28.15
C ALA B 458 3.76 1.42 -29.56
N ALA B 459 2.65 0.70 -29.73
CA ALA B 459 1.87 0.58 -30.99
C ALA B 459 1.77 1.93 -31.70
N TYR B 460 1.56 3.02 -30.95
CA TYR B 460 1.27 4.36 -31.51
C TYR B 460 2.52 4.99 -32.14
N GLY B 461 3.73 4.61 -31.72
CA GLY B 461 4.98 5.19 -32.26
C GLY B 461 6.12 5.22 -31.24
N LYS B 462 7.04 6.17 -31.41
CA LYS B 462 8.25 6.33 -30.55
C LYS B 462 7.79 6.47 -29.09
N ALA B 463 8.33 5.61 -28.22
CA ALA B 463 7.94 5.48 -26.80
C ALA B 463 9.08 5.94 -25.89
N LEU B 464 8.75 6.81 -24.93
CA LEU B 464 9.69 7.37 -23.93
C LEU B 464 9.17 7.07 -22.52
N ASP B 465 9.81 6.15 -21.80
CA ASP B 465 9.41 5.78 -20.42
C ASP B 465 10.34 6.49 -19.42
N LEU B 466 9.84 7.59 -18.83
CA LEU B 466 10.50 8.37 -17.75
C LEU B 466 9.85 8.06 -16.40
N SER B 467 9.17 6.92 -16.28
CA SER B 467 8.52 6.47 -15.02
C SER B 467 9.57 6.37 -13.92
N LEU B 468 9.15 6.62 -12.67
CA LEU B 468 9.99 6.45 -11.44
C LEU B 468 11.25 7.31 -11.55
N ASN B 469 11.11 8.50 -12.14
CA ASN B 469 12.17 9.55 -12.18
C ASN B 469 11.83 10.62 -11.14
N SER B 470 12.44 11.81 -11.24
CA SER B 470 12.35 12.92 -10.26
C SER B 470 11.76 14.18 -10.92
N ILE B 471 10.94 13.99 -11.95
CA ILE B 471 10.24 15.11 -12.65
C ILE B 471 9.07 15.54 -11.77
N PHE B 472 9.36 16.24 -10.68
CA PHE B 472 8.37 16.63 -9.64
C PHE B 472 7.43 17.71 -10.20
N PHE B 473 7.93 18.52 -11.13
CA PHE B 473 7.08 19.30 -12.06
C PHE B 473 7.71 19.22 -13.45
N ILE B 474 6.87 19.32 -14.48
CA ILE B 474 7.31 19.38 -15.91
C ILE B 474 7.84 20.80 -16.16
N GLY B 475 9.16 20.94 -16.21
CA GLY B 475 9.84 22.21 -16.53
C GLY B 475 9.51 22.68 -17.94
N PRO B 476 9.75 23.97 -18.26
CA PRO B 476 9.39 24.51 -19.58
C PRO B 476 10.22 23.91 -20.72
N ASN B 477 11.43 23.43 -20.43
CA ASN B 477 12.36 22.80 -21.42
C ASN B 477 12.39 21.28 -21.26
N GLN B 478 11.35 20.66 -20.70
CA GLN B 478 11.42 19.25 -20.22
C GLN B 478 11.52 18.29 -21.40
N PHE B 479 10.78 18.57 -22.48
CA PHE B 479 10.68 17.71 -23.68
C PHE B 479 11.15 18.47 -24.93
N GLU B 480 12.06 19.44 -24.76
CA GLU B 480 12.71 20.15 -25.88
C GLU B 480 13.80 19.23 -26.45
N ASN B 481 14.07 19.33 -27.76
CA ASN B 481 15.16 18.60 -28.46
C ASN B 481 14.85 17.10 -28.40
N LEU B 482 13.59 16.73 -28.63
CA LEU B 482 13.08 15.35 -28.48
C LEU B 482 12.42 14.97 -29.78
N PRO B 483 12.59 13.71 -30.26
CA PRO B 483 11.87 13.24 -31.43
C PRO B 483 10.35 13.41 -31.28
N ASP B 484 9.59 13.07 -32.33
CA ASP B 484 8.11 13.02 -32.28
C ASP B 484 7.76 11.80 -31.42
N ILE B 485 7.45 12.05 -30.14
CA ILE B 485 7.02 11.02 -29.15
C ILE B 485 5.52 10.74 -29.36
N ALA B 486 5.14 9.47 -29.44
CA ALA B 486 3.73 8.99 -29.58
C ALA B 486 3.20 8.48 -28.24
N CYS B 487 4.12 7.95 -27.43
CA CYS B 487 3.86 7.15 -26.20
C CYS B 487 4.79 7.70 -25.10
N LEU B 488 4.21 8.20 -24.00
CA LEU B 488 4.96 8.87 -22.90
C LEU B 488 4.47 8.33 -21.55
N ASN B 489 5.42 7.83 -20.74
CA ASN B 489 5.19 7.37 -19.36
C ASN B 489 5.84 8.35 -18.37
N LEU B 490 5.02 9.03 -17.56
CA LEU B 490 5.49 9.92 -16.46
C LEU B 490 5.09 9.31 -15.10
N SER B 491 4.63 8.06 -15.09
CA SER B 491 4.14 7.36 -13.88
C SER B 491 5.17 7.45 -12.75
N ALA B 492 4.72 7.78 -11.54
CA ALA B 492 5.49 7.66 -10.27
C ALA B 492 6.69 8.61 -10.30
N ASN B 493 6.45 9.89 -10.55
CA ASN B 493 7.54 10.90 -10.58
C ASN B 493 7.43 11.84 -9.39
N SER B 494 6.66 11.46 -8.35
CA SER B 494 6.31 12.36 -7.22
C SER B 494 5.91 13.73 -7.80
N ASN B 495 5.18 13.71 -8.91
CA ASN B 495 4.74 14.94 -9.60
C ASN B 495 3.41 15.36 -8.98
N ALA B 496 3.36 16.55 -8.38
CA ALA B 496 2.20 17.06 -7.62
C ALA B 496 1.82 18.46 -8.11
N GLN B 497 1.77 18.64 -9.43
CA GLN B 497 1.76 19.97 -10.08
C GLN B 497 0.37 20.30 -10.63
N VAL B 498 0.13 21.59 -10.82
CA VAL B 498 -0.99 22.16 -11.63
C VAL B 498 -0.56 22.06 -13.10
N LEU B 499 -1.52 21.84 -13.99
CA LEU B 499 -1.27 21.79 -15.45
C LEU B 499 -1.98 22.98 -16.09
N SER B 500 -1.23 23.82 -16.82
CA SER B 500 -1.70 25.04 -17.53
C SER B 500 -2.02 24.72 -19.00
N GLY B 501 -1.68 23.52 -19.47
CA GLY B 501 -1.90 23.08 -20.86
C GLY B 501 -0.81 23.59 -21.80
N THR B 502 0.42 23.78 -21.30
CA THR B 502 1.60 24.28 -22.08
C THR B 502 2.84 23.42 -21.79
N GLU B 503 2.65 22.29 -21.09
CA GLU B 503 3.74 21.41 -20.62
C GLU B 503 4.20 20.50 -21.76
N PHE B 504 3.25 20.09 -22.61
CA PHE B 504 3.45 19.04 -23.63
C PHE B 504 3.49 19.65 -25.04
N SER B 505 3.56 20.98 -25.15
CA SER B 505 3.58 21.72 -26.44
C SER B 505 4.69 21.17 -27.37
N ALA B 506 5.88 20.90 -26.82
CA ALA B 506 7.09 20.46 -27.56
C ALA B 506 6.95 19.03 -28.11
N ILE B 507 5.98 18.26 -27.61
CA ILE B 507 5.67 16.87 -28.09
C ILE B 507 4.16 16.76 -28.16
N PRO B 508 3.51 17.49 -29.10
CA PRO B 508 2.05 17.63 -29.10
C PRO B 508 1.30 16.40 -29.65
N HIS B 509 2.02 15.45 -30.23
CA HIS B 509 1.47 14.30 -30.98
C HIS B 509 1.50 13.02 -30.10
N VAL B 510 1.58 13.17 -28.78
CA VAL B 510 1.44 12.03 -27.83
C VAL B 510 0.02 11.47 -27.97
N LYS B 511 -0.11 10.15 -28.11
CA LYS B 511 -1.41 9.45 -28.30
C LYS B 511 -1.77 8.67 -27.03
N TYR B 512 -0.80 7.95 -26.47
CA TYR B 512 -0.89 7.24 -25.16
C TYR B 512 -0.11 8.02 -24.09
N LEU B 513 -0.78 8.46 -23.02
CA LEU B 513 -0.13 9.22 -21.91
C LEU B 513 -0.44 8.56 -20.56
N ASP B 514 0.60 8.13 -19.85
CA ASP B 514 0.51 7.53 -18.50
C ASP B 514 1.02 8.55 -17.47
N LEU B 515 0.13 9.05 -16.60
CA LEU B 515 0.45 10.00 -15.50
C LEU B 515 0.18 9.34 -14.13
N THR B 516 0.10 8.01 -14.09
CA THR B 516 -0.37 7.23 -12.90
C THR B 516 0.62 7.36 -11.72
N ASN B 517 0.10 7.19 -10.49
CA ASN B 517 0.86 7.22 -9.22
C ASN B 517 1.60 8.55 -9.14
N ASN B 518 0.84 9.64 -9.15
CA ASN B 518 1.34 11.02 -8.91
C ASN B 518 0.35 11.70 -7.97
N ARG B 519 0.50 13.00 -7.73
CA ARG B 519 -0.48 13.82 -6.96
C ARG B 519 -0.84 15.07 -7.79
N LEU B 520 -1.23 14.86 -9.04
CA LEU B 520 -1.52 15.97 -10.01
C LEU B 520 -2.75 16.74 -9.54
N ASP B 521 -2.68 18.07 -9.58
CA ASP B 521 -3.79 18.98 -9.22
C ASP B 521 -4.54 19.37 -10.49
N PHE B 522 -5.67 18.70 -10.77
CA PHE B 522 -6.54 18.97 -11.94
C PHE B 522 -7.46 20.14 -11.59
N ASP B 523 -6.85 21.32 -11.52
CA ASP B 523 -7.46 22.60 -11.06
C ASP B 523 -7.67 23.54 -12.25
N ASN B 524 -7.59 23.02 -13.48
CA ASN B 524 -7.57 23.84 -14.72
C ASN B 524 -8.22 23.07 -15.89
N ALA B 525 -9.13 23.74 -16.60
CA ALA B 525 -9.93 23.16 -17.72
C ALA B 525 -9.08 23.04 -18.98
N SER B 526 -7.89 23.65 -18.98
CA SER B 526 -6.95 23.68 -20.13
C SER B 526 -6.00 22.49 -20.07
N ALA B 527 -5.97 21.75 -18.95
CA ALA B 527 -4.94 20.72 -18.66
C ALA B 527 -4.92 19.69 -19.79
N LEU B 528 -3.76 19.50 -20.43
CA LEU B 528 -3.49 18.47 -21.46
C LEU B 528 -4.14 18.81 -22.82
N THR B 529 -4.73 20.00 -22.98
CA THR B 529 -5.46 20.41 -24.21
C THR B 529 -4.48 20.56 -25.38
N GLU B 530 -3.20 20.85 -25.09
CA GLU B 530 -2.12 20.95 -26.11
C GLU B 530 -1.91 19.59 -26.82
N LEU B 531 -2.42 18.49 -26.25
CA LEU B 531 -2.25 17.11 -26.79
C LEU B 531 -3.52 16.72 -27.56
N SER B 532 -3.76 17.36 -28.70
CA SER B 532 -4.61 16.81 -29.79
C SER B 532 -4.03 15.46 -30.15
N ASP B 533 -4.81 14.60 -30.80
CA ASP B 533 -4.34 13.28 -31.31
C ASP B 533 -4.31 12.27 -30.16
N LEU B 534 -4.50 12.72 -28.90
CA LEU B 534 -4.50 11.85 -27.69
C LEU B 534 -5.66 10.86 -27.79
N GLU B 535 -5.36 9.56 -27.64
CA GLU B 535 -6.35 8.45 -27.73
C GLU B 535 -6.49 7.74 -26.36
N VAL B 536 -5.39 7.60 -25.62
CA VAL B 536 -5.36 6.92 -24.30
C VAL B 536 -4.79 7.87 -23.24
N LEU B 537 -5.50 8.03 -22.13
CA LEU B 537 -5.07 8.83 -20.96
C LEU B 537 -5.25 7.99 -19.70
N ASP B 538 -4.15 7.75 -18.98
CA ASP B 538 -4.17 7.02 -17.69
C ASP B 538 -3.86 8.03 -16.57
N LEU B 539 -4.87 8.35 -15.75
CA LEU B 539 -4.76 9.27 -14.59
C LEU B 539 -4.90 8.47 -13.28
N SER B 540 -4.84 7.14 -13.37
CA SER B 540 -5.02 6.20 -12.23
C SER B 540 -4.10 6.63 -11.08
N TYR B 541 -4.60 6.54 -9.85
CA TYR B 541 -3.83 6.79 -8.60
C TYR B 541 -3.26 8.22 -8.65
N ASN B 542 -4.15 9.20 -8.68
CA ASN B 542 -3.84 10.63 -8.47
C ASN B 542 -4.87 11.23 -7.51
N SER B 543 -5.25 10.47 -6.47
CA SER B 543 -6.38 10.79 -5.56
C SER B 543 -6.09 12.03 -4.69
N HIS B 544 -4.82 12.31 -4.38
CA HIS B 544 -4.39 13.37 -3.42
C HIS B 544 -5.33 14.57 -3.49
N TYR B 545 -5.29 15.31 -4.60
CA TYR B 545 -5.94 16.65 -4.75
C TYR B 545 -7.44 16.48 -5.01
N PHE B 546 -7.88 15.32 -5.49
CA PHE B 546 -9.32 15.03 -5.69
C PHE B 546 -10.02 14.87 -4.34
N ARG B 547 -9.27 14.54 -3.29
CA ARG B 547 -9.79 14.36 -1.91
C ARG B 547 -9.86 15.69 -1.16
N ILE B 548 -9.18 16.72 -1.67
CA ILE B 548 -8.98 18.03 -0.97
C ILE B 548 -10.04 19.05 -1.43
N ALA B 549 -10.87 19.54 -0.50
CA ALA B 549 -11.96 20.52 -0.72
C ALA B 549 -11.42 21.90 -1.08
N GLY B 550 -10.23 22.25 -0.58
CA GLY B 550 -9.61 23.60 -0.73
C GLY B 550 -8.90 23.76 -2.07
N VAL B 551 -9.39 23.06 -3.09
CA VAL B 551 -8.84 23.02 -4.46
C VAL B 551 -10.00 22.68 -5.40
N THR B 552 -10.09 23.32 -6.56
CA THR B 552 -11.10 23.01 -7.61
C THR B 552 -10.69 21.73 -8.34
N HIS B 553 -11.67 21.03 -8.91
CA HIS B 553 -11.47 19.77 -9.67
C HIS B 553 -12.17 19.91 -11.02
N HIS B 554 -11.37 20.18 -12.06
CA HIS B 554 -11.83 20.37 -13.46
C HIS B 554 -11.50 19.12 -14.27
N LEU B 555 -12.51 18.45 -14.81
CA LEU B 555 -12.33 17.35 -15.80
C LEU B 555 -12.89 17.76 -17.17
N GLU B 556 -13.19 19.05 -17.38
CA GLU B 556 -13.75 19.58 -18.66
C GLU B 556 -12.78 19.34 -19.83
N PHE B 557 -11.47 19.36 -19.58
CA PHE B 557 -10.41 19.22 -20.61
C PHE B 557 -10.65 17.98 -21.49
N ILE B 558 -11.36 16.97 -20.99
CA ILE B 558 -11.72 15.72 -21.74
C ILE B 558 -12.40 16.13 -23.06
N GLN B 559 -13.38 17.03 -22.95
CA GLN B 559 -14.27 17.54 -24.03
C GLN B 559 -13.45 18.00 -25.25
N ASN B 560 -12.24 18.54 -25.03
CA ASN B 560 -11.38 19.14 -26.09
C ASN B 560 -10.65 18.06 -26.92
N PHE B 561 -10.91 16.78 -26.67
CA PHE B 561 -10.18 15.66 -27.33
C PHE B 561 -11.09 14.97 -28.34
N THR B 562 -10.83 15.23 -29.63
CA THR B 562 -11.66 14.76 -30.76
C THR B 562 -11.37 13.29 -31.05
N ASN B 563 -10.22 12.78 -30.57
CA ASN B 563 -9.69 11.44 -30.90
C ASN B 563 -9.62 10.53 -29.66
N LEU B 564 -10.05 10.99 -28.47
CA LEU B 564 -9.84 10.27 -27.18
C LEU B 564 -10.76 9.03 -27.09
N LYS B 565 -10.15 7.85 -26.93
CA LYS B 565 -10.82 6.52 -26.97
C LYS B 565 -10.96 5.91 -25.56
N VAL B 566 -9.87 5.92 -24.77
CA VAL B 566 -9.77 5.22 -23.45
C VAL B 566 -9.29 6.22 -22.39
N LEU B 567 -10.08 6.43 -21.34
CA LEU B 567 -9.76 7.33 -20.19
C LEU B 567 -9.84 6.52 -18.91
N ASN B 568 -8.76 6.46 -18.14
CA ASN B 568 -8.71 5.72 -16.85
C ASN B 568 -8.59 6.72 -15.70
N LEU B 569 -9.64 6.83 -14.87
CA LEU B 569 -9.68 7.66 -13.65
C LEU B 569 -9.75 6.77 -12.40
N SER B 570 -9.18 5.56 -12.47
CA SER B 570 -9.29 4.60 -11.35
C SER B 570 -8.56 5.16 -10.11
N HIS B 571 -9.14 4.97 -8.93
CA HIS B 571 -8.51 5.18 -7.60
C HIS B 571 -8.13 6.66 -7.41
N ASN B 572 -9.01 7.56 -7.84
CA ASN B 572 -8.82 9.03 -7.69
C ASN B 572 -9.73 9.58 -6.59
N ASN B 573 -10.62 8.75 -6.04
CA ASN B 573 -11.51 9.13 -4.90
C ASN B 573 -12.24 10.43 -5.24
N ILE B 574 -12.80 10.52 -6.45
CA ILE B 574 -13.51 11.73 -6.95
C ILE B 574 -14.86 11.83 -6.23
N TYR B 575 -15.11 12.95 -5.54
CA TYR B 575 -16.37 13.21 -4.78
C TYR B 575 -17.01 14.54 -5.18
N THR B 576 -16.28 15.45 -5.84
CA THR B 576 -16.83 16.70 -6.43
C THR B 576 -16.03 17.14 -7.64
N LEU B 577 -16.72 17.83 -8.54
CA LEU B 577 -16.13 18.67 -9.61
C LEU B 577 -16.68 20.09 -9.45
N THR B 578 -15.95 21.11 -9.92
CA THR B 578 -16.40 22.52 -9.87
C THR B 578 -16.81 22.97 -11.28
N ASP B 579 -17.87 23.78 -11.37
CA ASP B 579 -18.39 24.44 -12.61
C ASP B 579 -19.07 23.39 -13.48
N LYS B 580 -18.31 22.55 -14.18
CA LYS B 580 -18.83 21.51 -15.11
C LYS B 580 -18.94 20.17 -14.35
N TYR B 581 -20.17 19.66 -14.20
CA TYR B 581 -20.51 18.51 -13.32
C TYR B 581 -20.75 17.23 -14.14
N ASN B 582 -20.65 17.30 -15.46
CA ASN B 582 -20.84 16.13 -16.37
C ASN B 582 -19.56 15.90 -17.16
N LEU B 583 -19.22 14.63 -17.42
CA LEU B 583 -18.16 14.23 -18.39
C LEU B 583 -18.81 14.13 -19.76
N GLU B 584 -18.14 14.67 -20.79
CA GLU B 584 -18.68 14.82 -22.17
C GLU B 584 -17.59 14.53 -23.20
N SER B 585 -17.86 13.62 -24.12
CA SER B 585 -16.96 13.27 -25.25
C SER B 585 -17.74 12.53 -26.33
N LYS B 586 -17.55 12.94 -27.59
CA LYS B 586 -18.17 12.34 -28.79
C LYS B 586 -17.37 11.10 -29.21
N SER B 587 -16.12 10.99 -28.74
CA SER B 587 -15.13 9.98 -29.22
C SER B 587 -14.98 8.80 -28.23
N LEU B 588 -15.04 9.06 -26.93
CA LEU B 588 -14.63 8.11 -25.85
C LEU B 588 -15.40 6.78 -25.97
N VAL B 589 -14.66 5.67 -25.91
CA VAL B 589 -15.18 4.27 -26.01
C VAL B 589 -15.20 3.61 -24.62
N GLU B 590 -14.17 3.87 -23.79
CA GLU B 590 -13.97 3.22 -22.47
C GLU B 590 -13.66 4.25 -21.39
N LEU B 591 -14.45 4.26 -20.30
CA LEU B 591 -14.16 4.98 -19.04
C LEU B 591 -14.01 3.96 -17.90
N VAL B 592 -12.87 3.94 -17.24
CA VAL B 592 -12.66 3.26 -15.93
C VAL B 592 -12.88 4.30 -14.83
N PHE B 593 -13.95 4.16 -14.05
CA PHE B 593 -14.31 5.12 -12.97
C PHE B 593 -14.28 4.44 -11.60
N SER B 594 -13.56 3.32 -11.49
CA SER B 594 -13.47 2.50 -10.26
C SER B 594 -12.65 3.24 -9.20
N GLY B 595 -12.93 3.00 -7.92
CA GLY B 595 -12.16 3.60 -6.81
C GLY B 595 -12.42 5.09 -6.69
N ASN B 596 -13.63 5.52 -7.04
CA ASN B 596 -14.10 6.93 -6.89
C ASN B 596 -15.33 6.90 -5.98
N ARG B 597 -15.99 8.05 -5.79
CA ARG B 597 -17.10 8.21 -4.81
C ARG B 597 -18.41 8.53 -5.51
N LEU B 598 -18.86 7.68 -6.44
CA LEU B 598 -20.22 7.81 -7.04
C LEU B 598 -21.28 7.78 -5.94
N ASP B 599 -21.05 7.01 -4.86
CA ASP B 599 -21.91 7.02 -3.65
C ASP B 599 -22.24 8.47 -3.27
N ILE B 600 -21.22 9.36 -3.26
CA ILE B 600 -21.36 10.77 -2.82
C ILE B 600 -21.99 11.61 -3.96
N LEU B 601 -21.56 11.40 -5.20
CA LEU B 601 -21.98 12.20 -6.38
C LEU B 601 -23.47 11.96 -6.65
N TRP B 602 -23.88 10.70 -6.74
CA TRP B 602 -25.28 10.30 -7.05
C TRP B 602 -26.18 10.48 -5.82
N ASN B 603 -25.66 10.89 -4.67
CA ASN B 603 -26.45 11.26 -3.47
C ASN B 603 -26.24 12.74 -3.17
N ASP B 604 -25.97 13.54 -4.20
CA ASP B 604 -25.93 15.03 -4.10
C ASP B 604 -27.38 15.50 -3.93
N ASP B 605 -27.63 16.37 -2.94
CA ASP B 605 -28.98 16.86 -2.56
C ASP B 605 -29.66 17.52 -3.77
N ASP B 606 -28.91 18.20 -4.63
CA ASP B 606 -29.41 18.94 -5.82
C ASP B 606 -29.25 18.11 -7.11
N ASN B 607 -28.98 16.81 -6.99
CA ASN B 607 -28.89 15.85 -8.12
C ASN B 607 -28.03 16.42 -9.25
N ARG B 608 -26.86 16.99 -8.91
CA ARG B 608 -25.92 17.65 -9.86
C ARG B 608 -25.27 16.66 -10.81
N TYR B 609 -25.10 15.40 -10.39
CA TYR B 609 -24.27 14.39 -11.08
C TYR B 609 -25.15 13.29 -11.67
N ILE B 610 -26.46 13.52 -11.77
CA ILE B 610 -27.47 12.53 -12.27
C ILE B 610 -27.13 12.09 -13.70
N SER B 611 -26.52 12.96 -14.51
CA SER B 611 -26.16 12.68 -15.93
C SER B 611 -24.66 12.92 -16.17
N ILE B 612 -23.84 12.56 -15.18
CA ILE B 612 -22.35 12.75 -15.21
C ILE B 612 -21.77 12.03 -16.43
N PHE B 613 -22.35 10.88 -16.82
CA PHE B 613 -21.78 9.99 -17.86
C PHE B 613 -22.55 10.09 -19.18
N LYS B 614 -23.70 10.77 -19.21
CA LYS B 614 -24.62 10.71 -20.39
C LYS B 614 -23.97 11.35 -21.61
N GLY B 615 -23.20 12.43 -21.40
CA GLY B 615 -22.54 13.19 -22.47
C GLY B 615 -21.41 12.43 -23.13
N LEU B 616 -21.11 11.22 -22.64
CA LEU B 616 -20.17 10.27 -23.30
C LEU B 616 -20.98 9.42 -24.28
N LYS B 617 -21.24 9.97 -25.46
CA LYS B 617 -22.30 9.48 -26.39
C LYS B 617 -21.83 8.24 -27.15
N ASN B 618 -20.52 7.97 -27.17
CA ASN B 618 -19.92 6.84 -27.94
C ASN B 618 -19.37 5.76 -27.00
N LEU B 619 -19.69 5.82 -25.70
CA LEU B 619 -19.11 4.92 -24.67
C LEU B 619 -19.71 3.52 -24.83
N THR B 620 -18.88 2.48 -24.86
CA THR B 620 -19.32 1.05 -24.93
C THR B 620 -18.92 0.28 -23.66
N ARG B 621 -17.87 0.71 -22.95
CA ARG B 621 -17.30 0.01 -21.76
C ARG B 621 -17.22 0.99 -20.59
N LEU B 622 -17.94 0.74 -19.50
CA LEU B 622 -17.92 1.57 -18.27
C LEU B 622 -17.68 0.68 -17.05
N ASP B 623 -16.73 1.07 -16.20
CA ASP B 623 -16.34 0.39 -14.93
C ASP B 623 -16.74 1.29 -13.74
N LEU B 624 -17.73 0.87 -12.96
CA LEU B 624 -18.23 1.61 -11.76
C LEU B 624 -17.84 0.85 -10.49
N SER B 625 -16.96 -0.14 -10.61
CA SER B 625 -16.52 -1.00 -9.47
C SER B 625 -15.90 -0.13 -8.37
N LEU B 626 -15.93 -0.62 -7.13
CA LEU B 626 -15.28 0.02 -5.96
C LEU B 626 -15.65 1.49 -5.89
N ASN B 627 -16.94 1.80 -5.91
CA ASN B 627 -17.48 3.18 -5.71
C ASN B 627 -18.41 3.23 -4.49
N ARG B 628 -18.47 2.16 -3.70
CA ARG B 628 -19.21 2.11 -2.41
C ARG B 628 -20.71 2.39 -2.62
N LEU B 629 -21.28 1.91 -3.72
CA LEU B 629 -22.71 2.13 -4.05
C LEU B 629 -23.56 1.13 -3.28
N LYS B 630 -24.56 1.64 -2.55
CA LYS B 630 -25.59 0.82 -1.83
C LYS B 630 -26.88 0.78 -2.65
N HIS B 631 -27.26 1.90 -3.28
CA HIS B 631 -28.43 2.05 -4.17
C HIS B 631 -28.06 3.00 -5.31
N ILE B 632 -28.48 2.70 -6.54
CA ILE B 632 -28.29 3.58 -7.72
C ILE B 632 -29.63 4.22 -8.06
N PRO B 633 -29.77 5.56 -7.92
CA PRO B 633 -31.02 6.23 -8.29
C PRO B 633 -31.43 5.86 -9.73
N ASN B 634 -32.67 5.40 -9.90
CA ASN B 634 -33.20 4.92 -11.21
C ASN B 634 -32.90 5.99 -12.27
N GLU B 635 -33.13 7.27 -11.95
CA GLU B 635 -32.84 8.40 -12.89
C GLU B 635 -31.37 8.30 -13.33
N ALA B 636 -30.44 8.13 -12.38
CA ALA B 636 -28.98 8.16 -12.61
C ALA B 636 -28.57 6.98 -13.49
N PHE B 637 -29.07 5.78 -13.19
CA PHE B 637 -28.79 4.53 -13.96
C PHE B 637 -29.33 4.68 -15.39
N LEU B 638 -30.48 5.36 -15.54
CA LEU B 638 -31.16 5.60 -16.84
C LEU B 638 -30.43 6.69 -17.64
N ASN B 639 -29.47 7.39 -17.03
CA ASN B 639 -28.62 8.40 -17.72
C ASN B 639 -27.23 7.84 -18.03
N LEU B 640 -27.00 6.55 -17.77
CA LEU B 640 -25.81 5.85 -18.34
C LEU B 640 -26.01 5.83 -19.85
N PRO B 641 -24.94 6.04 -20.65
CA PRO B 641 -25.05 6.00 -22.11
C PRO B 641 -25.78 4.76 -22.64
N ALA B 642 -26.62 4.96 -23.66
CA ALA B 642 -27.42 3.89 -24.30
C ALA B 642 -26.50 2.98 -25.13
N SER B 643 -25.31 3.48 -25.48
CA SER B 643 -24.31 2.81 -26.35
C SER B 643 -23.57 1.69 -25.59
N LEU B 644 -23.75 1.60 -24.27
CA LEU B 644 -23.01 0.64 -23.40
C LEU B 644 -23.22 -0.81 -23.88
N THR B 645 -22.12 -1.49 -24.22
CA THR B 645 -22.03 -2.96 -24.47
C THR B 645 -21.69 -3.69 -23.17
N GLU B 646 -20.90 -3.07 -22.30
CA GLU B 646 -20.22 -3.76 -21.16
C GLU B 646 -20.23 -2.86 -19.94
N LEU B 647 -21.01 -3.21 -18.92
CA LEU B 647 -21.14 -2.44 -17.65
C LEU B 647 -20.64 -3.29 -16.48
N HIS B 648 -19.60 -2.83 -15.78
CA HIS B 648 -19.07 -3.40 -14.52
C HIS B 648 -19.48 -2.52 -13.33
N ILE B 649 -20.24 -3.06 -12.38
CA ILE B 649 -20.61 -2.41 -11.09
C ILE B 649 -20.21 -3.35 -9.94
N ASN B 650 -19.31 -4.29 -10.20
CA ASN B 650 -18.82 -5.29 -9.20
C ASN B 650 -18.23 -4.58 -8.00
N ASP B 651 -18.05 -5.31 -6.89
CA ASP B 651 -17.34 -4.84 -5.67
C ASP B 651 -17.85 -3.48 -5.24
N ASN B 652 -19.17 -3.33 -5.20
CA ASN B 652 -19.88 -2.25 -4.48
C ASN B 652 -20.63 -2.92 -3.33
N MET B 653 -21.65 -2.28 -2.75
CA MET B 653 -22.46 -2.82 -1.63
C MET B 653 -23.96 -2.75 -1.97
N LEU B 654 -24.33 -3.03 -3.24
CA LEU B 654 -25.72 -2.92 -3.76
C LEU B 654 -26.60 -3.98 -3.11
N LYS B 655 -27.70 -3.56 -2.49
CA LYS B 655 -28.77 -4.45 -1.94
C LYS B 655 -29.79 -4.71 -3.06
N PHE B 656 -30.14 -3.69 -3.85
CA PHE B 656 -31.16 -3.76 -4.93
C PHE B 656 -30.53 -3.42 -6.29
N PHE B 657 -31.12 -3.97 -7.35
CA PHE B 657 -30.84 -3.62 -8.77
C PHE B 657 -32.14 -3.69 -9.57
N ASN B 658 -32.64 -2.53 -10.00
CA ASN B 658 -33.87 -2.38 -10.82
C ASN B 658 -33.61 -2.98 -12.21
N TRP B 659 -33.83 -4.29 -12.35
CA TRP B 659 -33.61 -5.06 -13.61
C TRP B 659 -34.41 -4.44 -14.76
N THR B 660 -35.56 -3.83 -14.46
CA THR B 660 -36.47 -3.16 -15.43
C THR B 660 -35.66 -2.25 -16.35
N LEU B 661 -34.72 -1.47 -15.80
CA LEU B 661 -34.02 -0.35 -16.50
C LEU B 661 -33.11 -0.87 -17.62
N LEU B 662 -32.84 -2.18 -17.68
CA LEU B 662 -32.02 -2.79 -18.75
C LEU B 662 -32.73 -2.61 -20.11
N GLN B 663 -34.05 -2.41 -20.09
CA GLN B 663 -34.89 -2.10 -21.29
C GLN B 663 -34.27 -0.95 -22.08
N GLN B 664 -33.71 0.05 -21.38
CA GLN B 664 -33.13 1.30 -21.96
C GLN B 664 -31.71 1.03 -22.50
N PHE B 665 -31.19 -0.19 -22.35
CA PHE B 665 -29.80 -0.57 -22.75
C PHE B 665 -29.85 -1.74 -23.73
N PRO B 666 -30.20 -1.49 -25.00
CA PRO B 666 -30.39 -2.56 -25.99
C PRO B 666 -29.13 -3.14 -26.65
N ARG B 667 -27.95 -2.61 -26.29
CA ARG B 667 -26.65 -3.05 -26.84
C ARG B 667 -25.87 -3.83 -25.78
N LEU B 668 -26.39 -3.91 -24.55
CA LEU B 668 -25.70 -4.46 -23.37
C LEU B 668 -25.48 -5.97 -23.53
N GLU B 669 -24.22 -6.38 -23.74
CA GLU B 669 -23.78 -7.79 -23.84
C GLU B 669 -23.39 -8.31 -22.45
N LEU B 670 -22.64 -7.53 -21.67
CA LEU B 670 -21.97 -7.99 -20.41
C LEU B 670 -22.37 -7.09 -19.24
N LEU B 671 -22.95 -7.70 -18.22
CA LEU B 671 -23.29 -7.03 -16.94
C LEU B 671 -22.55 -7.77 -15.82
N ASP B 672 -21.68 -7.05 -15.12
CA ASP B 672 -20.89 -7.59 -13.98
C ASP B 672 -21.43 -6.96 -12.70
N LEU B 673 -22.09 -7.76 -11.85
CA LEU B 673 -22.62 -7.32 -10.53
C LEU B 673 -21.96 -8.10 -9.38
N ARG B 674 -20.85 -8.80 -9.63
CA ARG B 674 -20.19 -9.68 -8.62
C ARG B 674 -19.75 -8.88 -7.40
N GLY B 675 -19.77 -9.50 -6.22
CA GLY B 675 -19.29 -8.87 -4.99
C GLY B 675 -20.14 -7.69 -4.56
N ASN B 676 -21.47 -7.86 -4.58
CA ASN B 676 -22.44 -6.90 -4.00
C ASN B 676 -23.21 -7.64 -2.91
N LYS B 677 -24.35 -7.10 -2.48
CA LYS B 677 -25.22 -7.69 -1.43
C LYS B 677 -26.62 -7.92 -2.00
N LEU B 678 -26.72 -8.29 -3.28
CA LEU B 678 -28.03 -8.54 -3.98
C LEU B 678 -28.75 -9.73 -3.36
N LEU B 679 -30.08 -9.71 -3.38
CA LEU B 679 -30.97 -10.75 -2.79
C LEU B 679 -31.94 -11.34 -3.82
N PHE B 680 -32.33 -10.56 -4.84
CA PHE B 680 -33.46 -10.88 -5.76
C PHE B 680 -33.00 -10.84 -7.22
N LEU B 681 -33.60 -11.71 -8.04
CA LEU B 681 -33.52 -11.69 -9.53
C LEU B 681 -34.90 -11.40 -10.13
N THR B 682 -34.93 -11.06 -11.42
CA THR B 682 -36.06 -10.36 -12.11
C THR B 682 -37.32 -11.25 -12.15
N ASP B 683 -37.14 -12.53 -12.50
CA ASP B 683 -38.22 -13.52 -12.75
C ASP B 683 -38.90 -13.25 -14.10
N SER B 684 -38.35 -12.35 -14.92
CA SER B 684 -38.89 -11.97 -16.25
C SER B 684 -37.84 -11.16 -17.03
N LEU B 685 -36.60 -11.66 -17.05
CA LEU B 685 -35.41 -10.98 -17.64
C LEU B 685 -35.66 -10.72 -19.13
N SER B 686 -36.29 -11.68 -19.83
CA SER B 686 -36.57 -11.67 -21.29
C SER B 686 -37.32 -10.39 -21.70
N ASP B 687 -38.17 -9.87 -20.82
CA ASP B 687 -38.94 -8.61 -21.03
C ASP B 687 -38.01 -7.40 -21.07
N PHE B 688 -36.79 -7.52 -20.52
CA PHE B 688 -35.89 -6.38 -20.22
C PHE B 688 -34.66 -6.35 -21.15
N THR B 689 -34.23 -7.49 -21.68
CA THR B 689 -33.06 -7.57 -22.61
C THR B 689 -33.20 -8.75 -23.59
N SER B 690 -32.77 -8.52 -24.84
CA SER B 690 -32.48 -9.55 -25.87
C SER B 690 -30.98 -9.55 -26.20
N SER B 691 -30.21 -8.65 -25.58
CA SER B 691 -28.80 -8.34 -25.93
C SER B 691 -27.82 -9.10 -25.02
N LEU B 692 -28.20 -9.34 -23.76
CA LEU B 692 -27.29 -9.79 -22.67
C LEU B 692 -26.71 -11.18 -22.98
N ARG B 693 -25.38 -11.26 -23.10
CA ARG B 693 -24.61 -12.50 -23.38
C ARG B 693 -24.00 -13.04 -22.09
N THR B 694 -23.40 -12.16 -21.27
CA THR B 694 -22.63 -12.53 -20.06
C THR B 694 -23.17 -11.80 -18.84
N LEU B 695 -23.66 -12.55 -17.84
CA LEU B 695 -24.21 -12.00 -16.57
C LEU B 695 -23.42 -12.62 -15.42
N LEU B 696 -22.65 -11.80 -14.69
CA LEU B 696 -21.81 -12.23 -13.56
C LEU B 696 -22.44 -11.77 -12.25
N LEU B 697 -22.86 -12.72 -11.39
CA LEU B 697 -23.52 -12.43 -10.10
C LEU B 697 -22.84 -13.16 -8.93
N SER B 698 -21.61 -13.67 -9.11
CA SER B 698 -20.74 -14.26 -8.05
C SER B 698 -20.68 -13.33 -6.84
N HIS B 699 -20.63 -13.90 -5.64
CA HIS B 699 -20.41 -13.16 -4.37
C HIS B 699 -21.54 -12.15 -4.18
N ASN B 700 -22.78 -12.66 -4.14
CA ASN B 700 -23.99 -11.94 -3.67
C ASN B 700 -24.68 -12.83 -2.63
N ARG B 701 -25.92 -12.47 -2.25
CA ARG B 701 -26.73 -13.20 -1.25
C ARG B 701 -28.02 -13.69 -1.92
N ILE B 702 -27.94 -14.11 -3.18
CA ILE B 702 -29.09 -14.66 -3.96
C ILE B 702 -29.37 -16.07 -3.45
N SER B 703 -30.59 -16.32 -2.98
CA SER B 703 -31.00 -17.61 -2.34
C SER B 703 -32.01 -18.36 -3.20
N HIS B 704 -32.63 -17.70 -4.19
CA HIS B 704 -33.66 -18.31 -5.06
C HIS B 704 -33.49 -17.87 -6.52
N LEU B 705 -33.55 -18.84 -7.44
CA LEU B 705 -33.73 -18.60 -8.90
C LEU B 705 -35.21 -18.61 -9.22
N PRO B 706 -35.79 -17.54 -9.82
CA PRO B 706 -37.15 -17.62 -10.34
C PRO B 706 -37.29 -18.78 -11.34
N SER B 707 -38.46 -19.45 -11.34
CA SER B 707 -38.69 -20.70 -12.11
C SER B 707 -38.42 -20.46 -13.59
N GLY B 708 -38.93 -19.33 -14.11
CA GLY B 708 -38.66 -18.82 -15.47
C GLY B 708 -37.62 -17.73 -15.48
N PHE B 709 -36.34 -18.11 -15.35
CA PHE B 709 -35.15 -17.23 -15.41
C PHE B 709 -34.09 -17.89 -16.31
N LEU B 710 -33.58 -19.04 -15.86
CA LEU B 710 -32.65 -19.93 -16.60
C LEU B 710 -33.23 -20.19 -18.01
N SER B 711 -34.49 -20.63 -18.08
CA SER B 711 -35.32 -20.67 -19.31
C SER B 711 -35.71 -19.24 -19.68
N GLU B 712 -35.74 -18.93 -20.98
CA GLU B 712 -35.89 -17.56 -21.55
C GLU B 712 -34.54 -16.83 -21.48
N VAL B 713 -34.38 -15.79 -22.31
CA VAL B 713 -33.13 -15.03 -22.55
C VAL B 713 -32.20 -15.93 -23.39
N SER B 714 -32.53 -16.07 -24.67
CA SER B 714 -31.82 -16.93 -25.67
C SER B 714 -30.41 -16.40 -25.92
N SER B 715 -30.18 -15.11 -25.63
CA SER B 715 -28.87 -14.40 -25.81
C SER B 715 -27.87 -14.87 -24.75
N LEU B 716 -28.34 -15.21 -23.55
CA LEU B 716 -27.48 -15.55 -22.38
C LEU B 716 -26.61 -16.76 -22.72
N LYS B 717 -25.29 -16.58 -22.71
CA LYS B 717 -24.28 -17.62 -23.03
C LYS B 717 -23.55 -18.02 -21.75
N HIS B 718 -23.25 -17.04 -20.88
CA HIS B 718 -22.45 -17.23 -19.64
C HIS B 718 -23.21 -16.62 -18.46
N LEU B 719 -23.59 -17.46 -17.50
CA LEU B 719 -24.28 -17.05 -16.24
C LEU B 719 -23.42 -17.50 -15.06
N ASP B 720 -23.07 -16.56 -14.17
CA ASP B 720 -22.19 -16.83 -13.00
C ASP B 720 -22.99 -16.60 -11.72
N LEU B 721 -23.39 -17.71 -11.05
CA LEU B 721 -24.15 -17.68 -9.77
C LEU B 721 -23.34 -18.36 -8.65
N SER B 722 -22.03 -18.53 -8.85
CA SER B 722 -21.08 -19.07 -7.84
C SER B 722 -21.07 -18.18 -6.60
N SER B 723 -20.75 -18.76 -5.44
CA SER B 723 -20.59 -18.06 -4.13
C SER B 723 -21.82 -17.21 -3.81
N ASN B 724 -23.01 -17.75 -4.03
CA ASN B 724 -24.33 -17.21 -3.57
C ASN B 724 -24.84 -18.09 -2.44
N LEU B 725 -26.12 -17.95 -2.06
CA LEU B 725 -26.78 -18.72 -0.97
C LEU B 725 -27.85 -19.67 -1.55
N LEU B 726 -27.66 -20.15 -2.79
CA LEU B 726 -28.60 -21.13 -3.41
C LEU B 726 -28.57 -22.44 -2.63
N LYS B 727 -29.75 -22.84 -2.12
CA LYS B 727 -30.01 -24.14 -1.44
C LYS B 727 -30.34 -25.18 -2.52
N THR B 728 -30.98 -24.77 -3.61
CA THR B 728 -31.41 -25.66 -4.74
C THR B 728 -31.77 -24.83 -5.97
N ILE B 729 -31.99 -25.48 -7.12
CA ILE B 729 -32.35 -24.79 -8.39
C ILE B 729 -33.87 -24.79 -8.56
N ASN B 730 -34.48 -25.92 -8.94
CA ASN B 730 -35.95 -26.15 -8.99
C ASN B 730 -36.48 -25.78 -10.39
N LYS B 741 -28.52 -21.63 -26.62
CA LYS B 741 -28.81 -20.66 -25.52
C LYS B 741 -27.58 -20.62 -24.60
N LEU B 742 -27.70 -21.04 -23.34
CA LEU B 742 -26.60 -21.07 -22.35
C LEU B 742 -25.52 -22.04 -22.82
N SER B 743 -24.27 -21.83 -22.37
CA SER B 743 -23.09 -22.67 -22.72
C SER B 743 -22.05 -22.69 -21.59
N MET B 744 -22.17 -21.80 -20.60
CA MET B 744 -21.39 -21.88 -19.33
C MET B 744 -22.25 -21.39 -18.16
N LEU B 745 -22.26 -22.16 -17.08
CA LEU B 745 -23.07 -21.95 -15.84
C LEU B 745 -22.19 -22.22 -14.63
N GLU B 746 -21.86 -21.22 -13.82
CA GLU B 746 -21.01 -21.36 -12.61
C GLU B 746 -21.92 -21.41 -11.37
N LEU B 747 -21.74 -22.44 -10.53
CA LEU B 747 -22.59 -22.69 -9.31
C LEU B 747 -21.74 -23.07 -8.10
N HIS B 748 -20.44 -23.31 -8.28
CA HIS B 748 -19.51 -23.68 -7.18
C HIS B 748 -19.67 -22.67 -6.03
N GLY B 749 -19.59 -23.12 -4.78
CA GLY B 749 -19.56 -22.26 -3.59
C GLY B 749 -20.94 -21.88 -3.09
N ASN B 750 -21.98 -22.55 -3.58
CA ASN B 750 -23.38 -22.41 -3.09
C ASN B 750 -23.68 -23.50 -2.07
N PRO B 751 -24.43 -23.19 -0.98
CA PRO B 751 -24.68 -24.16 0.09
C PRO B 751 -25.89 -25.07 -0.20
N PHE B 752 -25.70 -26.02 -1.13
CA PHE B 752 -26.79 -26.84 -1.73
C PHE B 752 -27.33 -27.86 -0.73
N GLU B 753 -28.66 -27.92 -0.60
CA GLU B 753 -29.41 -29.02 0.06
C GLU B 753 -29.45 -30.21 -0.90
N CYS B 754 -28.76 -31.30 -0.55
CA CYS B 754 -28.63 -32.54 -1.35
C CYS B 754 -29.66 -33.57 -0.85
N THR B 755 -30.94 -33.27 -1.11
CA THR B 755 -32.14 -33.98 -0.60
C THR B 755 -33.19 -34.01 -1.70
N CYS B 756 -33.09 -34.96 -2.63
CA CYS B 756 -34.16 -35.29 -3.63
C CYS B 756 -34.52 -34.09 -4.51
N ASP B 757 -34.85 -32.93 -3.92
CA ASP B 757 -35.15 -31.65 -4.63
C ASP B 757 -34.03 -31.39 -5.65
N ILE B 758 -32.77 -31.56 -5.24
CA ILE B 758 -31.55 -31.36 -6.09
C ILE B 758 -31.66 -32.22 -7.36
N GLY B 759 -32.19 -33.44 -7.24
CA GLY B 759 -32.26 -34.45 -8.32
C GLY B 759 -32.87 -33.91 -9.61
N ASP B 760 -33.80 -32.96 -9.51
CA ASP B 760 -34.42 -32.27 -10.68
C ASP B 760 -33.32 -31.60 -11.50
N PHE B 761 -32.47 -30.79 -10.85
CA PHE B 761 -31.32 -30.09 -11.46
C PHE B 761 -30.34 -31.12 -12.06
N ARG B 762 -29.98 -32.13 -11.27
CA ARG B 762 -29.06 -33.24 -11.67
C ARG B 762 -29.54 -33.91 -12.97
N ARG B 763 -30.86 -33.92 -13.20
CA ARG B 763 -31.49 -34.40 -14.45
C ARG B 763 -31.09 -33.45 -15.58
N TRP B 764 -31.34 -32.15 -15.35
CA TRP B 764 -31.10 -31.03 -16.31
C TRP B 764 -29.63 -31.00 -16.75
N MET B 765 -28.68 -31.33 -15.86
CA MET B 765 -27.23 -31.37 -16.17
C MET B 765 -26.95 -32.52 -17.15
N ASP B 766 -27.62 -33.65 -16.97
CA ASP B 766 -27.47 -34.87 -17.81
C ASP B 766 -28.10 -34.62 -19.19
N GLU B 767 -29.17 -33.83 -19.23
CA GLU B 767 -29.91 -33.49 -20.48
C GLU B 767 -29.10 -32.49 -21.30
N HIS B 768 -28.73 -31.35 -20.70
CA HIS B 768 -27.97 -30.25 -21.35
C HIS B 768 -26.46 -30.41 -21.07
N LEU B 769 -25.80 -31.30 -21.82
CA LEU B 769 -24.37 -31.66 -21.64
C LEU B 769 -23.47 -30.59 -22.31
N ASN B 770 -24.04 -29.82 -23.24
CA ASN B 770 -23.33 -28.74 -23.98
C ASN B 770 -22.95 -27.63 -23.02
N VAL B 771 -23.81 -27.36 -22.02
CA VAL B 771 -23.60 -26.30 -20.97
C VAL B 771 -22.45 -26.74 -20.06
N LYS B 772 -21.27 -26.15 -20.24
CA LYS B 772 -20.09 -26.36 -19.37
C LYS B 772 -20.40 -25.81 -17.98
N ILE B 773 -20.44 -26.67 -16.96
CA ILE B 773 -20.44 -26.28 -15.53
C ILE B 773 -19.02 -26.50 -15.02
N PRO B 774 -18.19 -25.44 -14.92
CA PRO B 774 -16.81 -25.59 -14.47
C PRO B 774 -16.71 -25.82 -12.96
N ARG B 775 -15.67 -26.54 -12.54
CA ARG B 775 -15.36 -26.83 -11.11
C ARG B 775 -16.53 -27.59 -10.50
N LEU B 776 -17.03 -28.63 -11.17
CA LEU B 776 -18.15 -29.48 -10.66
C LEU B 776 -17.75 -30.07 -9.30
N VAL B 777 -16.45 -30.32 -9.14
CA VAL B 777 -15.77 -30.77 -7.90
C VAL B 777 -16.09 -29.84 -6.72
N ASP B 778 -16.34 -28.54 -6.97
CA ASP B 778 -16.51 -27.49 -5.93
C ASP B 778 -17.98 -27.08 -5.82
N VAL B 779 -18.87 -27.74 -6.57
CA VAL B 779 -20.35 -27.64 -6.42
C VAL B 779 -20.74 -28.69 -5.36
N ILE B 780 -20.77 -28.28 -4.10
CA ILE B 780 -20.77 -29.18 -2.89
C ILE B 780 -22.14 -29.13 -2.20
N CYS B 781 -22.48 -30.20 -1.50
CA CYS B 781 -23.64 -30.28 -0.57
C CYS B 781 -23.25 -29.64 0.77
N ALA B 782 -24.06 -28.70 1.25
CA ALA B 782 -23.94 -28.11 2.61
C ALA B 782 -24.66 -29.03 3.61
N SER B 783 -25.74 -29.67 3.14
CA SER B 783 -26.70 -30.46 3.94
C SER B 783 -27.34 -31.52 3.05
N PRO B 784 -27.83 -32.66 3.61
CA PRO B 784 -27.79 -32.91 5.05
C PRO B 784 -26.40 -33.36 5.52
N GLY B 785 -26.28 -33.64 6.83
CA GLY B 785 -25.03 -33.99 7.52
C GLY B 785 -24.23 -35.07 6.80
N ASP B 786 -24.90 -36.09 6.26
CA ASP B 786 -24.23 -37.28 5.66
C ASP B 786 -23.67 -36.92 4.27
N GLN B 787 -24.16 -35.83 3.67
CA GLN B 787 -23.72 -35.37 2.32
C GLN B 787 -22.64 -34.27 2.43
N ARG B 788 -22.69 -33.45 3.49
CA ARG B 788 -21.82 -32.26 3.67
C ARG B 788 -20.37 -32.59 3.29
N GLY B 789 -20.01 -32.44 2.02
CA GLY B 789 -18.63 -32.64 1.52
C GLY B 789 -18.63 -33.13 0.09
N LYS B 790 -19.58 -33.99 -0.26
CA LYS B 790 -19.69 -34.57 -1.63
C LYS B 790 -20.09 -33.47 -2.61
N SER B 791 -19.52 -33.50 -3.82
CA SER B 791 -20.06 -32.77 -4.99
C SER B 791 -21.49 -33.25 -5.22
N ILE B 792 -22.32 -32.48 -5.92
CA ILE B 792 -23.77 -32.81 -6.11
C ILE B 792 -23.91 -33.80 -7.28
N VAL B 793 -22.79 -34.33 -7.79
CA VAL B 793 -22.76 -35.36 -8.87
C VAL B 793 -22.48 -36.74 -8.25
N SER B 794 -22.50 -36.84 -6.92
CA SER B 794 -22.20 -38.08 -6.15
C SER B 794 -23.48 -38.71 -5.58
N LEU B 795 -24.55 -37.94 -5.45
CA LEU B 795 -25.87 -38.43 -4.93
C LEU B 795 -26.38 -39.59 -5.79
N GLU B 796 -27.32 -40.36 -5.23
CA GLU B 796 -28.12 -41.39 -5.95
C GLU B 796 -29.56 -40.86 -6.02
N LEU B 797 -30.13 -40.75 -7.23
CA LEU B 797 -31.49 -40.19 -7.46
C LEU B 797 -32.55 -41.17 -6.97
N THR B 798 -32.25 -42.48 -7.11
CA THR B 798 -33.12 -43.61 -6.69
C THR B 798 -33.46 -43.46 -5.20
N THR B 799 -32.44 -43.25 -4.36
CA THR B 799 -32.54 -43.20 -2.87
C THR B 799 -31.91 -41.91 -2.33
N CYS B 800 -32.74 -40.93 -1.95
CA CYS B 800 -32.36 -39.69 -1.21
C CYS B 800 -33.30 -39.54 0.00
N VAL B 801 -33.22 -38.42 0.71
CA VAL B 801 -34.18 -38.01 1.80
C VAL B 801 -34.98 -36.79 1.30
N SER B 802 -36.10 -36.46 1.96
CA SER B 802 -37.03 -35.36 1.58
C SER B 802 -37.02 -34.22 2.61
N ASP B 803 -36.84 -34.54 3.91
CA ASP B 803 -36.81 -33.57 5.03
C ASP B 803 -35.42 -32.93 5.11
N VAL B 804 -35.17 -32.16 6.19
CA VAL B 804 -33.89 -31.42 6.46
C VAL B 804 -33.81 -30.23 5.50
N THR B 805 -34.89 -29.44 5.44
CA THR B 805 -35.03 -28.22 4.58
C THR B 805 -34.74 -26.97 5.42
C1 NAG C . -3.76 30.96 13.52
C2 NAG C . -4.49 29.64 13.63
C3 NAG C . -4.99 29.48 15.07
C4 NAG C . -3.83 29.65 16.06
C5 NAG C . -3.09 30.94 15.79
C6 NAG C . -1.86 31.03 16.68
C7 NAG C . -5.99 28.66 11.94
C8 NAG C . -7.28 28.89 11.20
N2 NAG C . -5.61 29.68 12.69
O3 NAG C . -5.61 28.18 15.16
O4 NAG C . -4.30 29.77 17.41
O5 NAG C . -2.67 30.98 14.44
O6 NAG C . -1.25 32.29 16.37
O7 NAG C . -5.39 27.61 11.89
C1 NAG C . -4.15 28.51 18.09
C2 NAG C . -4.12 28.71 19.58
C3 NAG C . -4.04 27.32 20.20
C4 NAG C . -5.08 26.36 19.70
C5 NAG C . -5.03 26.33 18.18
C6 NAG C . -6.11 25.47 17.57
C7 NAG C . -3.10 30.48 20.97
C8 NAG C . -1.81 31.12 21.41
N2 NAG C . -3.00 29.52 20.05
O3 NAG C . -4.13 27.39 21.62
O4 NAG C . -4.76 25.07 20.22
O5 NAG C . -5.16 27.64 17.66
O6 NAG C . -7.39 25.92 18.03
O7 NAG C . -4.15 30.86 21.46
C1 BMA C . -5.58 24.64 21.30
C2 BMA C . -5.32 23.16 21.39
C3 BMA C . -6.14 22.58 22.55
C4 BMA C . -6.11 23.40 23.82
C5 BMA C . -6.12 24.92 23.62
C6 BMA C . -5.60 25.63 24.89
O2 BMA C . -3.93 22.99 21.62
O3 BMA C . -5.61 21.34 22.99
O4 BMA C . -7.29 23.00 24.52
O5 BMA C . -5.33 25.34 22.51
O6 BMA C . -4.23 25.19 25.11
C1 MAN C . -6.54 20.32 22.52
C2 MAN C . -6.37 18.89 23.00
C3 MAN C . -5.28 18.23 22.18
C4 MAN C . -5.70 18.30 20.72
C5 MAN C . -5.91 19.75 20.32
C6 MAN C . -6.36 19.84 18.87
O2 MAN C . -7.60 18.24 22.72
O3 MAN C . -5.13 16.87 22.58
O4 MAN C . -4.70 17.70 19.88
O5 MAN C . -6.91 20.32 21.15
O6 MAN C . -7.53 19.02 18.71
C1 MAN C . -8.04 17.45 23.84
C2 MAN C . -9.34 16.77 23.43
C3 MAN C . -10.39 17.83 23.15
C4 MAN C . -10.57 18.65 24.41
C5 MAN C . -9.23 19.26 24.79
C6 MAN C . -9.34 20.08 26.07
O2 MAN C . -9.80 15.94 24.50
O3 MAN C . -11.62 17.22 22.78
O4 MAN C . -11.52 19.69 24.18
O5 MAN C . -8.29 18.22 25.00
O6 MAN C . -10.35 21.09 25.90
C1 MAN C . -3.70 25.65 26.37
C2 MAN C . -2.19 25.51 26.32
C3 MAN C . -1.80 24.03 26.27
C4 MAN C . -2.56 23.23 27.36
C5 MAN C . -4.05 23.58 27.48
C6 MAN C . -4.63 22.99 28.76
O2 MAN C . -1.66 26.11 27.51
O3 MAN C . -0.39 23.78 26.44
O4 MAN C . -2.40 21.83 27.04
O5 MAN C . -4.33 25.00 27.47
O6 MAN C . -6.06 23.14 28.80
C1 NAG D . 11.26 9.76 9.76
C2 NAG D . 10.45 9.96 11.00
C3 NAG D . 9.08 9.34 10.81
C4 NAG D . 8.38 9.97 9.59
C5 NAG D . 9.25 9.79 8.37
C6 NAG D . 8.66 10.60 7.22
C7 NAG D . 11.50 9.99 13.26
C8 NAG D . 12.19 9.14 14.27
N2 NAG D . 11.21 9.38 12.10
O3 NAG D . 8.32 9.54 12.00
O4 NAG D . 7.14 9.31 9.28
O5 NAG D . 10.60 10.23 8.58
O6 NAG D . 8.96 11.98 7.46
O7 NAG D . 11.22 11.15 13.55
C1 NAG D . 5.94 10.00 9.65
C2 NAG D . 4.82 9.40 8.80
C3 NAG D . 3.47 9.94 9.26
C4 NAG D . 3.27 9.82 10.77
C5 NAG D . 4.45 10.51 11.46
C6 NAG D . 4.38 10.39 12.98
C7 NAG D . 5.39 8.72 6.46
C8 NAG D . 5.42 9.25 5.07
N2 NAG D . 5.00 9.64 7.37
O3 NAG D . 2.44 9.24 8.54
O4 NAG D . 2.00 10.42 11.19
O5 NAG D . 5.71 9.97 11.05
O6 NAG D . 4.71 9.06 13.42
O7 NAG D . 5.68 7.56 6.72
C1 BMA D . 0.80 9.57 11.10
C2 BMA D . 0.14 9.42 12.47
C3 BMA D . -0.93 8.34 12.40
C4 BMA D . -1.88 8.61 11.22
C5 BMA D . -1.18 8.96 9.90
C6 BMA D . -2.17 9.55 8.90
O2 BMA D . -0.51 10.64 12.86
O3 BMA D . -1.69 8.29 13.61
O4 BMA D . -2.67 7.42 11.05
O5 BMA D . -0.10 9.90 10.04
O6 BMA D . -2.00 8.91 7.63
C1 NAG E . 9.44 0.45 15.70
C2 NAG E . 8.36 1.47 15.37
C3 NAG E . 8.33 2.65 16.32
C4 NAG E . 8.42 2.22 17.77
C5 NAG E . 9.50 1.14 17.95
C6 NAG E . 9.49 0.51 19.32
C7 NAG E . 7.62 1.80 13.05
C8 NAG E . 8.00 2.49 11.76
N2 NAG E . 8.53 1.96 14.02
O3 NAG E . 7.09 3.37 16.16
O4 NAG E . 8.68 3.42 18.52
O5 NAG E . 9.26 0.07 17.06
O6 NAG E . 8.17 0.04 19.48
O7 NAG E . 6.56 1.18 13.15
C1 NAG E . 7.85 3.43 19.70
C2 NAG E . 8.50 4.37 20.70
C3 NAG E . 7.65 4.41 21.95
C4 NAG E . 6.21 4.64 21.61
C5 NAG E . 5.72 3.57 20.63
C6 NAG E . 4.25 3.74 20.26
C7 NAG E . 10.91 4.58 20.66
C8 NAG E . 12.17 3.98 21.20
N2 NAG E . 9.82 3.98 21.10
O3 NAG E . 8.15 5.50 22.71
O4 NAG E . 5.48 4.61 22.86
O5 NAG E . 6.49 3.66 19.44
O6 NAG E . 3.90 2.71 19.32
O7 NAG E . 10.91 5.52 19.87
C1 BMA E . 4.66 5.78 22.95
C2 BMA E . 3.47 5.36 23.76
C3 BMA E . 2.57 6.58 23.92
C4 BMA E . 3.39 7.69 24.59
C5 BMA E . 4.60 8.08 23.73
C6 BMA E . 5.53 9.10 24.39
O2 BMA E . 3.99 4.94 25.04
O3 BMA E . 1.31 6.15 24.49
O4 BMA E . 2.57 8.85 24.75
O5 BMA E . 5.39 6.93 23.36
O6 BMA E . 6.38 8.57 25.47
C1 MAN E . 1.14 6.14 25.93
C2 MAN E . 1.23 4.71 26.49
C3 MAN E . 0.08 3.84 25.98
C4 MAN E . -1.27 4.52 26.19
C5 MAN E . -1.29 6.00 25.82
C6 MAN E . -2.52 6.67 26.40
O2 MAN E . 1.23 4.76 27.93
O3 MAN E . 0.08 2.57 26.63
O4 MAN E . -2.24 3.85 25.38
O5 MAN E . -0.13 6.69 26.30
O6 MAN E . -3.07 7.59 25.46
C1 MAN E . 6.93 9.60 26.36
C2 MAN E . 8.14 9.12 27.15
C3 MAN E . 7.73 8.11 28.22
C4 MAN E . 6.51 8.57 29.04
C5 MAN E . 5.41 9.17 28.12
C6 MAN E . 4.25 9.80 28.87
O2 MAN E . 8.72 10.27 27.79
O3 MAN E . 8.85 7.80 29.08
O4 MAN E . 5.97 7.45 29.78
O5 MAN E . 5.93 10.16 27.23
O6 MAN E . 3.27 10.18 27.88
C1 NAG F . 19.77 -17.85 -20.89
C2 NAG F . 18.51 -18.13 -20.08
C3 NAG F . 17.58 -19.07 -20.82
C4 NAG F . 17.16 -18.44 -22.12
C5 NAG F . 18.38 -17.96 -22.91
C6 NAG F . 17.95 -17.09 -24.09
C7 NAG F . 18.35 -18.23 -17.66
C8 NAG F . 18.72 -18.99 -16.43
N2 NAG F . 18.86 -18.69 -18.79
O3 NAG F . 16.47 -19.35 -20.00
O4 NAG F . 16.48 -19.43 -22.93
O5 NAG F . 19.31 -17.23 -22.10
O6 NAG F . 19.08 -16.90 -24.95
O7 NAG F . 17.61 -17.26 -17.67
C1 NAG F . 15.08 -19.12 -23.04
C2 NAG F . 14.52 -19.73 -24.31
C3 NAG F . 13.01 -19.46 -24.33
C4 NAG F . 12.33 -19.87 -23.05
C5 NAG F . 13.06 -19.14 -21.93
C6 NAG F . 12.53 -19.46 -20.54
C7 NAG F . 15.48 -20.06 -26.53
C8 NAG F . 15.96 -19.38 -27.78
N2 NAG F . 15.12 -19.24 -25.53
O3 NAG F . 12.42 -20.20 -25.38
O4 NAG F . 10.93 -19.46 -23.17
O5 NAG F . 14.42 -19.52 -21.88
O6 NAG F . 12.60 -20.86 -20.37
O7 NAG F . 15.42 -21.27 -26.45
C1 BMA F . 10.02 -20.56 -23.36
C2 BMA F . 8.77 -20.20 -22.57
C3 BMA F . 7.54 -20.93 -23.06
C4 BMA F . 7.51 -20.92 -24.58
C5 BMA F . 8.76 -21.58 -25.18
C6 BMA F . 8.76 -21.59 -26.72
O2 BMA F . 8.54 -18.80 -22.77
O3 BMA F . 6.34 -20.27 -22.67
O4 BMA F . 6.31 -21.55 -25.02
O5 BMA F . 9.92 -20.85 -24.76
O6 BMA F . 8.37 -20.27 -27.21
C1 MAN F . 5.79 -20.60 -21.38
C2 MAN F . 4.32 -20.96 -21.58
C3 MAN F . 3.52 -19.70 -22.04
C4 MAN F . 3.88 -18.41 -21.33
C5 MAN F . 5.37 -18.28 -21.01
C6 MAN F . 5.60 -17.16 -20.01
O2 MAN F . 3.83 -21.54 -20.37
O3 MAN F . 2.10 -19.86 -21.88
O4 MAN F . 3.48 -17.33 -22.19
O5 MAN F . 5.89 -19.51 -20.47
O6 MAN F . 5.71 -17.74 -18.71
C1 MAN F . 2.56 -22.22 -20.47
C2 MAN F . 2.88 -23.67 -20.09
C3 MAN F . 3.05 -24.52 -21.36
C4 MAN F . 1.88 -24.33 -22.32
C5 MAN F . 1.78 -22.86 -22.74
C6 MAN F . 0.60 -22.63 -23.68
O2 MAN F . 1.82 -24.19 -19.30
O3 MAN F . 3.14 -25.90 -21.00
O4 MAN F . 2.05 -25.19 -23.45
O5 MAN F . 1.68 -21.99 -21.59
O6 MAN F . -0.40 -21.80 -23.08
C1 MAN F . 8.48 -20.11 -28.65
C2 MAN F . 8.67 -18.61 -28.93
C3 MAN F . 7.36 -17.89 -28.64
C4 MAN F . 6.22 -18.55 -29.42
C5 MAN F . 6.17 -20.08 -29.21
C6 MAN F . 5.14 -20.74 -30.13
O2 MAN F . 9.02 -18.34 -30.29
O3 MAN F . 7.55 -16.51 -28.94
O4 MAN F . 4.96 -18.00 -28.99
O5 MAN F . 7.43 -20.75 -29.39
O6 MAN F . 4.69 -21.96 -29.56
C1 MAN F . 6.78 -15.64 -28.05
C2 MAN F . 7.36 -15.68 -26.62
C3 MAN F . 6.27 -16.23 -25.66
C4 MAN F . 4.99 -15.39 -25.73
C5 MAN F . 4.51 -15.16 -27.18
C6 MAN F . 4.37 -13.67 -27.48
O2 MAN F . 7.82 -14.38 -26.21
O3 MAN F . 6.71 -16.28 -24.30
O4 MAN F . 3.97 -16.05 -24.96
O5 MAN F . 5.35 -15.80 -28.19
O6 MAN F . 3.71 -13.48 -28.74
C1 NAG G . 4.69 3.10 -16.93
C2 NAG G . 4.05 1.86 -17.56
C3 NAG G . 3.58 0.80 -16.56
C4 NAG G . 4.58 0.64 -15.42
C5 NAG G . 5.06 2.00 -14.88
C6 NAG G . 6.14 1.90 -13.81
C7 NAG G . 2.94 2.15 -19.68
C8 NAG G . 1.95 2.98 -20.44
N2 NAG G . 2.99 2.39 -18.39
O3 NAG G . 3.47 -0.43 -17.28
O4 NAG G . 4.00 -0.13 -14.36
O5 NAG G . 5.64 2.75 -15.95
O6 NAG G . 6.98 0.76 -14.03
O7 NAG G . 3.67 1.32 -20.22
C1 NAG G . 4.18 -1.55 -14.44
C2 NAG G . 4.23 -2.09 -13.00
C3 NAG G . 4.43 -3.60 -13.09
C4 NAG G . 3.26 -4.22 -13.84
C5 NAG G . 3.22 -3.63 -15.26
C6 NAG G . 1.99 -4.14 -16.01
C7 NAG G . 4.91 -0.43 -11.34
C8 NAG G . 6.05 0.11 -10.53
N2 NAG G . 5.22 -1.43 -12.17
O3 NAG G . 4.55 -4.16 -11.77
O4 NAG G . 3.40 -5.66 -13.92
O5 NAG G . 3.21 -2.19 -15.29
O6 NAG G . 1.69 -3.27 -17.12
O7 NAG G . 3.79 0.04 -11.22
C1 BMA G . 2.60 -6.38 -12.96
C2 BMA G . 2.79 -7.90 -13.20
C3 BMA G . 2.85 -8.79 -11.93
C4 BMA G . 2.95 -8.01 -10.60
C5 BMA G . 2.21 -6.68 -10.62
C6 BMA G . 2.34 -5.94 -9.29
O2 BMA G . 3.96 -8.12 -13.98
O3 BMA G . 4.00 -9.70 -12.09
O4 BMA G . 2.39 -8.76 -9.52
O5 BMA G . 2.80 -5.86 -11.64
O6 BMA G . 1.81 -6.72 -8.21
C1 MAN G . 3.91 -10.97 -11.37
C2 MAN G . 4.65 -10.83 -10.01
C3 MAN G . 6.10 -11.25 -10.13
C4 MAN G . 6.23 -12.58 -10.86
C5 MAN G . 5.57 -12.51 -12.24
C6 MAN G . 5.63 -13.85 -12.98
O2 MAN G . 4.01 -11.62 -8.98
O3 MAN G . 6.69 -11.35 -8.82
O4 MAN G . 7.63 -12.88 -10.99
O5 MAN G . 4.19 -12.14 -12.16
O6 MAN G . 6.93 -14.46 -12.84
C1 NAG H . -6.53 1.98 -16.96
C2 NAG H . -5.61 0.82 -16.58
C3 NAG H . -5.12 0.01 -17.79
C4 NAG H . -6.22 -0.30 -18.77
C5 NAG H . -7.10 0.91 -19.00
C6 NAG H . -8.23 0.57 -19.98
C7 NAG H . -4.33 0.96 -14.44
C8 NAG H . -3.12 1.56 -13.80
N2 NAG H . -4.48 1.25 -15.75
O3 NAG H . -4.61 -1.28 -17.39
O4 NAG H . -5.52 -0.66 -19.96
O5 NAG H . -7.60 1.48 -17.77
O6 NAG H . -9.41 0.31 -19.25
O7 NAG H . -5.12 0.27 -13.79
C1 NAG H . -5.94 -1.93 -20.46
C2 NAG H . -5.44 -2.05 -21.90
C3 NAG H . -6.01 -3.34 -22.46
C4 NAG H . -5.78 -4.53 -21.54
C5 NAG H . -6.19 -4.21 -20.12
C6 NAG H . -5.81 -5.30 -19.12
C7 NAG H . -4.87 0.02 -23.05
C8 NAG H . -5.41 1.19 -23.83
N2 NAG H . -5.77 -0.93 -22.76
O3 NAG H . -5.36 -3.52 -23.70
O4 NAG H . -6.55 -5.65 -22.06
O5 NAG H . -5.55 -3.02 -19.66
O6 NAG H . -5.61 -4.68 -17.83
O7 NAG H . -3.70 -0.06 -22.71
C1 BMA H . -5.69 -6.76 -22.35
C2 BMA H . -6.54 -8.02 -22.24
C3 BMA H . -5.74 -9.26 -22.65
C4 BMA H . -4.93 -9.00 -23.92
C5 BMA H . -4.09 -7.72 -23.81
C6 BMA H . -3.32 -7.40 -25.09
O2 BMA H . -7.67 -7.88 -23.11
O3 BMA H . -6.60 -10.39 -22.87
O4 BMA H . -4.14 -10.17 -24.11
O5 BMA H . -4.92 -6.58 -23.53
O6 BMA H . -4.31 -7.06 -26.08
C1 MAN H . -3.81 -7.02 -27.43
C2 MAN H . -5.06 -6.71 -28.25
C3 MAN H . -5.96 -7.97 -28.29
C4 MAN H . -5.16 -9.25 -28.63
C5 MAN H . -3.86 -9.37 -27.82
C6 MAN H . -3.03 -10.59 -28.24
O2 MAN H . -4.72 -6.26 -29.56
O3 MAN H . -7.11 -7.82 -29.20
O4 MAN H . -5.98 -10.39 -28.34
O5 MAN H . -3.07 -8.16 -27.88
O6 MAN H . -1.82 -10.19 -28.92
C1 MAN H . -8.37 -8.10 -28.51
C2 MAN H . -8.91 -9.43 -29.07
C3 MAN H . -10.24 -9.18 -29.78
C4 MAN H . -11.18 -8.53 -28.78
C5 MAN H . -10.68 -7.12 -28.42
C6 MAN H . -11.27 -6.66 -27.09
O2 MAN H . -9.09 -10.39 -28.02
O3 MAN H . -10.79 -10.40 -30.30
O4 MAN H . -12.50 -8.48 -29.35
O5 MAN H . -9.25 -6.97 -28.40
O6 MAN H . -12.52 -6.00 -27.33
C1 MAN H . -1.33 -11.18 -29.85
C2 MAN H . 0.12 -11.57 -29.51
C3 MAN H . 1.13 -10.53 -30.01
C4 MAN H . 0.89 -10.23 -31.49
C5 MAN H . -0.55 -9.75 -31.67
C6 MAN H . -0.84 -9.36 -33.12
O2 MAN H . 0.43 -12.86 -30.06
O3 MAN H . 2.47 -10.99 -29.80
O4 MAN H . 1.82 -9.26 -31.99
O5 MAN H . -1.45 -10.77 -31.22
O6 MAN H . -2.02 -10.03 -33.58
C1 MAN H . -7.06 -11.60 -22.49
C2 MAN H . -8.48 -11.26 -22.08
C3 MAN H . -8.44 -10.76 -20.66
C4 MAN H . -7.68 -11.72 -19.73
C5 MAN H . -6.41 -12.35 -20.33
C6 MAN H . -5.94 -13.55 -19.50
O2 MAN H . -9.34 -12.40 -22.18
O3 MAN H . -9.79 -10.56 -20.25
O4 MAN H . -7.29 -10.98 -18.56
O5 MAN H . -6.63 -12.71 -21.70
O6 MAN H . -4.90 -14.28 -20.17
C1 GD0 I . 26.06 1.03 -5.49
N1 GD0 I . 25.24 -0.84 -2.39
O1 GD0 I . 23.60 -3.38 -4.27
C2 GD0 I . 26.47 3.19 -6.43
C3 GD0 I . 26.44 0.43 -6.67
C4 GD0 I . 26.87 2.59 -7.62
C5 GD0 I . 26.85 1.22 -7.74
C6 GD0 I . 25.60 0.19 -4.40
C7 GD0 I . 26.00 0.11 -2.96
C8 GD0 I . 24.43 -1.33 -3.39
C9 GD0 I . 23.90 -1.10 -5.79
C10 GD0 I . 22.60 -0.42 -6.16
C11 GD0 I . 22.83 1.04 -6.47
C12 GD0 I . 22.02 -1.07 -7.40
C13 GD0 I . 23.40 -2.39 -3.26
C14 GD0 I . 22.90 -4.56 -3.85
I GD0 I . 27.53 1.23 -1.88
C15 GD0 I . 23.31 -5.69 -4.73
N GD0 I . 24.62 -0.71 -4.56
O GD0 I . 21.64 -0.58 -5.11
C GD0 I . 26.05 2.41 -5.36
C1 NAG J . -32.91 37.01 12.34
C2 NAG J . -33.39 38.41 12.76
C3 NAG J . -34.58 38.80 11.90
C4 NAG J . -34.20 38.73 10.41
C5 NAG J . -33.60 37.36 10.06
C6 NAG J . -33.11 37.37 8.61
C7 NAG J . -33.23 39.36 15.02
C8 NAG J . -33.80 39.34 16.41
N2 NAG J . -33.75 38.48 14.17
O3 NAG J . -35.00 40.12 12.28
O4 NAG J . -35.34 39.01 9.58
O5 NAG J . -32.52 37.01 10.96
O6 NAG J . -31.86 38.06 8.49
O7 NAG J . -32.36 40.16 14.70
C1 NAG K . 30.77 30.90 10.93
C2 NAG K . 31.96 29.93 10.89
C3 NAG K . 33.15 30.67 10.28
C4 NAG K . 32.77 31.04 8.85
C5 NAG K . 31.55 31.98 8.85
C6 NAG K . 31.00 32.14 7.43
C7 NAG K . 32.79 28.15 12.41
C8 NAG K . 32.93 27.71 13.85
N2 NAG K . 32.25 29.36 12.21
O3 NAG K . 34.34 29.87 10.29
O4 NAG K . 33.87 31.65 8.18
O5 NAG K . 30.48 31.51 9.66
O6 NAG K . 30.83 33.54 7.14
O7 NAG K . 33.15 27.41 11.51
C1 NAG L . -7.11 44.51 30.65
C2 NAG L . -8.32 44.94 31.48
C3 NAG L . -7.87 45.36 32.88
C4 NAG L . -6.93 44.35 33.52
C5 NAG L . -5.77 43.99 32.60
C6 NAG L . -4.86 42.93 33.25
C7 NAG L . -10.35 46.10 30.64
C8 NAG L . -10.86 47.42 30.09
N2 NAG L . -9.02 46.06 30.85
O3 NAG L . -9.01 45.56 33.73
O4 NAG L . -6.43 44.86 34.77
O5 NAG L . -6.31 43.53 31.37
O6 NAG L . -3.95 42.33 32.32
O7 NAG L . -11.12 45.19 30.89
C1 NAG M . -3.92 54.31 20.17
C2 NAG M . -4.76 55.01 21.27
C3 NAG M . -4.43 56.50 21.26
C4 NAG M . -2.91 56.69 21.35
C5 NAG M . -2.23 56.01 20.16
C6 NAG M . -0.72 56.20 20.09
C7 NAG M . -7.05 54.34 22.02
C8 NAG M . -8.49 54.26 21.60
N2 NAG M . -6.20 54.84 21.09
O3 NAG M . -5.08 57.18 22.34
O4 NAG M . -2.58 58.10 21.35
O5 NAG M . -2.53 54.62 20.26
O6 NAG M . -0.19 56.73 21.31
O7 NAG M . -6.72 53.97 23.14
C1 NAG N . 3.51 -28.50 26.81
C2 NAG N . 2.56 -29.69 26.70
C3 NAG N . 3.13 -30.97 27.32
C4 NAG N . 4.66 -31.11 27.26
C5 NAG N . 5.42 -29.81 27.32
C6 NAG N . 6.90 -30.07 26.99
C7 NAG N . 0.11 -29.37 26.74
C8 NAG N . -1.08 -28.87 27.52
N2 NAG N . 1.29 -29.34 27.36
O3 NAG N . 2.54 -32.09 26.63
O4 NAG N . 5.13 -31.89 28.36
O5 NAG N . 4.83 -28.88 26.41
O6 NAG N . 7.60 -28.87 26.64
O7 NAG N . 0.00 -29.78 25.59
C1 NAG O . 19.05 -4.23 30.75
C2 NAG O . 19.40 -2.89 30.11
C3 NAG O . 19.03 -1.76 31.07
C4 NAG O . 17.61 -1.95 31.63
C5 NAG O . 17.26 -3.38 32.04
C6 NAG O . 15.76 -3.55 32.24
C7 NAG O . 21.89 -2.25 29.96
C8 NAG O . 23.11 -2.60 29.15
N2 NAG O . 20.78 -2.95 29.59
O3 NAG O . 19.08 -0.51 30.35
O4 NAG O . 17.44 -1.19 32.83
O5 NAG O . 17.65 -4.28 31.02
O6 NAG O . 15.09 -2.79 31.23
O7 NAG O . 21.93 -1.38 30.83
C1 NAG P . 31.80 -7.44 15.84
C2 NAG P . 33.18 -6.97 15.43
C3 NAG P . 34.13 -8.10 15.08
C4 NAG P . 33.98 -9.32 15.98
C5 NAG P . 32.51 -9.70 16.21
C6 NAG P . 32.35 -10.88 17.17
C7 NAG P . 33.27 -4.78 14.27
C8 NAG P . 33.31 -4.14 12.90
N2 NAG P . 33.08 -6.10 14.25
O3 NAG P . 35.48 -7.64 15.18
O4 NAG P . 34.66 -10.41 15.36
O5 NAG P . 31.81 -8.56 16.72
O6 NAG P . 33.52 -11.11 17.97
O7 NAG P . 33.43 -4.12 15.28
C1 NAG Q . 16.98 33.08 24.61
C2 NAG Q . 16.83 34.48 25.17
C3 NAG Q . 17.40 34.40 26.58
C4 NAG Q . 16.63 33.37 27.40
C5 NAG Q . 16.67 32.02 26.71
C6 NAG Q . 15.87 30.93 27.43
C7 NAG Q . 16.98 36.21 23.43
C8 NAG Q . 17.91 37.18 22.76
N2 NAG Q . 17.54 35.46 24.38
O3 NAG Q . 17.37 35.68 27.21
O4 NAG Q . 17.23 33.26 28.70
O5 NAG Q . 16.17 32.19 25.39
O6 NAG Q . 15.73 29.78 26.57
O7 NAG Q . 15.81 36.12 23.10
C1 NAG R . -24.19 19.87 45.88
C2 NAG R . -24.00 18.87 47.00
C3 NAG R . -24.30 19.54 48.35
C4 NAG R . -23.49 20.84 48.49
C5 NAG R . -23.65 21.74 47.26
C6 NAG R . -22.73 22.95 47.31
C7 NAG R . -24.35 16.54 46.34
C8 NAG R . -25.37 15.48 46.01
N2 NAG R . -24.84 17.71 46.75
O3 NAG R . -23.99 18.62 49.41
O4 NAG R . -23.90 21.59 49.64
O5 NAG R . -23.37 21.02 46.08
O6 NAG R . -22.52 23.45 45.98
O7 NAG R . -23.16 16.32 46.21
C1 NAG S . 31.51 -6.46 4.09
C2 NAG S . 32.06 -6.53 2.67
C3 NAG S . 33.58 -6.43 2.62
C4 NAG S . 34.09 -5.32 3.51
C5 NAG S . 33.48 -5.40 4.90
C6 NAG S . 33.97 -4.30 5.85
C7 NAG S . 30.71 -7.83 1.09
C8 NAG S . 30.30 -9.21 0.69
N2 NAG S . 31.59 -7.77 2.09
O3 NAG S . 33.98 -6.17 1.28
O4 NAG S . 35.52 -5.38 3.60
O5 NAG S . 32.06 -5.32 4.75
O6 NAG S . 33.79 -3.01 5.27
O7 NAG S . 30.25 -6.83 0.53
C1 NAG T . -39.24 20.60 19.41
C2 NAG T . -39.86 20.81 18.03
C3 NAG T . -41.10 21.70 18.23
C4 NAG T . -42.03 21.07 19.27
C5 NAG T . -41.27 20.76 20.56
C6 NAG T . -42.09 20.07 21.65
C7 NAG T . -38.40 20.71 16.07
C8 NAG T . -37.19 21.30 15.40
N2 NAG T . -38.86 21.37 17.15
O3 NAG T . -41.84 21.90 17.03
O4 NAG T . -43.10 21.98 19.52
O5 NAG T . -40.18 19.91 20.23
O6 NAG T . -41.24 19.91 22.80
O7 NAG T . -38.89 19.67 15.67
C1 GD0 U . 5.57 24.68 -8.86
N1 GD0 U . 2.32 23.35 -10.09
O1 GD0 U . 0.76 23.36 -6.90
C2 GD0 U . 7.94 24.77 -9.25
C3 GD0 U . 5.68 25.63 -7.86
C4 GD0 U . 8.04 25.73 -8.27
C5 GD0 U . 6.92 26.17 -7.57
C6 GD0 U . 4.26 24.12 -9.13
C7 GD0 U . 3.48 23.94 -10.40
C8 GD0 U . 2.37 23.15 -8.73
C9 GD0 U . 3.75 23.52 -6.71
C10 GD0 U . 4.56 22.38 -6.11
C11 GD0 U . 5.91 22.27 -6.81
C12 GD0 U . 4.79 22.63 -4.63
C13 GD0 U . 1.29 22.50 -7.92
C14 GD0 U . -0.65 23.16 -6.84
I GD0 U . 3.95 24.49 -12.45
C15 GD0 U . -1.19 23.55 -5.50
N GD0 U . 3.51 23.57 -8.16
O GD0 U . 3.87 21.14 -6.17
C GD0 U . 6.69 24.23 -9.55
C1 NAG V . 23.85 13.52 -35.77
C2 NAG V . 22.97 14.24 -36.82
C3 NAG V . 23.79 15.35 -37.50
C4 NAG V . 24.34 16.28 -36.43
C5 NAG V . 25.23 15.48 -35.49
C6 NAG V . 25.85 16.37 -34.44
C7 NAG V . 21.26 13.43 -38.41
C8 NAG V . 20.94 12.43 -39.48
N2 NAG V . 22.46 13.31 -37.83
O3 NAG V . 23.01 16.09 -38.44
O4 NAG V . 25.08 17.33 -37.04
O5 NAG V . 24.45 14.45 -34.86
O6 NAG V . 26.15 15.59 -33.28
O7 NAG V . 20.45 14.30 -38.13
C1 NAG W . 22.11 -31.70 -37.61
C2 NAG W . 22.68 -33.11 -37.81
C3 NAG W . 22.12 -33.65 -39.11
C4 NAG W . 20.61 -33.82 -39.00
C5 NAG W . 19.91 -32.55 -38.51
C6 NAG W . 18.52 -32.91 -37.93
C7 NAG W . 24.86 -34.00 -37.02
C8 NAG W . 26.35 -33.94 -37.16
N2 NAG W . 24.15 -33.16 -37.80
O3 NAG W . 22.71 -34.92 -39.43
O4 NAG W . 20.09 -34.19 -40.27
O5 NAG W . 20.67 -31.81 -37.52
O6 NAG W . 17.55 -31.85 -38.04
O7 NAG W . 24.33 -34.79 -36.23
C1 NAG X . 36.21 -27.93 -35.06
C2 NAG X . 35.90 -28.97 -36.12
C3 NAG X . 37.13 -29.33 -36.96
C4 NAG X . 38.35 -28.39 -36.82
C5 NAG X . 38.15 -27.07 -36.04
C6 NAG X . 38.66 -25.85 -36.78
C7 NAG X . 34.21 -30.76 -35.95
C8 NAG X . 33.73 -31.91 -35.11
N2 NAG X . 35.32 -30.15 -35.50
O3 NAG X . 36.71 -29.32 -38.33
O4 NAG X . 39.38 -29.14 -36.14
O5 NAG X . 36.78 -26.82 -35.75
O6 NAG X . 38.68 -24.76 -35.86
O7 NAG X . 33.61 -30.41 -36.96
C1 NAG Y . -37.50 1.03 -11.47
C2 NAG Y . -38.44 0.80 -10.30
C3 NAG Y . -39.81 1.37 -10.61
C4 NAG Y . -39.69 2.84 -11.00
C5 NAG Y . -38.66 3.05 -12.11
C6 NAG Y . -38.44 4.54 -12.35
C7 NAG Y . -38.32 -1.09 -8.78
C8 NAG Y . -38.56 -2.57 -8.60
N2 NAG Y . -38.59 -0.60 -9.99
O3 NAG Y . -40.58 1.23 -9.43
O4 NAG Y . -40.96 3.31 -11.42
O5 NAG Y . -37.43 2.43 -11.71
O6 NAG Y . -37.34 4.81 -13.23
O7 NAG Y . -37.90 -0.38 -7.88
C1 NAG Z . -17.05 5.95 -31.89
C2 NAG Z . -16.05 6.73 -32.69
C3 NAG Z . -15.89 6.19 -34.07
C4 NAG Z . -15.78 4.68 -34.08
C5 NAG Z . -16.61 3.95 -33.00
C6 NAG Z . -16.01 2.57 -32.77
C7 NAG Z . -15.67 9.12 -32.81
C8 NAG Z . -16.29 10.50 -32.85
N2 NAG Z . -16.51 8.10 -32.84
O3 NAG Z . -14.72 6.77 -34.67
O4 NAG Z . -16.23 4.27 -35.38
O5 NAG Z . -16.63 4.61 -31.74
O6 NAG Z . -14.69 2.71 -32.26
O7 NAG Z . -14.46 8.96 -32.72
C1 NAG AA . -11.66 23.66 -25.26
C2 NAG AA . -10.90 24.86 -25.79
C3 NAG AA . -11.39 26.10 -25.06
C4 NAG AA . -12.92 26.22 -25.13
C5 NAG AA . -13.59 24.93 -24.65
C6 NAG AA . -15.11 25.11 -24.68
C7 NAG AA . -8.54 24.51 -26.48
C8 NAG AA . -7.11 24.66 -26.04
N2 NAG AA . -9.46 24.77 -25.55
O3 NAG AA . -10.73 27.24 -25.61
O4 NAG AA . -13.38 27.33 -24.34
O5 NAG AA . -13.09 23.81 -25.42
O6 NAG AA . -15.82 23.88 -24.89
O7 NAG AA . -8.79 24.20 -27.63
C1 NAG BA . 18.25 -4.61 -40.46
C2 NAG BA . 19.28 -5.63 -40.95
C3 NAG BA . 18.87 -6.36 -42.23
C4 NAG BA . 17.37 -6.62 -42.34
C5 NAG BA . 16.50 -5.47 -41.80
C6 NAG BA . 15.01 -5.83 -41.77
C7 NAG BA . 21.72 -5.31 -40.68
C8 NAG BA . 22.88 -4.45 -41.06
N2 NAG BA . 20.54 -4.94 -41.20
O3 NAG BA . 19.55 -7.62 -42.28
O4 NAG BA . 17.07 -6.88 -43.71
O5 NAG BA . 16.93 -5.15 -40.48
O6 NAG BA . 14.44 -5.53 -40.49
O7 NAG BA . 21.85 -6.28 -39.95
C1 NAG CA . -8.70 -43.74 -30.38
C2 NAG CA . -9.77 -43.60 -31.49
C3 NAG CA . -10.91 -44.63 -31.42
C4 NAG CA . -10.42 -46.03 -31.08
C5 NAG CA . -9.69 -45.96 -29.73
C6 NAG CA . -9.20 -47.35 -29.33
C7 NAG CA . -11.02 -41.69 -32.44
C8 NAG CA . -11.44 -40.26 -32.25
N2 NAG CA . -10.28 -42.23 -31.46
O3 NAG CA . -11.62 -44.68 -32.67
O4 NAG CA . -11.54 -46.92 -31.00
O5 NAG CA . -8.58 -45.06 -29.82
O6 NAG CA . -7.84 -47.30 -28.85
O7 NAG CA . -11.35 -42.32 -33.44
C1 NAG DA . -5.22 27.78 -16.03
C2 NAG DA . -4.58 28.81 -15.11
C3 NAG DA . -4.36 30.15 -15.81
C4 NAG DA . -3.82 29.96 -17.22
C5 NAG DA . -4.64 28.93 -18.00
C6 NAG DA . -4.16 28.76 -19.43
C7 NAG DA . -5.19 28.58 -12.74
C8 NAG DA . -6.25 28.96 -11.73
N2 NAG DA . -5.44 29.06 -13.96
O3 NAG DA . -3.42 30.90 -15.05
O4 NAG DA . -3.85 31.23 -17.87
O5 NAG DA . -4.54 27.70 -17.28
O6 NAG DA . -2.79 28.37 -19.41
O7 NAG DA . -4.22 27.90 -12.43
C1 NAG EA . 4.84 -48.56 -4.99
C2 NAG EA . 6.00 -48.76 -4.01
C3 NAG EA . 6.15 -50.26 -3.79
C4 NAG EA . 4.91 -50.72 -3.02
C5 NAG EA . 3.64 -50.51 -3.85
C6 NAG EA . 2.37 -50.43 -2.96
C7 NAG EA . 8.07 -47.43 -3.75
C8 NAG EA . 9.35 -47.02 -4.44
N2 NAG EA . 7.27 -48.21 -4.48
O3 NAG EA . 7.35 -50.55 -3.07
O4 NAG EA . 5.01 -52.11 -2.72
O5 NAG EA . 3.68 -49.39 -4.76
O6 NAG EA . 2.65 -50.16 -1.57
O7 NAG EA . 7.83 -47.06 -2.60
#